data_1HST
# 
_entry.id   1HST 
# 
_audit_conform.dict_name       mmcif_pdbx.dic 
_audit_conform.dict_version    5.386 
_audit_conform.dict_location   http://mmcif.pdb.org/dictionaries/ascii/mmcif_pdbx.dic 
# 
loop_
_database_2.database_id 
_database_2.database_code 
_database_2.pdbx_database_accession 
_database_2.pdbx_DOI 
PDB   1HST         pdb_00001hst 10.2210/pdb1hst/pdb 
WWPDB D_1000174004 ?            ?                   
# 
loop_
_pdbx_audit_revision_history.ordinal 
_pdbx_audit_revision_history.data_content_type 
_pdbx_audit_revision_history.major_revision 
_pdbx_audit_revision_history.minor_revision 
_pdbx_audit_revision_history.revision_date 
1 'Structure model' 1 0 1993-10-31 
2 'Structure model' 1 1 2008-03-24 
3 'Structure model' 1 2 2011-07-13 
4 'Structure model' 1 3 2024-02-07 
# 
_pdbx_audit_revision_details.ordinal             1 
_pdbx_audit_revision_details.revision_ordinal    1 
_pdbx_audit_revision_details.data_content_type   'Structure model' 
_pdbx_audit_revision_details.provider            repository 
_pdbx_audit_revision_details.type                'Initial release' 
_pdbx_audit_revision_details.description         ? 
_pdbx_audit_revision_details.details             ? 
# 
loop_
_pdbx_audit_revision_group.ordinal 
_pdbx_audit_revision_group.revision_ordinal 
_pdbx_audit_revision_group.data_content_type 
_pdbx_audit_revision_group.group 
1 2 'Structure model' 'Version format compliance' 
2 3 'Structure model' 'Version format compliance' 
3 4 'Structure model' 'Data collection'           
4 4 'Structure model' 'Database references'       
5 4 'Structure model' Other                       
# 
loop_
_pdbx_audit_revision_category.ordinal 
_pdbx_audit_revision_category.revision_ordinal 
_pdbx_audit_revision_category.data_content_type 
_pdbx_audit_revision_category.category 
1 4 'Structure model' chem_comp_atom       
2 4 'Structure model' chem_comp_bond       
3 4 'Structure model' database_2           
4 4 'Structure model' pdbx_database_status 
# 
loop_
_pdbx_audit_revision_item.ordinal 
_pdbx_audit_revision_item.revision_ordinal 
_pdbx_audit_revision_item.data_content_type 
_pdbx_audit_revision_item.item 
1 4 'Structure model' '_database_2.pdbx_DOI'                
2 4 'Structure model' '_database_2.pdbx_database_accession' 
3 4 'Structure model' '_pdbx_database_status.process_site'  
# 
_pdbx_database_status.status_code                     REL 
_pdbx_database_status.entry_id                        1HST 
_pdbx_database_status.recvd_initial_deposition_date   1993-03-30 
_pdbx_database_status.deposit_site                    ? 
_pdbx_database_status.process_site                    BNL 
_pdbx_database_status.SG_entry                        . 
_pdbx_database_status.pdb_format_compatible           Y 
_pdbx_database_status.status_code_mr                  ? 
_pdbx_database_status.status_code_sf                  ? 
_pdbx_database_status.status_code_cs                  ? 
_pdbx_database_status.status_code_nmr_data            ? 
_pdbx_database_status.methods_development_category    ? 
# 
loop_
_audit_author.name 
_audit_author.pdbx_ordinal 
'Ramakrishnan, V.' 1 
'Finch, J.T.'      2 
'Graziano, V.'     3 
'Lee, P.L.'        4 
'Sweet, R.M.'      5 
# 
loop_
_citation.id 
_citation.title 
_citation.journal_abbrev 
_citation.journal_volume 
_citation.page_first 
_citation.page_last 
_citation.year 
_citation.journal_id_ASTM 
_citation.country 
_citation.journal_id_ISSN 
_citation.journal_id_CSD 
_citation.book_publisher 
_citation.pdbx_database_id_PubMed 
_citation.pdbx_database_id_DOI 
primary 'Crystal structure of globular domain of histone H5 and its implications for nucleosome binding.' Nature      362 219 223 
1993 NATUAS UK 0028-0836 0006 ? 8384699 10.1038/362219a0 
1       'Crystallization of the Globular Domain of Histone H5'                                            J.Mol.Biol. 212 253 ?   
1990 JMOBAK UK 0022-2836 0070 ? ?       ?                
# 
loop_
_citation_author.citation_id 
_citation_author.name 
_citation_author.ordinal 
_citation_author.identifier_ORCID 
primary 'Ramakrishnan, V.' 1  ? 
primary 'Finch, J.T.'      2  ? 
primary 'Graziano, V.'     3  ? 
primary 'Lee, P.L.'        4  ? 
primary 'Sweet, R.M.'      5  ? 
1       'Graziano, V.'     6  ? 
1       'Gerchman, S.E.'   7  ? 
1       'Wonacott, A.J.'   8  ? 
1       'Sweet, R.M.'      9  ? 
1       'Wells, J.R.E.'    10 ? 
1       'White, S.W.'      11 ? 
1       'Ramakrishnan, V.' 12 ? 
# 
_entity.id                         1 
_entity.type                       polymer 
_entity.src_method                 man 
_entity.pdbx_description           'HISTONE H5' 
_entity.formula_weight             9789.352 
_entity.pdbx_number_of_molecules   2 
_entity.pdbx_ec                    ? 
_entity.pdbx_mutation              ? 
_entity.pdbx_fragment              ? 
_entity.details                    ? 
# 
_entity_poly.entity_id                      1 
_entity_poly.type                           'polypeptide(L)' 
_entity_poly.nstd_linkage                   no 
_entity_poly.nstd_monomer                   no 
_entity_poly.pdbx_seq_one_letter_code       
;SRRSASHPTYSEMIAAAIRAEKSRGGSSRQSIQKYIKSHYKVGHNADLQIKLSIRRLLAAGVLKQTKGVGASGSFRLAKS
DKAKRSPGKK
;
_entity_poly.pdbx_seq_one_letter_code_can   
;SRRSASHPTYSEMIAAAIRAEKSRGGSSRQSIQKYIKSHYKVGHNADLQIKLSIRRLLAAGVLKQTKGVGASGSFRLAKS
DKAKRSPGKK
;
_entity_poly.pdbx_strand_id                 A,B 
_entity_poly.pdbx_target_identifier         ? 
# 
loop_
_entity_poly_seq.entity_id 
_entity_poly_seq.num 
_entity_poly_seq.mon_id 
_entity_poly_seq.hetero 
1 1  SER n 
1 2  ARG n 
1 3  ARG n 
1 4  SER n 
1 5  ALA n 
1 6  SER n 
1 7  HIS n 
1 8  PRO n 
1 9  THR n 
1 10 TYR n 
1 11 SER n 
1 12 GLU n 
1 13 MET n 
1 14 ILE n 
1 15 ALA n 
1 16 ALA n 
1 17 ALA n 
1 18 ILE n 
1 19 ARG n 
1 20 ALA n 
1 21 GLU n 
1 22 LYS n 
1 23 SER n 
1 24 ARG n 
1 25 GLY n 
1 26 GLY n 
1 27 SER n 
1 28 SER n 
1 29 ARG n 
1 30 GLN n 
1 31 SER n 
1 32 ILE n 
1 33 GLN n 
1 34 LYS n 
1 35 TYR n 
1 36 ILE n 
1 37 LYS n 
1 38 SER n 
1 39 HIS n 
1 40 TYR n 
1 41 LYS n 
1 42 VAL n 
1 43 GLY n 
1 44 HIS n 
1 45 ASN n 
1 46 ALA n 
1 47 ASP n 
1 48 LEU n 
1 49 GLN n 
1 50 ILE n 
1 51 LYS n 
1 52 LEU n 
1 53 SER n 
1 54 ILE n 
1 55 ARG n 
1 56 ARG n 
1 57 LEU n 
1 58 LEU n 
1 59 ALA n 
1 60 ALA n 
1 61 GLY n 
1 62 VAL n 
1 63 LEU n 
1 64 LYS n 
1 65 GLN n 
1 66 THR n 
1 67 LYS n 
1 68 GLY n 
1 69 VAL n 
1 70 GLY n 
1 71 ALA n 
1 72 SER n 
1 73 GLY n 
1 74 SER n 
1 75 PHE n 
1 76 ARG n 
1 77 LEU n 
1 78 ALA n 
1 79 LYS n 
1 80 SER n 
1 81 ASP n 
1 82 LYS n 
1 83 ALA n 
1 84 LYS n 
1 85 ARG n 
1 86 SER n 
1 87 PRO n 
1 88 GLY n 
1 89 LYS n 
1 90 LYS n 
# 
_entity_src_gen.entity_id                          1 
_entity_src_gen.pdbx_src_id                        1 
_entity_src_gen.pdbx_alt_source_flag               sample 
_entity_src_gen.pdbx_seq_type                      ? 
_entity_src_gen.pdbx_beg_seq_num                   ? 
_entity_src_gen.pdbx_end_seq_num                   ? 
_entity_src_gen.gene_src_common_name               chicken 
_entity_src_gen.gene_src_genus                     Gallus 
_entity_src_gen.pdbx_gene_src_gene                 ? 
_entity_src_gen.gene_src_species                   ? 
_entity_src_gen.gene_src_strain                    ? 
_entity_src_gen.gene_src_tissue                    ? 
_entity_src_gen.gene_src_tissue_fraction           ? 
_entity_src_gen.gene_src_details                   ? 
_entity_src_gen.pdbx_gene_src_fragment             ? 
_entity_src_gen.pdbx_gene_src_scientific_name      'Gallus gallus' 
_entity_src_gen.pdbx_gene_src_ncbi_taxonomy_id     9031 
_entity_src_gen.pdbx_gene_src_variant              ? 
_entity_src_gen.pdbx_gene_src_cell_line            H5 
_entity_src_gen.pdbx_gene_src_atcc                 ? 
_entity_src_gen.pdbx_gene_src_organ                ? 
_entity_src_gen.pdbx_gene_src_organelle            ? 
_entity_src_gen.pdbx_gene_src_cell                 ? 
_entity_src_gen.pdbx_gene_src_cellular_location    ? 
_entity_src_gen.host_org_common_name               ? 
_entity_src_gen.pdbx_host_org_scientific_name      ? 
_entity_src_gen.pdbx_host_org_ncbi_taxonomy_id     ? 
_entity_src_gen.host_org_genus                     ? 
_entity_src_gen.pdbx_host_org_gene                 ? 
_entity_src_gen.pdbx_host_org_organ                ? 
_entity_src_gen.host_org_species                   ? 
_entity_src_gen.pdbx_host_org_tissue               ? 
_entity_src_gen.pdbx_host_org_tissue_fraction      ? 
_entity_src_gen.pdbx_host_org_strain               ? 
_entity_src_gen.pdbx_host_org_variant              ? 
_entity_src_gen.pdbx_host_org_cell_line            ? 
_entity_src_gen.pdbx_host_org_atcc                 ? 
_entity_src_gen.pdbx_host_org_culture_collection   ? 
_entity_src_gen.pdbx_host_org_cell                 ? 
_entity_src_gen.pdbx_host_org_organelle            ? 
_entity_src_gen.pdbx_host_org_cellular_location    ? 
_entity_src_gen.pdbx_host_org_vector_type          ? 
_entity_src_gen.pdbx_host_org_vector               ? 
_entity_src_gen.host_org_details                   ? 
_entity_src_gen.expression_system_id               ? 
_entity_src_gen.plasmid_name                       ? 
_entity_src_gen.plasmid_details                    ? 
_entity_src_gen.pdbx_description                   ? 
# 
loop_
_chem_comp.id 
_chem_comp.type 
_chem_comp.mon_nstd_flag 
_chem_comp.name 
_chem_comp.pdbx_synonyms 
_chem_comp.formula 
_chem_comp.formula_weight 
ALA 'L-peptide linking' y ALANINE         ? 'C3 H7 N O2'     89.093  
ARG 'L-peptide linking' y ARGININE        ? 'C6 H15 N4 O2 1' 175.209 
ASN 'L-peptide linking' y ASPARAGINE      ? 'C4 H8 N2 O3'    132.118 
ASP 'L-peptide linking' y 'ASPARTIC ACID' ? 'C4 H7 N O4'     133.103 
GLN 'L-peptide linking' y GLUTAMINE       ? 'C5 H10 N2 O3'   146.144 
GLU 'L-peptide linking' y 'GLUTAMIC ACID' ? 'C5 H9 N O4'     147.129 
GLY 'peptide linking'   y GLYCINE         ? 'C2 H5 N O2'     75.067  
HIS 'L-peptide linking' y HISTIDINE       ? 'C6 H10 N3 O2 1' 156.162 
ILE 'L-peptide linking' y ISOLEUCINE      ? 'C6 H13 N O2'    131.173 
LEU 'L-peptide linking' y LEUCINE         ? 'C6 H13 N O2'    131.173 
LYS 'L-peptide linking' y LYSINE          ? 'C6 H15 N2 O2 1' 147.195 
MET 'L-peptide linking' y METHIONINE      ? 'C5 H11 N O2 S'  149.211 
PHE 'L-peptide linking' y PHENYLALANINE   ? 'C9 H11 N O2'    165.189 
PRO 'L-peptide linking' y PROLINE         ? 'C5 H9 N O2'     115.130 
SER 'L-peptide linking' y SERINE          ? 'C3 H7 N O3'     105.093 
THR 'L-peptide linking' y THREONINE       ? 'C4 H9 N O3'     119.119 
TYR 'L-peptide linking' y TYROSINE        ? 'C9 H11 N O3'    181.189 
VAL 'L-peptide linking' y VALINE          ? 'C5 H11 N O2'    117.146 
# 
loop_
_pdbx_poly_seq_scheme.asym_id 
_pdbx_poly_seq_scheme.entity_id 
_pdbx_poly_seq_scheme.seq_id 
_pdbx_poly_seq_scheme.mon_id 
_pdbx_poly_seq_scheme.ndb_seq_num 
_pdbx_poly_seq_scheme.pdb_seq_num 
_pdbx_poly_seq_scheme.auth_seq_num 
_pdbx_poly_seq_scheme.pdb_mon_id 
_pdbx_poly_seq_scheme.auth_mon_id 
_pdbx_poly_seq_scheme.pdb_strand_id 
_pdbx_poly_seq_scheme.pdb_ins_code 
_pdbx_poly_seq_scheme.hetero 
A 1 1  SER 1  19  ?  ?   ?   A . n 
A 1 2  ARG 2  20  ?  ?   ?   A . n 
A 1 3  ARG 3  21  ?  ?   ?   A . n 
A 1 4  SER 4  22  ?  ?   ?   A . n 
A 1 5  ALA 5  23  ?  ?   ?   A . n 
A 1 6  SER 6  24  24 SER SER A . n 
A 1 7  HIS 7  25  25 HIS HIS A . n 
A 1 8  PRO 8  26  26 PRO PRO A . n 
A 1 9  THR 9  27  27 THR THR A . n 
A 1 10 TYR 10 28  28 TYR TYR A . n 
A 1 11 SER 11 29  29 SER SER A . n 
A 1 12 GLU 12 30  30 GLU GLU A . n 
A 1 13 MET 13 31  31 MET MET A . n 
A 1 14 ILE 14 32  32 ILE ILE A . n 
A 1 15 ALA 15 33  33 ALA ALA A . n 
A 1 16 ALA 16 34  34 ALA ALA A . n 
A 1 17 ALA 17 35  35 ALA ALA A . n 
A 1 18 ILE 18 36  36 ILE ILE A . n 
A 1 19 ARG 19 37  37 ARG ARG A . n 
A 1 20 ALA 20 38  38 ALA ALA A . n 
A 1 21 GLU 21 39  39 GLU GLU A . n 
A 1 22 LYS 22 40  40 LYS LYS A . n 
A 1 23 SER 23 41  41 SER SER A . n 
A 1 24 ARG 24 42  42 ARG ARG A . n 
A 1 25 GLY 25 43  43 GLY GLY A . n 
A 1 26 GLY 26 44  44 GLY GLY A . n 
A 1 27 SER 27 45  45 SER SER A . n 
A 1 28 SER 28 46  46 SER SER A . n 
A 1 29 ARG 29 47  47 ARG ARG A . n 
A 1 30 GLN 30 48  48 GLN GLN A . n 
A 1 31 SER 31 49  49 SER SER A . n 
A 1 32 ILE 32 50  50 ILE ILE A . n 
A 1 33 GLN 33 51  51 GLN GLN A . n 
A 1 34 LYS 34 52  52 LYS LYS A . n 
A 1 35 TYR 35 53  53 TYR TYR A . n 
A 1 36 ILE 36 54  54 ILE ILE A . n 
A 1 37 LYS 37 55  55 LYS LYS A . n 
A 1 38 SER 38 56  56 SER SER A . n 
A 1 39 HIS 39 57  57 HIS HIS A . n 
A 1 40 TYR 40 58  58 TYR TYR A . n 
A 1 41 LYS 41 59  59 LYS LYS A . n 
A 1 42 VAL 42 60  60 VAL VAL A . n 
A 1 43 GLY 43 61  61 GLY GLY A . n 
A 1 44 HIS 44 62  62 HIS HIS A . n 
A 1 45 ASN 45 63  63 ASN ASN A . n 
A 1 46 ALA 46 64  64 ALA ALA A . n 
A 1 47 ASP 47 65  65 ASP ASP A . n 
A 1 48 LEU 48 66  66 LEU LEU A . n 
A 1 49 GLN 49 67  67 GLN GLN A . n 
A 1 50 ILE 50 68  68 ILE ILE A . n 
A 1 51 LYS 51 69  69 LYS LYS A . n 
A 1 52 LEU 52 70  70 LEU LEU A . n 
A 1 53 SER 53 71  71 SER SER A . n 
A 1 54 ILE 54 72  72 ILE ILE A . n 
A 1 55 ARG 55 73  73 ARG ARG A . n 
A 1 56 ARG 56 74  74 ARG ARG A . n 
A 1 57 LEU 57 75  75 LEU LEU A . n 
A 1 58 LEU 58 76  76 LEU LEU A . n 
A 1 59 ALA 59 77  77 ALA ALA A . n 
A 1 60 ALA 60 78  78 ALA ALA A . n 
A 1 61 GLY 61 79  79 GLY GLY A . n 
A 1 62 VAL 62 80  80 VAL VAL A . n 
A 1 63 LEU 63 81  81 LEU LEU A . n 
A 1 64 LYS 64 82  82 LYS LYS A . n 
A 1 65 GLN 65 83  83 GLN GLN A . n 
A 1 66 THR 66 84  84 THR THR A . n 
A 1 67 LYS 67 85  85 LYS LYS A . n 
A 1 68 GLY 68 86  86 GLY GLY A . n 
A 1 69 VAL 69 87  87 VAL VAL A . n 
A 1 70 GLY 70 88  88 GLY GLY A . n 
A 1 71 ALA 71 89  89 ALA ALA A . n 
A 1 72 SER 72 90  90 SER SER A . n 
A 1 73 GLY 73 91  91 GLY GLY A . n 
A 1 74 SER 74 92  92 SER SER A . n 
A 1 75 PHE 75 93  93 PHE PHE A . n 
A 1 76 ARG 76 94  94 ARG ARG A . n 
A 1 77 LEU 77 95  95 LEU LEU A . n 
A 1 78 ALA 78 96  96 ALA ALA A . n 
A 1 79 LYS 79 97  97 LYS LYS A . n 
A 1 80 SER 80 98  ?  ?   ?   A . n 
A 1 81 ASP 81 99  ?  ?   ?   A . n 
A 1 82 LYS 82 100 ?  ?   ?   A . n 
A 1 83 ALA 83 101 ?  ?   ?   A . n 
A 1 84 LYS 84 102 ?  ?   ?   A . n 
A 1 85 ARG 85 103 ?  ?   ?   A . n 
A 1 86 SER 86 104 ?  ?   ?   A . n 
A 1 87 PRO 87 105 ?  ?   ?   A . n 
A 1 88 GLY 88 106 ?  ?   ?   A . n 
A 1 89 LYS 89 107 ?  ?   ?   A . n 
A 1 90 LYS 90 108 ?  ?   ?   A . n 
B 1 1  SER 1  19  ?  ?   ?   B . n 
B 1 2  ARG 2  20  ?  ?   ?   B . n 
B 1 3  ARG 3  21  ?  ?   ?   B . n 
B 1 4  SER 4  22  ?  ?   ?   B . n 
B 1 5  ALA 5  23  ?  ?   ?   B . n 
B 1 6  SER 6  24  24 SER SER B . n 
B 1 7  HIS 7  25  25 HIS HIS B . n 
B 1 8  PRO 8  26  26 PRO PRO B . n 
B 1 9  THR 9  27  27 THR THR B . n 
B 1 10 TYR 10 28  28 TYR TYR B . n 
B 1 11 SER 11 29  29 SER SER B . n 
B 1 12 GLU 12 30  30 GLU GLU B . n 
B 1 13 MET 13 31  31 MET MET B . n 
B 1 14 ILE 14 32  32 ILE ILE B . n 
B 1 15 ALA 15 33  33 ALA ALA B . n 
B 1 16 ALA 16 34  34 ALA ALA B . n 
B 1 17 ALA 17 35  35 ALA ALA B . n 
B 1 18 ILE 18 36  36 ILE ILE B . n 
B 1 19 ARG 19 37  37 ARG ARG B . n 
B 1 20 ALA 20 38  38 ALA ALA B . n 
B 1 21 GLU 21 39  39 GLU GLU B . n 
B 1 22 LYS 22 40  40 LYS LYS B . n 
B 1 23 SER 23 41  41 SER SER B . n 
B 1 24 ARG 24 42  42 ARG ARG B . n 
B 1 25 GLY 25 43  43 GLY GLY B . n 
B 1 26 GLY 26 44  44 GLY GLY B . n 
B 1 27 SER 27 45  45 SER SER B . n 
B 1 28 SER 28 46  46 SER SER B . n 
B 1 29 ARG 29 47  47 ARG ARG B . n 
B 1 30 GLN 30 48  48 GLN GLN B . n 
B 1 31 SER 31 49  49 SER SER B . n 
B 1 32 ILE 32 50  50 ILE ILE B . n 
B 1 33 GLN 33 51  51 GLN GLN B . n 
B 1 34 LYS 34 52  52 LYS LYS B . n 
B 1 35 TYR 35 53  53 TYR TYR B . n 
B 1 36 ILE 36 54  54 ILE ILE B . n 
B 1 37 LYS 37 55  55 LYS LYS B . n 
B 1 38 SER 38 56  56 SER SER B . n 
B 1 39 HIS 39 57  57 HIS HIS B . n 
B 1 40 TYR 40 58  58 TYR TYR B . n 
B 1 41 LYS 41 59  59 LYS LYS B . n 
B 1 42 VAL 42 60  60 VAL VAL B . n 
B 1 43 GLY 43 61  61 GLY GLY B . n 
B 1 44 HIS 44 62  62 HIS HIS B . n 
B 1 45 ASN 45 63  63 ASN ASN B . n 
B 1 46 ALA 46 64  64 ALA ALA B . n 
B 1 47 ASP 47 65  65 ASP ASP B . n 
B 1 48 LEU 48 66  66 LEU LEU B . n 
B 1 49 GLN 49 67  67 GLN GLN B . n 
B 1 50 ILE 50 68  68 ILE ILE B . n 
B 1 51 LYS 51 69  69 LYS LYS B . n 
B 1 52 LEU 52 70  70 LEU LEU B . n 
B 1 53 SER 53 71  71 SER SER B . n 
B 1 54 ILE 54 72  72 ILE ILE B . n 
B 1 55 ARG 55 73  73 ARG ARG B . n 
B 1 56 ARG 56 74  74 ARG ARG B . n 
B 1 57 LEU 57 75  75 LEU LEU B . n 
B 1 58 LEU 58 76  76 LEU LEU B . n 
B 1 59 ALA 59 77  77 ALA ALA B . n 
B 1 60 ALA 60 78  78 ALA ALA B . n 
B 1 61 GLY 61 79  79 GLY GLY B . n 
B 1 62 VAL 62 80  80 VAL VAL B . n 
B 1 63 LEU 63 81  81 LEU LEU B . n 
B 1 64 LYS 64 82  82 LYS LYS B . n 
B 1 65 GLN 65 83  83 GLN GLN B . n 
B 1 66 THR 66 84  84 THR THR B . n 
B 1 67 LYS 67 85  85 LYS LYS B . n 
B 1 68 GLY 68 86  86 GLY GLY B . n 
B 1 69 VAL 69 87  87 VAL VAL B . n 
B 1 70 GLY 70 88  88 GLY GLY B . n 
B 1 71 ALA 71 89  89 ALA ALA B . n 
B 1 72 SER 72 90  90 SER SER B . n 
B 1 73 GLY 73 91  91 GLY GLY B . n 
B 1 74 SER 74 92  92 SER SER B . n 
B 1 75 PHE 75 93  93 PHE PHE B . n 
B 1 76 ARG 76 94  94 ARG ARG B . n 
B 1 77 LEU 77 95  95 LEU LEU B . n 
B 1 78 ALA 78 96  96 ALA ALA B . n 
B 1 79 LYS 79 97  97 LYS LYS B . n 
B 1 80 SER 80 98  ?  ?   ?   B . n 
B 1 81 ASP 81 99  ?  ?   ?   B . n 
B 1 82 LYS 82 100 ?  ?   ?   B . n 
B 1 83 ALA 83 101 ?  ?   ?   B . n 
B 1 84 LYS 84 102 ?  ?   ?   B . n 
B 1 85 ARG 85 103 ?  ?   ?   B . n 
B 1 86 SER 86 104 ?  ?   ?   B . n 
B 1 87 PRO 87 105 ?  ?   ?   B . n 
B 1 88 GLY 88 106 ?  ?   ?   B . n 
B 1 89 LYS 89 107 ?  ?   ?   B . n 
B 1 90 LYS 90 108 ?  ?   ?   B . n 
# 
loop_
_software.name 
_software.classification 
_software.version 
_software.citation_id 
_software.pdbx_ordinal 
X-PLOR 'model building' . ? 1 
X-PLOR refinement       . ? 2 
X-PLOR phasing          . ? 3 
# 
_cell.entry_id           1HST 
_cell.length_a           68.500 
_cell.length_b           80.400 
_cell.length_c           38.900 
_cell.angle_alpha        90.00 
_cell.angle_beta         90.00 
_cell.angle_gamma        90.00 
_cell.Z_PDB              8 
_cell.pdbx_unique_axis   ? 
# 
_symmetry.entry_id                         1HST 
_symmetry.space_group_name_H-M             'P 21 21 2' 
_symmetry.pdbx_full_space_group_name_H-M   ? 
_symmetry.cell_setting                     ? 
_symmetry.Int_Tables_number                18 
# 
_exptl.entry_id          1HST 
_exptl.method            'X-RAY DIFFRACTION' 
_exptl.crystals_number   ? 
# 
_exptl_crystal.id                    1 
_exptl_crystal.density_meas          ? 
_exptl_crystal.density_Matthews      2.74 
_exptl_crystal.density_percent_sol   55.03 
_exptl_crystal.description           ? 
# 
_diffrn.id                     1 
_diffrn.ambient_temp           ? 
_diffrn.ambient_temp_details   ? 
_diffrn.crystal_id             1 
# 
_diffrn_radiation.diffrn_id                        1 
_diffrn_radiation.wavelength_id                    1 
_diffrn_radiation.pdbx_monochromatic_or_laue_m_l   ? 
_diffrn_radiation.monochromator                    ? 
_diffrn_radiation.pdbx_diffrn_protocol             ? 
_diffrn_radiation.pdbx_scattering_type             x-ray 
# 
_diffrn_radiation_wavelength.id           1 
_diffrn_radiation_wavelength.wavelength   . 
_diffrn_radiation_wavelength.wt           1.0 
# 
_refine.entry_id                                 1HST 
_refine.ls_number_reflns_obs                     ? 
_refine.ls_number_reflns_all                     ? 
_refine.pdbx_ls_sigma_I                          ? 
_refine.pdbx_ls_sigma_F                          0.0 
_refine.pdbx_data_cutoff_high_absF               ? 
_refine.pdbx_data_cutoff_low_absF                ? 
_refine.pdbx_data_cutoff_high_rms_absF           ? 
_refine.ls_d_res_low                             6.0 
_refine.ls_d_res_high                            2.6 
_refine.ls_percent_reflns_obs                    ? 
_refine.ls_R_factor_obs                          0.2700000 
_refine.ls_R_factor_all                          ? 
_refine.ls_R_factor_R_work                       0.2700000 
_refine.ls_R_factor_R_free                       ? 
_refine.ls_R_factor_R_free_error                 ? 
_refine.ls_R_factor_R_free_error_details         ? 
_refine.ls_percent_reflns_R_free                 ? 
_refine.ls_number_reflns_R_free                  ? 
_refine.ls_number_parameters                     ? 
_refine.ls_number_restraints                     ? 
_refine.occupancy_min                            ? 
_refine.occupancy_max                            ? 
_refine.B_iso_mean                               ? 
_refine.aniso_B[1][1]                            ? 
_refine.aniso_B[2][2]                            ? 
_refine.aniso_B[3][3]                            ? 
_refine.aniso_B[1][2]                            ? 
_refine.aniso_B[1][3]                            ? 
_refine.aniso_B[2][3]                            ? 
_refine.solvent_model_details                    ? 
_refine.solvent_model_param_ksol                 ? 
_refine.solvent_model_param_bsol                 ? 
_refine.pdbx_ls_cross_valid_method               ? 
_refine.details                                  
;RESIDUES 24 - 96 ARE REPRESENTED IN THIS ENTRY, ALTHOUGH
POORLY DEFINED DENSITY IS VISIBLE BEYOND RESIDUE 96 OF
CHAIN *A*.  OF THE 89 RESIDUES OF THE POLYPEPTIDE CHAIN,
5 RESIDUES AT THE N-TERMINUS AND 11 RESIDUES AT THE
C-TERMINUS HAVE NOT BEEN INCLUDED IN THE MODEL;  THUS THE
R-FACTOR IS SOMEWHAT HIGH AT THIS POINT.
;
_refine.pdbx_starting_model                      ? 
_refine.pdbx_method_to_determine_struct          ? 
_refine.pdbx_isotropic_thermal_model             ? 
_refine.pdbx_stereochemistry_target_values       ? 
_refine.pdbx_stereochem_target_val_spec_case     ? 
_refine.pdbx_R_Free_selection_details            ? 
_refine.pdbx_overall_ESU_R                       ? 
_refine.pdbx_overall_ESU_R_Free                  ? 
_refine.overall_SU_ML                            ? 
_refine.overall_SU_B                             ? 
_refine.pdbx_refine_id                           'X-RAY DIFFRACTION' 
_refine.pdbx_diffrn_id                           1 
_refine.pdbx_TLS_residual_ADP_flag               ? 
_refine.correlation_coeff_Fo_to_Fc               ? 
_refine.correlation_coeff_Fo_to_Fc_free          ? 
_refine.pdbx_solvent_vdw_probe_radii             ? 
_refine.pdbx_solvent_ion_probe_radii             ? 
_refine.pdbx_solvent_shrinkage_radii             ? 
_refine.pdbx_overall_phase_error                 ? 
_refine.overall_SU_R_Cruickshank_DPI             ? 
_refine.pdbx_overall_SU_R_free_Cruickshank_DPI   ? 
_refine.pdbx_overall_SU_R_Blow_DPI               ? 
_refine.pdbx_overall_SU_R_free_Blow_DPI          ? 
# 
_refine_hist.pdbx_refine_id                   'X-RAY DIFFRACTION' 
_refine_hist.cycle_id                         LAST 
_refine_hist.pdbx_number_atoms_protein        1128 
_refine_hist.pdbx_number_atoms_nucleic_acid   0 
_refine_hist.pdbx_number_atoms_ligand         0 
_refine_hist.number_atoms_solvent             0 
_refine_hist.number_atoms_total               1128 
_refine_hist.d_res_high                       2.6 
_refine_hist.d_res_low                        6.0 
# 
loop_
_refine_ls_restr.type 
_refine_ls_restr.dev_ideal 
_refine_ls_restr.dev_ideal_target 
_refine_ls_restr.weight 
_refine_ls_restr.number 
_refine_ls_restr.pdbx_refine_id 
_refine_ls_restr.pdbx_restraint_function 
x_bond_d                0.015 ? ? ? 'X-RAY DIFFRACTION' ? 
x_bond_d_na             ?     ? ? ? 'X-RAY DIFFRACTION' ? 
x_bond_d_prot           ?     ? ? ? 'X-RAY DIFFRACTION' ? 
x_angle_d               ?     ? ? ? 'X-RAY DIFFRACTION' ? 
x_angle_d_na            ?     ? ? ? 'X-RAY DIFFRACTION' ? 
x_angle_d_prot          ?     ? ? ? 'X-RAY DIFFRACTION' ? 
x_angle_deg             3.10  ? ? ? 'X-RAY DIFFRACTION' ? 
x_angle_deg_na          ?     ? ? ? 'X-RAY DIFFRACTION' ? 
x_angle_deg_prot        ?     ? ? ? 'X-RAY DIFFRACTION' ? 
x_dihedral_angle_d      ?     ? ? ? 'X-RAY DIFFRACTION' ? 
x_dihedral_angle_d_na   ?     ? ? ? 'X-RAY DIFFRACTION' ? 
x_dihedral_angle_d_prot ?     ? ? ? 'X-RAY DIFFRACTION' ? 
x_improper_angle_d      ?     ? ? ? 'X-RAY DIFFRACTION' ? 
x_improper_angle_d_na   ?     ? ? ? 'X-RAY DIFFRACTION' ? 
x_improper_angle_d_prot ?     ? ? ? 'X-RAY DIFFRACTION' ? 
x_mcbond_it             ?     ? ? ? 'X-RAY DIFFRACTION' ? 
x_mcangle_it            ?     ? ? ? 'X-RAY DIFFRACTION' ? 
x_scbond_it             ?     ? ? ? 'X-RAY DIFFRACTION' ? 
x_scangle_it            ?     ? ? ? 'X-RAY DIFFRACTION' ? 
# 
_struct_ncs_oper.id             1 
_struct_ncs_oper.code           given 
_struct_ncs_oper.details        ? 
_struct_ncs_oper.matrix[1][1]   -0.76442007 
_struct_ncs_oper.matrix[1][2]   -0.25908814 
_struct_ncs_oper.matrix[1][3]   -0.59032005 
_struct_ncs_oper.matrix[2][1]   -0.59181248 
_struct_ncs_oper.matrix[2][2]   -0.08108821 
_struct_ncs_oper.matrix[2][3]   0.80197863 
_struct_ncs_oper.matrix[3][1]   -0.25569293 
_struct_ncs_oper.matrix[3][2]   0.96239369 
_struct_ncs_oper.matrix[3][3]   -0.09129172 
_struct_ncs_oper.vector[1]      0.89410 
_struct_ncs_oper.vector[2]      -0.16048 
_struct_ncs_oper.vector[3]      -3.60745 
# 
_struct.entry_id                  1HST 
_struct.title                     'CRYSTAL STRUCTURE OF GLOBULAR DOMAIN OF HISTONE H5 AND ITS IMPLICATIONS FOR NUCLEOSOME BINDING' 
_struct.pdbx_model_details        ? 
_struct.pdbx_CASP_flag            ? 
_struct.pdbx_model_type_details   ? 
# 
_struct_keywords.entry_id        1HST 
_struct_keywords.pdbx_keywords   'CHROMOSOMAL PROTEIN' 
_struct_keywords.text            'CHROMOSOMAL PROTEIN' 
# 
loop_
_struct_asym.id 
_struct_asym.pdbx_blank_PDB_chainid_flag 
_struct_asym.pdbx_modified 
_struct_asym.entity_id 
_struct_asym.details 
A N N 1 ? 
B N N 1 ? 
# 
_struct_ref.id                         1 
_struct_ref.db_name                    UNP 
_struct_ref.db_code                    H5_CHICK 
_struct_ref.entity_id                  1 
_struct_ref.pdbx_db_accession          P02259 
_struct_ref.pdbx_align_begin           1 
_struct_ref.pdbx_seq_one_letter_code   
;TESLVLSPAPAKPKRVKASRRSASHPTYSEMIAAAIRAEKSRGGSSRQSIQKYIKSHYKVGHNADLQIKLSIRRLLAAGV
LKQTKGVGASGSFRLAKSDKAKRSPGKKKKAVRRSTSPKKAARPRKARSPAKKPKATARKARKKSRASPKKAKKPKTVKA
KSRKASKAKKVKRSKPRAKSGARKSPKKK
;
_struct_ref.pdbx_db_isoform            ? 
# 
loop_
_struct_ref_seq.align_id 
_struct_ref_seq.ref_id 
_struct_ref_seq.pdbx_PDB_id_code 
_struct_ref_seq.pdbx_strand_id 
_struct_ref_seq.seq_align_beg 
_struct_ref_seq.pdbx_seq_align_beg_ins_code 
_struct_ref_seq.seq_align_end 
_struct_ref_seq.pdbx_seq_align_end_ins_code 
_struct_ref_seq.pdbx_db_accession 
_struct_ref_seq.db_align_beg 
_struct_ref_seq.pdbx_db_align_beg_ins_code 
_struct_ref_seq.db_align_end 
_struct_ref_seq.pdbx_db_align_end_ins_code 
_struct_ref_seq.pdbx_auth_seq_align_beg 
_struct_ref_seq.pdbx_auth_seq_align_end 
1 1 1HST A 1 ? 90 ? P02259 19 ? 108 ? 19 108 
2 1 1HST B 1 ? 90 ? P02259 19 ? 108 ? 19 108 
# 
loop_
_pdbx_struct_assembly.id 
_pdbx_struct_assembly.details 
_pdbx_struct_assembly.method_details 
_pdbx_struct_assembly.oligomeric_details 
_pdbx_struct_assembly.oligomeric_count 
1 author_defined_assembly ? monomeric 1 
2 author_defined_assembly ? monomeric 1 
# 
loop_
_pdbx_struct_assembly_gen.assembly_id 
_pdbx_struct_assembly_gen.oper_expression 
_pdbx_struct_assembly_gen.asym_id_list 
1 1 A 
2 1 B 
# 
_pdbx_struct_oper_list.id                   1 
_pdbx_struct_oper_list.type                 'identity operation' 
_pdbx_struct_oper_list.name                 1_555 
_pdbx_struct_oper_list.symmetry_operation   x,y,z 
_pdbx_struct_oper_list.matrix[1][1]         1.0000000000 
_pdbx_struct_oper_list.matrix[1][2]         0.0000000000 
_pdbx_struct_oper_list.matrix[1][3]         0.0000000000 
_pdbx_struct_oper_list.vector[1]            0.0000000000 
_pdbx_struct_oper_list.matrix[2][1]         0.0000000000 
_pdbx_struct_oper_list.matrix[2][2]         1.0000000000 
_pdbx_struct_oper_list.matrix[2][3]         0.0000000000 
_pdbx_struct_oper_list.vector[2]            0.0000000000 
_pdbx_struct_oper_list.matrix[3][1]         0.0000000000 
_pdbx_struct_oper_list.matrix[3][2]         0.0000000000 
_pdbx_struct_oper_list.matrix[3][3]         1.0000000000 
_pdbx_struct_oper_list.vector[3]            0.0000000000 
# 
loop_
_struct_biol.id 
_struct_biol.details 
_struct_biol.pdbx_parent_biol_id 
1 
;THE TRANSFORMATION PRESENTED ON *MTRIX* RECORDS BELOW WILL
YIELD APPROXIMATE COORDINATES FOR CHAIN *B* WHEN APPLIED TO
CHAIN *A*.  HOWEVER, THE CONFORMATION OF THE REGION FROM
RESIDUE 78 TO RESIDUE 97 IS DIFFERENT IN THE TWO CHAINS.
;
? 
2 ? ? 
# 
loop_
_struct_conf.conf_type_id 
_struct_conf.id 
_struct_conf.pdbx_PDB_helix_id 
_struct_conf.beg_label_comp_id 
_struct_conf.beg_label_asym_id 
_struct_conf.beg_label_seq_id 
_struct_conf.pdbx_beg_PDB_ins_code 
_struct_conf.end_label_comp_id 
_struct_conf.end_label_asym_id 
_struct_conf.end_label_seq_id 
_struct_conf.pdbx_end_PDB_ins_code 
_struct_conf.beg_auth_comp_id 
_struct_conf.beg_auth_asym_id 
_struct_conf.beg_auth_seq_id 
_struct_conf.end_auth_comp_id 
_struct_conf.end_auth_asym_id 
_struct_conf.end_auth_seq_id 
_struct_conf.pdbx_PDB_helix_class 
_struct_conf.details 
_struct_conf.pdbx_PDB_helix_length 
HELX_P HELX_P1 HA1 SER A 11 ? ALA A 20 ? SER A 29 ALA A 38 1 ? 10 
HELX_P HELX_P2 HA2 ARG A 29 ? SER A 38 ? ARG A 47 SER A 56 1 ? 10 
HELX_P HELX_P3 HA3 ALA A 46 ? ALA A 60 ? ALA A 64 ALA A 78 1 ? 15 
HELX_P HELX_P4 HB1 SER B 11 ? ALA B 20 ? SER B 29 ALA B 38 1 ? 10 
HELX_P HELX_P5 HB2 ARG B 29 ? SER B 38 ? ARG B 47 SER B 56 1 ? 10 
HELX_P HELX_P6 HB3 ALA B 46 ? ALA B 60 ? ALA B 64 ALA B 78 1 ? 15 
# 
_struct_conf_type.id          HELX_P 
_struct_conf_type.criteria    ? 
_struct_conf_type.reference   ? 
# 
loop_
_struct_sheet.id 
_struct_sheet.type 
_struct_sheet.number_strands 
_struct_sheet.details 
SA ? 3 ? 
SB ? 3 ? 
# 
loop_
_struct_sheet_order.sheet_id 
_struct_sheet_order.range_id_1 
_struct_sheet_order.range_id_2 
_struct_sheet_order.offset 
_struct_sheet_order.sense 
SA 1 2 ? anti-parallel 
SA 2 3 ? anti-parallel 
SB 1 2 ? anti-parallel 
SB 2 3 ? anti-parallel 
# 
loop_
_struct_sheet_range.sheet_id 
_struct_sheet_range.id 
_struct_sheet_range.beg_label_comp_id 
_struct_sheet_range.beg_label_asym_id 
_struct_sheet_range.beg_label_seq_id 
_struct_sheet_range.pdbx_beg_PDB_ins_code 
_struct_sheet_range.end_label_comp_id 
_struct_sheet_range.end_label_asym_id 
_struct_sheet_range.end_label_seq_id 
_struct_sheet_range.pdbx_end_PDB_ins_code 
_struct_sheet_range.beg_auth_comp_id 
_struct_sheet_range.beg_auth_asym_id 
_struct_sheet_range.beg_auth_seq_id 
_struct_sheet_range.end_auth_comp_id 
_struct_sheet_range.end_auth_asym_id 
_struct_sheet_range.end_auth_seq_id 
SA 1 SER A 27 ? SER A 28 ? SER A 45 SER A 46 
SA 2 GLY A 73 ? ARG A 76 ? GLY A 91 ARG A 94 
SA 3 LEU A 63 ? GLY A 68 ? LEU A 81 GLY A 86 
SB 1 SER B 27 ? SER B 28 ? SER B 45 SER B 46 
SB 2 GLY B 73 ? ARG B 76 ? GLY B 91 ARG B 94 
SB 3 LEU B 63 ? LYS B 67 ? LEU B 81 LYS B 85 
# 
loop_
_pdbx_validate_rmsd_bond.id 
_pdbx_validate_rmsd_bond.PDB_model_num 
_pdbx_validate_rmsd_bond.auth_atom_id_1 
_pdbx_validate_rmsd_bond.auth_asym_id_1 
_pdbx_validate_rmsd_bond.auth_comp_id_1 
_pdbx_validate_rmsd_bond.auth_seq_id_1 
_pdbx_validate_rmsd_bond.PDB_ins_code_1 
_pdbx_validate_rmsd_bond.label_alt_id_1 
_pdbx_validate_rmsd_bond.auth_atom_id_2 
_pdbx_validate_rmsd_bond.auth_asym_id_2 
_pdbx_validate_rmsd_bond.auth_comp_id_2 
_pdbx_validate_rmsd_bond.auth_seq_id_2 
_pdbx_validate_rmsd_bond.PDB_ins_code_2 
_pdbx_validate_rmsd_bond.label_alt_id_2 
_pdbx_validate_rmsd_bond.bond_value 
_pdbx_validate_rmsd_bond.bond_target_value 
_pdbx_validate_rmsd_bond.bond_deviation 
_pdbx_validate_rmsd_bond.bond_standard_deviation 
_pdbx_validate_rmsd_bond.linker_flag 
1 1 NE2 A HIS 25 ? ? CD2 A HIS 25 ? ? 1.280 1.373 -0.093 0.011 N 
2 1 NE2 A HIS 57 ? ? CD2 A HIS 57 ? ? 1.305 1.373 -0.068 0.011 N 
3 1 NE2 B HIS 25 ? ? CD2 B HIS 25 ? ? 1.283 1.373 -0.090 0.011 N 
4 1 NE2 B HIS 57 ? ? CD2 B HIS 57 ? ? 1.299 1.373 -0.074 0.011 N 
5 1 NE2 B HIS 62 ? ? CD2 B HIS 62 ? ? 1.297 1.373 -0.076 0.011 N 
# 
loop_
_pdbx_validate_rmsd_angle.id 
_pdbx_validate_rmsd_angle.PDB_model_num 
_pdbx_validate_rmsd_angle.auth_atom_id_1 
_pdbx_validate_rmsd_angle.auth_asym_id_1 
_pdbx_validate_rmsd_angle.auth_comp_id_1 
_pdbx_validate_rmsd_angle.auth_seq_id_1 
_pdbx_validate_rmsd_angle.PDB_ins_code_1 
_pdbx_validate_rmsd_angle.label_alt_id_1 
_pdbx_validate_rmsd_angle.auth_atom_id_2 
_pdbx_validate_rmsd_angle.auth_asym_id_2 
_pdbx_validate_rmsd_angle.auth_comp_id_2 
_pdbx_validate_rmsd_angle.auth_seq_id_2 
_pdbx_validate_rmsd_angle.PDB_ins_code_2 
_pdbx_validate_rmsd_angle.label_alt_id_2 
_pdbx_validate_rmsd_angle.auth_atom_id_3 
_pdbx_validate_rmsd_angle.auth_asym_id_3 
_pdbx_validate_rmsd_angle.auth_comp_id_3 
_pdbx_validate_rmsd_angle.auth_seq_id_3 
_pdbx_validate_rmsd_angle.PDB_ins_code_3 
_pdbx_validate_rmsd_angle.label_alt_id_3 
_pdbx_validate_rmsd_angle.angle_value 
_pdbx_validate_rmsd_angle.angle_target_value 
_pdbx_validate_rmsd_angle.angle_deviation 
_pdbx_validate_rmsd_angle.angle_standard_deviation 
_pdbx_validate_rmsd_angle.linker_flag 
1  1 CA A TYR 28 ? ? CB A TYR 28 ? ? CG  A TYR 28 ? ? 102.00 113.40 -11.40 1.90 N 
2  1 CA A GLU 30 ? ? CB A GLU 30 ? ? CG  A GLU 30 ? ? 127.10 113.40 13.70  2.20 N 
3  1 NE A ARG 37 ? ? CZ A ARG 37 ? ? NH2 A ARG 37 ? ? 125.73 120.30 5.43   0.50 N 
4  1 NE A ARG 42 ? ? CZ A ARG 42 ? ? NH1 A ARG 42 ? ? 124.85 120.30 4.55   0.50 N 
5  1 NE A ARG 47 ? ? CZ A ARG 47 ? ? NH1 A ARG 47 ? ? 123.52 120.30 3.22   0.50 N 
6  1 CA A ASP 65 ? ? CB A ASP 65 ? ? CG  A ASP 65 ? ? 127.34 113.40 13.94  2.20 N 
7  1 CB A ASP 65 ? ? CG A ASP 65 ? ? OD1 A ASP 65 ? ? 124.61 118.30 6.31   0.90 N 
8  1 CA A VAL 87 ? ? C  A VAL 87 ? ? N   A GLY 88 ? ? 129.88 116.20 13.68  2.00 Y 
9  1 CA A ALA 89 ? ? C  A ALA 89 ? ? N   A SER 90 ? ? 100.18 117.20 -17.02 2.20 Y 
10 1 CA A SER 90 ? ? C  A SER 90 ? ? N   A GLY 91 ? ? 128.70 116.20 12.50  2.00 Y 
11 1 CA B HIS 25 ? ? CB B HIS 25 ? ? CG  B HIS 25 ? ? 126.84 113.60 13.24  1.70 N 
12 1 NE B ARG 37 ? ? CZ B ARG 37 ? ? NH1 B ARG 37 ? ? 123.55 120.30 3.25   0.50 N 
13 1 CA B LYS 40 ? ? C  B LYS 40 ? ? N   B SER 41 ? ? 99.79  117.20 -17.41 2.20 Y 
14 1 O  B LYS 40 ? ? C  B LYS 40 ? ? N   B SER 41 ? ? 133.19 122.70 10.49  1.60 Y 
15 1 N  B SER 41 ? ? CA B SER 41 ? ? C   B SER 41 ? ? 94.36  111.00 -16.64 2.70 N 
16 1 NE B ARG 42 ? ? CZ B ARG 42 ? ? NH2 B ARG 42 ? ? 116.51 120.30 -3.79  0.50 N 
17 1 CB B HIS 62 ? ? CG B HIS 62 ? ? CD2 B HIS 62 ? ? 119.52 129.70 -10.18 1.60 N 
18 1 NE B ARG 74 ? ? CZ B ARG 74 ? ? NH1 B ARG 74 ? ? 123.88 120.30 3.58   0.50 N 
19 1 CA B LYS 82 ? ? CB B LYS 82 ? ? CG  B LYS 82 ? ? 97.61  113.40 -15.79 2.20 N 
20 1 NE B ARG 94 ? ? CZ B ARG 94 ? ? NH1 B ARG 94 ? ? 124.97 120.30 4.67   0.50 N 
21 1 NE B ARG 94 ? ? CZ B ARG 94 ? ? NH2 B ARG 94 ? ? 115.89 120.30 -4.41  0.50 N 
# 
loop_
_pdbx_validate_torsion.id 
_pdbx_validate_torsion.PDB_model_num 
_pdbx_validate_torsion.auth_comp_id 
_pdbx_validate_torsion.auth_asym_id 
_pdbx_validate_torsion.auth_seq_id 
_pdbx_validate_torsion.PDB_ins_code 
_pdbx_validate_torsion.label_alt_id 
_pdbx_validate_torsion.phi 
_pdbx_validate_torsion.psi 
1 1 ARG A 42 ? ? -80.88  42.67   
2 1 SER A 90 ? ? -59.49  3.37    
3 1 HIS B 25 ? ? 140.89  130.52  
4 1 SER B 41 ? ? 104.56  -149.71 
5 1 ASN B 63 ? ? -100.25 40.98   
# 
loop_
_pdbx_unobs_or_zero_occ_residues.id 
_pdbx_unobs_or_zero_occ_residues.PDB_model_num 
_pdbx_unobs_or_zero_occ_residues.polymer_flag 
_pdbx_unobs_or_zero_occ_residues.occupancy_flag 
_pdbx_unobs_or_zero_occ_residues.auth_asym_id 
_pdbx_unobs_or_zero_occ_residues.auth_comp_id 
_pdbx_unobs_or_zero_occ_residues.auth_seq_id 
_pdbx_unobs_or_zero_occ_residues.PDB_ins_code 
_pdbx_unobs_or_zero_occ_residues.label_asym_id 
_pdbx_unobs_or_zero_occ_residues.label_comp_id 
_pdbx_unobs_or_zero_occ_residues.label_seq_id 
1  1 Y 1 A SER 19  ? A SER 1  
2  1 Y 1 A ARG 20  ? A ARG 2  
3  1 Y 1 A ARG 21  ? A ARG 3  
4  1 Y 1 A SER 22  ? A SER 4  
5  1 Y 1 A ALA 23  ? A ALA 5  
6  1 Y 1 A SER 98  ? A SER 80 
7  1 Y 1 A ASP 99  ? A ASP 81 
8  1 Y 1 A LYS 100 ? A LYS 82 
9  1 Y 1 A ALA 101 ? A ALA 83 
10 1 Y 1 A LYS 102 ? A LYS 84 
11 1 Y 1 A ARG 103 ? A ARG 85 
12 1 Y 1 A SER 104 ? A SER 86 
13 1 Y 1 A PRO 105 ? A PRO 87 
14 1 Y 1 A GLY 106 ? A GLY 88 
15 1 Y 1 A LYS 107 ? A LYS 89 
16 1 Y 1 A LYS 108 ? A LYS 90 
17 1 Y 1 B SER 19  ? B SER 1  
18 1 Y 1 B ARG 20  ? B ARG 2  
19 1 Y 1 B ARG 21  ? B ARG 3  
20 1 Y 1 B SER 22  ? B SER 4  
21 1 Y 1 B ALA 23  ? B ALA 5  
22 1 Y 1 B SER 98  ? B SER 80 
23 1 Y 1 B ASP 99  ? B ASP 81 
24 1 Y 1 B LYS 100 ? B LYS 82 
25 1 Y 1 B ALA 101 ? B ALA 83 
26 1 Y 1 B LYS 102 ? B LYS 84 
27 1 Y 1 B ARG 103 ? B ARG 85 
28 1 Y 1 B SER 104 ? B SER 86 
29 1 Y 1 B PRO 105 ? B PRO 87 
30 1 Y 1 B GLY 106 ? B GLY 88 
31 1 Y 1 B LYS 107 ? B LYS 89 
32 1 Y 1 B LYS 108 ? B LYS 90 
# 
loop_
_chem_comp_atom.comp_id 
_chem_comp_atom.atom_id 
_chem_comp_atom.type_symbol 
_chem_comp_atom.pdbx_aromatic_flag 
_chem_comp_atom.pdbx_stereo_config 
_chem_comp_atom.pdbx_ordinal 
ALA N    N N N 1   
ALA CA   C N S 2   
ALA C    C N N 3   
ALA O    O N N 4   
ALA CB   C N N 5   
ALA OXT  O N N 6   
ALA H    H N N 7   
ALA H2   H N N 8   
ALA HA   H N N 9   
ALA HB1  H N N 10  
ALA HB2  H N N 11  
ALA HB3  H N N 12  
ALA HXT  H N N 13  
ARG N    N N N 14  
ARG CA   C N S 15  
ARG C    C N N 16  
ARG O    O N N 17  
ARG CB   C N N 18  
ARG CG   C N N 19  
ARG CD   C N N 20  
ARG NE   N N N 21  
ARG CZ   C N N 22  
ARG NH1  N N N 23  
ARG NH2  N N N 24  
ARG OXT  O N N 25  
ARG H    H N N 26  
ARG H2   H N N 27  
ARG HA   H N N 28  
ARG HB2  H N N 29  
ARG HB3  H N N 30  
ARG HG2  H N N 31  
ARG HG3  H N N 32  
ARG HD2  H N N 33  
ARG HD3  H N N 34  
ARG HE   H N N 35  
ARG HH11 H N N 36  
ARG HH12 H N N 37  
ARG HH21 H N N 38  
ARG HH22 H N N 39  
ARG HXT  H N N 40  
ASN N    N N N 41  
ASN CA   C N S 42  
ASN C    C N N 43  
ASN O    O N N 44  
ASN CB   C N N 45  
ASN CG   C N N 46  
ASN OD1  O N N 47  
ASN ND2  N N N 48  
ASN OXT  O N N 49  
ASN H    H N N 50  
ASN H2   H N N 51  
ASN HA   H N N 52  
ASN HB2  H N N 53  
ASN HB3  H N N 54  
ASN HD21 H N N 55  
ASN HD22 H N N 56  
ASN HXT  H N N 57  
ASP N    N N N 58  
ASP CA   C N S 59  
ASP C    C N N 60  
ASP O    O N N 61  
ASP CB   C N N 62  
ASP CG   C N N 63  
ASP OD1  O N N 64  
ASP OD2  O N N 65  
ASP OXT  O N N 66  
ASP H    H N N 67  
ASP H2   H N N 68  
ASP HA   H N N 69  
ASP HB2  H N N 70  
ASP HB3  H N N 71  
ASP HD2  H N N 72  
ASP HXT  H N N 73  
GLN N    N N N 74  
GLN CA   C N S 75  
GLN C    C N N 76  
GLN O    O N N 77  
GLN CB   C N N 78  
GLN CG   C N N 79  
GLN CD   C N N 80  
GLN OE1  O N N 81  
GLN NE2  N N N 82  
GLN OXT  O N N 83  
GLN H    H N N 84  
GLN H2   H N N 85  
GLN HA   H N N 86  
GLN HB2  H N N 87  
GLN HB3  H N N 88  
GLN HG2  H N N 89  
GLN HG3  H N N 90  
GLN HE21 H N N 91  
GLN HE22 H N N 92  
GLN HXT  H N N 93  
GLU N    N N N 94  
GLU CA   C N S 95  
GLU C    C N N 96  
GLU O    O N N 97  
GLU CB   C N N 98  
GLU CG   C N N 99  
GLU CD   C N N 100 
GLU OE1  O N N 101 
GLU OE2  O N N 102 
GLU OXT  O N N 103 
GLU H    H N N 104 
GLU H2   H N N 105 
GLU HA   H N N 106 
GLU HB2  H N N 107 
GLU HB3  H N N 108 
GLU HG2  H N N 109 
GLU HG3  H N N 110 
GLU HE2  H N N 111 
GLU HXT  H N N 112 
GLY N    N N N 113 
GLY CA   C N N 114 
GLY C    C N N 115 
GLY O    O N N 116 
GLY OXT  O N N 117 
GLY H    H N N 118 
GLY H2   H N N 119 
GLY HA2  H N N 120 
GLY HA3  H N N 121 
GLY HXT  H N N 122 
HIS N    N N N 123 
HIS CA   C N S 124 
HIS C    C N N 125 
HIS O    O N N 126 
HIS CB   C N N 127 
HIS CG   C Y N 128 
HIS ND1  N Y N 129 
HIS CD2  C Y N 130 
HIS CE1  C Y N 131 
HIS NE2  N Y N 132 
HIS OXT  O N N 133 
HIS H    H N N 134 
HIS H2   H N N 135 
HIS HA   H N N 136 
HIS HB2  H N N 137 
HIS HB3  H N N 138 
HIS HD1  H N N 139 
HIS HD2  H N N 140 
HIS HE1  H N N 141 
HIS HE2  H N N 142 
HIS HXT  H N N 143 
ILE N    N N N 144 
ILE CA   C N S 145 
ILE C    C N N 146 
ILE O    O N N 147 
ILE CB   C N S 148 
ILE CG1  C N N 149 
ILE CG2  C N N 150 
ILE CD1  C N N 151 
ILE OXT  O N N 152 
ILE H    H N N 153 
ILE H2   H N N 154 
ILE HA   H N N 155 
ILE HB   H N N 156 
ILE HG12 H N N 157 
ILE HG13 H N N 158 
ILE HG21 H N N 159 
ILE HG22 H N N 160 
ILE HG23 H N N 161 
ILE HD11 H N N 162 
ILE HD12 H N N 163 
ILE HD13 H N N 164 
ILE HXT  H N N 165 
LEU N    N N N 166 
LEU CA   C N S 167 
LEU C    C N N 168 
LEU O    O N N 169 
LEU CB   C N N 170 
LEU CG   C N N 171 
LEU CD1  C N N 172 
LEU CD2  C N N 173 
LEU OXT  O N N 174 
LEU H    H N N 175 
LEU H2   H N N 176 
LEU HA   H N N 177 
LEU HB2  H N N 178 
LEU HB3  H N N 179 
LEU HG   H N N 180 
LEU HD11 H N N 181 
LEU HD12 H N N 182 
LEU HD13 H N N 183 
LEU HD21 H N N 184 
LEU HD22 H N N 185 
LEU HD23 H N N 186 
LEU HXT  H N N 187 
LYS N    N N N 188 
LYS CA   C N S 189 
LYS C    C N N 190 
LYS O    O N N 191 
LYS CB   C N N 192 
LYS CG   C N N 193 
LYS CD   C N N 194 
LYS CE   C N N 195 
LYS NZ   N N N 196 
LYS OXT  O N N 197 
LYS H    H N N 198 
LYS H2   H N N 199 
LYS HA   H N N 200 
LYS HB2  H N N 201 
LYS HB3  H N N 202 
LYS HG2  H N N 203 
LYS HG3  H N N 204 
LYS HD2  H N N 205 
LYS HD3  H N N 206 
LYS HE2  H N N 207 
LYS HE3  H N N 208 
LYS HZ1  H N N 209 
LYS HZ2  H N N 210 
LYS HZ3  H N N 211 
LYS HXT  H N N 212 
MET N    N N N 213 
MET CA   C N S 214 
MET C    C N N 215 
MET O    O N N 216 
MET CB   C N N 217 
MET CG   C N N 218 
MET SD   S N N 219 
MET CE   C N N 220 
MET OXT  O N N 221 
MET H    H N N 222 
MET H2   H N N 223 
MET HA   H N N 224 
MET HB2  H N N 225 
MET HB3  H N N 226 
MET HG2  H N N 227 
MET HG3  H N N 228 
MET HE1  H N N 229 
MET HE2  H N N 230 
MET HE3  H N N 231 
MET HXT  H N N 232 
PHE N    N N N 233 
PHE CA   C N S 234 
PHE C    C N N 235 
PHE O    O N N 236 
PHE CB   C N N 237 
PHE CG   C Y N 238 
PHE CD1  C Y N 239 
PHE CD2  C Y N 240 
PHE CE1  C Y N 241 
PHE CE2  C Y N 242 
PHE CZ   C Y N 243 
PHE OXT  O N N 244 
PHE H    H N N 245 
PHE H2   H N N 246 
PHE HA   H N N 247 
PHE HB2  H N N 248 
PHE HB3  H N N 249 
PHE HD1  H N N 250 
PHE HD2  H N N 251 
PHE HE1  H N N 252 
PHE HE2  H N N 253 
PHE HZ   H N N 254 
PHE HXT  H N N 255 
PRO N    N N N 256 
PRO CA   C N S 257 
PRO C    C N N 258 
PRO O    O N N 259 
PRO CB   C N N 260 
PRO CG   C N N 261 
PRO CD   C N N 262 
PRO OXT  O N N 263 
PRO H    H N N 264 
PRO HA   H N N 265 
PRO HB2  H N N 266 
PRO HB3  H N N 267 
PRO HG2  H N N 268 
PRO HG3  H N N 269 
PRO HD2  H N N 270 
PRO HD3  H N N 271 
PRO HXT  H N N 272 
SER N    N N N 273 
SER CA   C N S 274 
SER C    C N N 275 
SER O    O N N 276 
SER CB   C N N 277 
SER OG   O N N 278 
SER OXT  O N N 279 
SER H    H N N 280 
SER H2   H N N 281 
SER HA   H N N 282 
SER HB2  H N N 283 
SER HB3  H N N 284 
SER HG   H N N 285 
SER HXT  H N N 286 
THR N    N N N 287 
THR CA   C N S 288 
THR C    C N N 289 
THR O    O N N 290 
THR CB   C N R 291 
THR OG1  O N N 292 
THR CG2  C N N 293 
THR OXT  O N N 294 
THR H    H N N 295 
THR H2   H N N 296 
THR HA   H N N 297 
THR HB   H N N 298 
THR HG1  H N N 299 
THR HG21 H N N 300 
THR HG22 H N N 301 
THR HG23 H N N 302 
THR HXT  H N N 303 
TYR N    N N N 304 
TYR CA   C N S 305 
TYR C    C N N 306 
TYR O    O N N 307 
TYR CB   C N N 308 
TYR CG   C Y N 309 
TYR CD1  C Y N 310 
TYR CD2  C Y N 311 
TYR CE1  C Y N 312 
TYR CE2  C Y N 313 
TYR CZ   C Y N 314 
TYR OH   O N N 315 
TYR OXT  O N N 316 
TYR H    H N N 317 
TYR H2   H N N 318 
TYR HA   H N N 319 
TYR HB2  H N N 320 
TYR HB3  H N N 321 
TYR HD1  H N N 322 
TYR HD2  H N N 323 
TYR HE1  H N N 324 
TYR HE2  H N N 325 
TYR HH   H N N 326 
TYR HXT  H N N 327 
VAL N    N N N 328 
VAL CA   C N S 329 
VAL C    C N N 330 
VAL O    O N N 331 
VAL CB   C N N 332 
VAL CG1  C N N 333 
VAL CG2  C N N 334 
VAL OXT  O N N 335 
VAL H    H N N 336 
VAL H2   H N N 337 
VAL HA   H N N 338 
VAL HB   H N N 339 
VAL HG11 H N N 340 
VAL HG12 H N N 341 
VAL HG13 H N N 342 
VAL HG21 H N N 343 
VAL HG22 H N N 344 
VAL HG23 H N N 345 
VAL HXT  H N N 346 
# 
loop_
_chem_comp_bond.comp_id 
_chem_comp_bond.atom_id_1 
_chem_comp_bond.atom_id_2 
_chem_comp_bond.value_order 
_chem_comp_bond.pdbx_aromatic_flag 
_chem_comp_bond.pdbx_stereo_config 
_chem_comp_bond.pdbx_ordinal 
ALA N   CA   sing N N 1   
ALA N   H    sing N N 2   
ALA N   H2   sing N N 3   
ALA CA  C    sing N N 4   
ALA CA  CB   sing N N 5   
ALA CA  HA   sing N N 6   
ALA C   O    doub N N 7   
ALA C   OXT  sing N N 8   
ALA CB  HB1  sing N N 9   
ALA CB  HB2  sing N N 10  
ALA CB  HB3  sing N N 11  
ALA OXT HXT  sing N N 12  
ARG N   CA   sing N N 13  
ARG N   H    sing N N 14  
ARG N   H2   sing N N 15  
ARG CA  C    sing N N 16  
ARG CA  CB   sing N N 17  
ARG CA  HA   sing N N 18  
ARG C   O    doub N N 19  
ARG C   OXT  sing N N 20  
ARG CB  CG   sing N N 21  
ARG CB  HB2  sing N N 22  
ARG CB  HB3  sing N N 23  
ARG CG  CD   sing N N 24  
ARG CG  HG2  sing N N 25  
ARG CG  HG3  sing N N 26  
ARG CD  NE   sing N N 27  
ARG CD  HD2  sing N N 28  
ARG CD  HD3  sing N N 29  
ARG NE  CZ   sing N N 30  
ARG NE  HE   sing N N 31  
ARG CZ  NH1  sing N N 32  
ARG CZ  NH2  doub N N 33  
ARG NH1 HH11 sing N N 34  
ARG NH1 HH12 sing N N 35  
ARG NH2 HH21 sing N N 36  
ARG NH2 HH22 sing N N 37  
ARG OXT HXT  sing N N 38  
ASN N   CA   sing N N 39  
ASN N   H    sing N N 40  
ASN N   H2   sing N N 41  
ASN CA  C    sing N N 42  
ASN CA  CB   sing N N 43  
ASN CA  HA   sing N N 44  
ASN C   O    doub N N 45  
ASN C   OXT  sing N N 46  
ASN CB  CG   sing N N 47  
ASN CB  HB2  sing N N 48  
ASN CB  HB3  sing N N 49  
ASN CG  OD1  doub N N 50  
ASN CG  ND2  sing N N 51  
ASN ND2 HD21 sing N N 52  
ASN ND2 HD22 sing N N 53  
ASN OXT HXT  sing N N 54  
ASP N   CA   sing N N 55  
ASP N   H    sing N N 56  
ASP N   H2   sing N N 57  
ASP CA  C    sing N N 58  
ASP CA  CB   sing N N 59  
ASP CA  HA   sing N N 60  
ASP C   O    doub N N 61  
ASP C   OXT  sing N N 62  
ASP CB  CG   sing N N 63  
ASP CB  HB2  sing N N 64  
ASP CB  HB3  sing N N 65  
ASP CG  OD1  doub N N 66  
ASP CG  OD2  sing N N 67  
ASP OD2 HD2  sing N N 68  
ASP OXT HXT  sing N N 69  
GLN N   CA   sing N N 70  
GLN N   H    sing N N 71  
GLN N   H2   sing N N 72  
GLN CA  C    sing N N 73  
GLN CA  CB   sing N N 74  
GLN CA  HA   sing N N 75  
GLN C   O    doub N N 76  
GLN C   OXT  sing N N 77  
GLN CB  CG   sing N N 78  
GLN CB  HB2  sing N N 79  
GLN CB  HB3  sing N N 80  
GLN CG  CD   sing N N 81  
GLN CG  HG2  sing N N 82  
GLN CG  HG3  sing N N 83  
GLN CD  OE1  doub N N 84  
GLN CD  NE2  sing N N 85  
GLN NE2 HE21 sing N N 86  
GLN NE2 HE22 sing N N 87  
GLN OXT HXT  sing N N 88  
GLU N   CA   sing N N 89  
GLU N   H    sing N N 90  
GLU N   H2   sing N N 91  
GLU CA  C    sing N N 92  
GLU CA  CB   sing N N 93  
GLU CA  HA   sing N N 94  
GLU C   O    doub N N 95  
GLU C   OXT  sing N N 96  
GLU CB  CG   sing N N 97  
GLU CB  HB2  sing N N 98  
GLU CB  HB3  sing N N 99  
GLU CG  CD   sing N N 100 
GLU CG  HG2  sing N N 101 
GLU CG  HG3  sing N N 102 
GLU CD  OE1  doub N N 103 
GLU CD  OE2  sing N N 104 
GLU OE2 HE2  sing N N 105 
GLU OXT HXT  sing N N 106 
GLY N   CA   sing N N 107 
GLY N   H    sing N N 108 
GLY N   H2   sing N N 109 
GLY CA  C    sing N N 110 
GLY CA  HA2  sing N N 111 
GLY CA  HA3  sing N N 112 
GLY C   O    doub N N 113 
GLY C   OXT  sing N N 114 
GLY OXT HXT  sing N N 115 
HIS N   CA   sing N N 116 
HIS N   H    sing N N 117 
HIS N   H2   sing N N 118 
HIS CA  C    sing N N 119 
HIS CA  CB   sing N N 120 
HIS CA  HA   sing N N 121 
HIS C   O    doub N N 122 
HIS C   OXT  sing N N 123 
HIS CB  CG   sing N N 124 
HIS CB  HB2  sing N N 125 
HIS CB  HB3  sing N N 126 
HIS CG  ND1  sing Y N 127 
HIS CG  CD2  doub Y N 128 
HIS ND1 CE1  doub Y N 129 
HIS ND1 HD1  sing N N 130 
HIS CD2 NE2  sing Y N 131 
HIS CD2 HD2  sing N N 132 
HIS CE1 NE2  sing Y N 133 
HIS CE1 HE1  sing N N 134 
HIS NE2 HE2  sing N N 135 
HIS OXT HXT  sing N N 136 
ILE N   CA   sing N N 137 
ILE N   H    sing N N 138 
ILE N   H2   sing N N 139 
ILE CA  C    sing N N 140 
ILE CA  CB   sing N N 141 
ILE CA  HA   sing N N 142 
ILE C   O    doub N N 143 
ILE C   OXT  sing N N 144 
ILE CB  CG1  sing N N 145 
ILE CB  CG2  sing N N 146 
ILE CB  HB   sing N N 147 
ILE CG1 CD1  sing N N 148 
ILE CG1 HG12 sing N N 149 
ILE CG1 HG13 sing N N 150 
ILE CG2 HG21 sing N N 151 
ILE CG2 HG22 sing N N 152 
ILE CG2 HG23 sing N N 153 
ILE CD1 HD11 sing N N 154 
ILE CD1 HD12 sing N N 155 
ILE CD1 HD13 sing N N 156 
ILE OXT HXT  sing N N 157 
LEU N   CA   sing N N 158 
LEU N   H    sing N N 159 
LEU N   H2   sing N N 160 
LEU CA  C    sing N N 161 
LEU CA  CB   sing N N 162 
LEU CA  HA   sing N N 163 
LEU C   O    doub N N 164 
LEU C   OXT  sing N N 165 
LEU CB  CG   sing N N 166 
LEU CB  HB2  sing N N 167 
LEU CB  HB3  sing N N 168 
LEU CG  CD1  sing N N 169 
LEU CG  CD2  sing N N 170 
LEU CG  HG   sing N N 171 
LEU CD1 HD11 sing N N 172 
LEU CD1 HD12 sing N N 173 
LEU CD1 HD13 sing N N 174 
LEU CD2 HD21 sing N N 175 
LEU CD2 HD22 sing N N 176 
LEU CD2 HD23 sing N N 177 
LEU OXT HXT  sing N N 178 
LYS N   CA   sing N N 179 
LYS N   H    sing N N 180 
LYS N   H2   sing N N 181 
LYS CA  C    sing N N 182 
LYS CA  CB   sing N N 183 
LYS CA  HA   sing N N 184 
LYS C   O    doub N N 185 
LYS C   OXT  sing N N 186 
LYS CB  CG   sing N N 187 
LYS CB  HB2  sing N N 188 
LYS CB  HB3  sing N N 189 
LYS CG  CD   sing N N 190 
LYS CG  HG2  sing N N 191 
LYS CG  HG3  sing N N 192 
LYS CD  CE   sing N N 193 
LYS CD  HD2  sing N N 194 
LYS CD  HD3  sing N N 195 
LYS CE  NZ   sing N N 196 
LYS CE  HE2  sing N N 197 
LYS CE  HE3  sing N N 198 
LYS NZ  HZ1  sing N N 199 
LYS NZ  HZ2  sing N N 200 
LYS NZ  HZ3  sing N N 201 
LYS OXT HXT  sing N N 202 
MET N   CA   sing N N 203 
MET N   H    sing N N 204 
MET N   H2   sing N N 205 
MET CA  C    sing N N 206 
MET CA  CB   sing N N 207 
MET CA  HA   sing N N 208 
MET C   O    doub N N 209 
MET C   OXT  sing N N 210 
MET CB  CG   sing N N 211 
MET CB  HB2  sing N N 212 
MET CB  HB3  sing N N 213 
MET CG  SD   sing N N 214 
MET CG  HG2  sing N N 215 
MET CG  HG3  sing N N 216 
MET SD  CE   sing N N 217 
MET CE  HE1  sing N N 218 
MET CE  HE2  sing N N 219 
MET CE  HE3  sing N N 220 
MET OXT HXT  sing N N 221 
PHE N   CA   sing N N 222 
PHE N   H    sing N N 223 
PHE N   H2   sing N N 224 
PHE CA  C    sing N N 225 
PHE CA  CB   sing N N 226 
PHE CA  HA   sing N N 227 
PHE C   O    doub N N 228 
PHE C   OXT  sing N N 229 
PHE CB  CG   sing N N 230 
PHE CB  HB2  sing N N 231 
PHE CB  HB3  sing N N 232 
PHE CG  CD1  doub Y N 233 
PHE CG  CD2  sing Y N 234 
PHE CD1 CE1  sing Y N 235 
PHE CD1 HD1  sing N N 236 
PHE CD2 CE2  doub Y N 237 
PHE CD2 HD2  sing N N 238 
PHE CE1 CZ   doub Y N 239 
PHE CE1 HE1  sing N N 240 
PHE CE2 CZ   sing Y N 241 
PHE CE2 HE2  sing N N 242 
PHE CZ  HZ   sing N N 243 
PHE OXT HXT  sing N N 244 
PRO N   CA   sing N N 245 
PRO N   CD   sing N N 246 
PRO N   H    sing N N 247 
PRO CA  C    sing N N 248 
PRO CA  CB   sing N N 249 
PRO CA  HA   sing N N 250 
PRO C   O    doub N N 251 
PRO C   OXT  sing N N 252 
PRO CB  CG   sing N N 253 
PRO CB  HB2  sing N N 254 
PRO CB  HB3  sing N N 255 
PRO CG  CD   sing N N 256 
PRO CG  HG2  sing N N 257 
PRO CG  HG3  sing N N 258 
PRO CD  HD2  sing N N 259 
PRO CD  HD3  sing N N 260 
PRO OXT HXT  sing N N 261 
SER N   CA   sing N N 262 
SER N   H    sing N N 263 
SER N   H2   sing N N 264 
SER CA  C    sing N N 265 
SER CA  CB   sing N N 266 
SER CA  HA   sing N N 267 
SER C   O    doub N N 268 
SER C   OXT  sing N N 269 
SER CB  OG   sing N N 270 
SER CB  HB2  sing N N 271 
SER CB  HB3  sing N N 272 
SER OG  HG   sing N N 273 
SER OXT HXT  sing N N 274 
THR N   CA   sing N N 275 
THR N   H    sing N N 276 
THR N   H2   sing N N 277 
THR CA  C    sing N N 278 
THR CA  CB   sing N N 279 
THR CA  HA   sing N N 280 
THR C   O    doub N N 281 
THR C   OXT  sing N N 282 
THR CB  OG1  sing N N 283 
THR CB  CG2  sing N N 284 
THR CB  HB   sing N N 285 
THR OG1 HG1  sing N N 286 
THR CG2 HG21 sing N N 287 
THR CG2 HG22 sing N N 288 
THR CG2 HG23 sing N N 289 
THR OXT HXT  sing N N 290 
TYR N   CA   sing N N 291 
TYR N   H    sing N N 292 
TYR N   H2   sing N N 293 
TYR CA  C    sing N N 294 
TYR CA  CB   sing N N 295 
TYR CA  HA   sing N N 296 
TYR C   O    doub N N 297 
TYR C   OXT  sing N N 298 
TYR CB  CG   sing N N 299 
TYR CB  HB2  sing N N 300 
TYR CB  HB3  sing N N 301 
TYR CG  CD1  doub Y N 302 
TYR CG  CD2  sing Y N 303 
TYR CD1 CE1  sing Y N 304 
TYR CD1 HD1  sing N N 305 
TYR CD2 CE2  doub Y N 306 
TYR CD2 HD2  sing N N 307 
TYR CE1 CZ   doub Y N 308 
TYR CE1 HE1  sing N N 309 
TYR CE2 CZ   sing Y N 310 
TYR CE2 HE2  sing N N 311 
TYR CZ  OH   sing N N 312 
TYR OH  HH   sing N N 313 
TYR OXT HXT  sing N N 314 
VAL N   CA   sing N N 315 
VAL N   H    sing N N 316 
VAL N   H2   sing N N 317 
VAL CA  C    sing N N 318 
VAL CA  CB   sing N N 319 
VAL CA  HA   sing N N 320 
VAL C   O    doub N N 321 
VAL C   OXT  sing N N 322 
VAL CB  CG1  sing N N 323 
VAL CB  CG2  sing N N 324 
VAL CB  HB   sing N N 325 
VAL CG1 HG11 sing N N 326 
VAL CG1 HG12 sing N N 327 
VAL CG1 HG13 sing N N 328 
VAL CG2 HG21 sing N N 329 
VAL CG2 HG22 sing N N 330 
VAL CG2 HG23 sing N N 331 
VAL OXT HXT  sing N N 332 
# 
_atom_sites.entry_id                    1HST 
_atom_sites.fract_transf_matrix[1][1]   -0.00808818 
_atom_sites.fract_transf_matrix[1][2]   -0.01205937 
_atom_sites.fract_transf_matrix[1][3]   0.00151122 
_atom_sites.fract_transf_matrix[2][1]   -0.00816553 
_atom_sites.fract_transf_matrix[2][2]   0.00444089 
_atom_sites.fract_transf_matrix[2][3]   -0.00826478 
_atom_sites.fract_transf_matrix[3][1]   0.01316010 
_atom_sites.fract_transf_matrix[3][2]   -0.01121066 
_atom_sites.fract_transf_matrix[3][3]   -0.01902584 
_atom_sites.fract_transf_vector[1]      0.270833 
_atom_sites.fract_transf_vector[2]      0.237543 
_atom_sites.fract_transf_vector[3]      -0.272017 
# 
_atom_sites_footnote.id     1 
_atom_sites_footnote.text   
;RESIDUES A 39 - A 44 AND B 39 - B 44 FORM A LOOP BETWEEN HELICES I AND II.  THESE ARE NOT WELL DEFINED IN THE DENSITY, AND THEIR POSITIONS ARE ONLY PRELIMINARY.
;
# 
loop_
_atom_type.symbol 
C 
N 
O 
S 
# 
loop_
_atom_site.group_PDB 
_atom_site.id 
_atom_site.type_symbol 
_atom_site.label_atom_id 
_atom_site.label_alt_id 
_atom_site.label_comp_id 
_atom_site.label_asym_id 
_atom_site.label_entity_id 
_atom_site.label_seq_id 
_atom_site.pdbx_PDB_ins_code 
_atom_site.Cartn_x 
_atom_site.Cartn_y 
_atom_site.Cartn_z 
_atom_site.occupancy 
_atom_site.B_iso_or_equiv 
_atom_site.pdbx_formal_charge 
_atom_site.auth_seq_id 
_atom_site.auth_comp_id 
_atom_site.auth_asym_id 
_atom_site.auth_atom_id 
_atom_site.pdbx_PDB_model_num 
ATOM 1    N N   . SER A 1 6  ? -5.989  5.063   14.956  1.00 25.02 ? 24 SER A N   1 
ATOM 2    C CA  . SER A 1 6  ? -5.301  3.832   14.644  1.00 23.59 ? 24 SER A CA  1 
ATOM 3    C C   . SER A 1 6  ? -4.582  4.018   13.332  1.00 22.28 ? 24 SER A C   1 
ATOM 4    O O   . SER A 1 6  ? -4.659  5.050   12.681  1.00 21.58 ? 24 SER A O   1 
ATOM 5    C CB  . SER A 1 6  ? -6.312  2.707   14.528  1.00 24.45 ? 24 SER A CB  1 
ATOM 6    O OG  . SER A 1 6  ? -7.022  2.894   15.733  1.00 26.76 ? 24 SER A OG  1 
ATOM 7    N N   . HIS A 1 7  ? -3.829  3.014   13.002  1.00 20.46 ? 25 HIS A N   1 
ATOM 8    C CA  . HIS A 1 7  ? -3.123  2.895   11.760  1.00 20.08 ? 25 HIS A CA  1 
ATOM 9    C C   . HIS A 1 7  ? -2.739  1.410   11.771  1.00 19.32 ? 25 HIS A C   1 
ATOM 10   O O   . HIS A 1 7  ? -2.861  0.805   12.866  1.00 19.76 ? 25 HIS A O   1 
ATOM 11   C CB  . HIS A 1 7  ? -1.930  3.850   11.798  1.00 19.70 ? 25 HIS A CB  1 
ATOM 12   C CG  . HIS A 1 7  ? -1.095  3.817   13.055  1.00 18.72 ? 25 HIS A CG  1 
ATOM 13   N ND1 . HIS A 1 7  ? -0.432  2.825   13.659  1.00 18.64 ? 25 HIS A ND1 1 
ATOM 14   C CD2 . HIS A 1 7  ? -0.910  4.948   13.791  1.00 18.62 ? 25 HIS A CD2 1 
ATOM 15   C CE1 . HIS A 1 7  ? 0.134   3.330   14.719  1.00 17.72 ? 25 HIS A CE1 1 
ATOM 16   N NE2 . HIS A 1 7  ? -0.172  4.594   14.774  1.00 17.51 ? 25 HIS A NE2 1 
ATOM 17   N N   . PRO A 1 8  ? -2.304  0.693   10.716  1.00 18.10 ? 26 PRO A N   1 
ATOM 18   C CA  . PRO A 1 8  ? -1.838  -0.647  10.914  1.00 18.12 ? 26 PRO A CA  1 
ATOM 19   C C   . PRO A 1 8  ? -0.475  -0.580  11.651  1.00 19.19 ? 26 PRO A C   1 
ATOM 20   O O   . PRO A 1 8  ? 0.009   0.484   12.142  1.00 19.97 ? 26 PRO A O   1 
ATOM 21   C CB  . PRO A 1 8  ? -1.891  -1.156  9.485   1.00 16.36 ? 26 PRO A CB  1 
ATOM 22   C CG  . PRO A 1 8  ? -1.575  -0.037  8.611   1.00 13.76 ? 26 PRO A CG  1 
ATOM 23   C CD  . PRO A 1 8  ? -2.343  1.036   9.301   1.00 15.80 ? 26 PRO A CD  1 
ATOM 24   N N   . THR A 1 9  ? 0.076   -1.789  11.849  1.00 18.84 ? 27 THR A N   1 
ATOM 25   C CA  . THR A 1 9  ? 1.343   -1.947  12.480  1.00 17.28 ? 27 THR A CA  1 
ATOM 26   C C   . THR A 1 9  ? 2.339   -1.217  11.622  1.00 17.28 ? 27 THR A C   1 
ATOM 27   O O   . THR A 1 9  ? 2.165   -0.989  10.414  1.00 18.13 ? 27 THR A O   1 
ATOM 28   C CB  . THR A 1 9  ? 1.670   -3.453  12.600  1.00 16.34 ? 27 THR A CB  1 
ATOM 29   O OG1 . THR A 1 9  ? 1.561   -4.107  11.348  1.00 19.44 ? 27 THR A OG1 1 
ATOM 30   C CG2 . THR A 1 9  ? 0.708   -4.093  13.533  1.00 13.27 ? 27 THR A CG2 1 
ATOM 31   N N   . TYR A 1 10 ? 3.380   -0.853  12.343  1.00 17.00 ? 28 TYR A N   1 
ATOM 32   C CA  . TYR A 1 10 ? 4.543   -0.207  11.781  1.00 15.95 ? 28 TYR A CA  1 
ATOM 33   C C   . TYR A 1 10 ? 5.051   -0.999  10.616  1.00 15.81 ? 28 TYR A C   1 
ATOM 34   O O   . TYR A 1 10 ? 5.204   -0.416  9.564   1.00 15.70 ? 28 TYR A O   1 
ATOM 35   C CB  . TYR A 1 10 ? 5.612   -0.059  12.844  1.00 13.43 ? 28 TYR A CB  1 
ATOM 36   C CG  . TYR A 1 10 ? 5.383   1.320   13.321  1.00 12.62 ? 28 TYR A CG  1 
ATOM 37   C CD1 . TYR A 1 10 ? 5.900   2.371   12.598  1.00 11.84 ? 28 TYR A CD1 1 
ATOM 38   C CD2 . TYR A 1 10 ? 4.585   1.516   14.426  1.00 13.70 ? 28 TYR A CD2 1 
ATOM 39   C CE1 . TYR A 1 10 ? 5.617   3.645   12.988  1.00 10.73 ? 28 TYR A CE1 1 
ATOM 40   C CE2 . TYR A 1 10 ? 4.300   2.823   14.816  1.00 13.73 ? 28 TYR A CE2 1 
ATOM 41   C CZ  . TYR A 1 10 ? 4.831   3.853   14.089  1.00 10.82 ? 28 TYR A CZ  1 
ATOM 42   O OH  . TYR A 1 10 ? 4.626   5.113   14.541  1.00 15.73 ? 28 TYR A OH  1 
ATOM 43   N N   . SER A 1 11 ? 5.171   -2.310  10.730  1.00 16.92 ? 29 SER A N   1 
ATOM 44   C CA  . SER A 1 11 ? 5.548   -3.163  9.634   1.00 19.74 ? 29 SER A CA  1 
ATOM 45   C C   . SER A 1 11 ? 4.587   -3.143  8.442   1.00 19.52 ? 29 SER A C   1 
ATOM 46   O O   . SER A 1 11 ? 5.010   -3.265  7.279   1.00 18.71 ? 29 SER A O   1 
ATOM 47   C CB  . SER A 1 11 ? 5.684   -4.616  10.141  1.00 23.04 ? 29 SER A CB  1 
ATOM 48   O OG  . SER A 1 11 ? 5.268   -4.751  11.497  1.00 28.54 ? 29 SER A OG  1 
ATOM 49   N N   . GLU A 1 12 ? 3.298   -2.982  8.707   1.00 19.24 ? 30 GLU A N   1 
ATOM 50   C CA  . GLU A 1 12 ? 2.369   -2.999  7.611   1.00 20.21 ? 30 GLU A CA  1 
ATOM 51   C C   . GLU A 1 12 ? 2.472   -1.642  7.000   1.00 18.50 ? 30 GLU A C   1 
ATOM 52   O O   . GLU A 1 12 ? 2.349   -1.577  5.780   1.00 19.56 ? 30 GLU A O   1 
ATOM 53   C CB  . GLU A 1 12 ? 0.920   -3.266  8.079   1.00 22.64 ? 30 GLU A CB  1 
ATOM 54   C CG  . GLU A 1 12 ? 0.103   -4.585  7.908   1.00 26.85 ? 30 GLU A CG  1 
ATOM 55   C CD  . GLU A 1 12 ? -1.339  -4.324  8.516   1.00 30.42 ? 30 GLU A CD  1 
ATOM 56   O OE1 . GLU A 1 12 ? -1.483  -4.357  9.794   1.00 31.65 ? 30 GLU A OE1 1 
ATOM 57   O OE2 . GLU A 1 12 ? -2.294  -4.001  7.733   1.00 29.37 ? 30 GLU A OE2 1 
ATOM 58   N N   . MET A 1 13 ? 2.699   -0.548  7.753   1.00 18.55 ? 31 MET A N   1 
ATOM 59   C CA  . MET A 1 13 ? 2.888   0.806   7.155   1.00 16.17 ? 31 MET A CA  1 
ATOM 60   C C   . MET A 1 13 ? 4.184   0.893   6.367   1.00 15.28 ? 31 MET A C   1 
ATOM 61   O O   . MET A 1 13 ? 4.157   1.452   5.273   1.00 15.63 ? 31 MET A O   1 
ATOM 62   C CB  . MET A 1 13 ? 2.920   1.897   8.167   1.00 13.76 ? 31 MET A CB  1 
ATOM 63   C CG  . MET A 1 13 ? 1.568   2.084   8.748   1.00 13.04 ? 31 MET A CG  1 
ATOM 64   S SD  . MET A 1 13 ? 1.442   3.483   9.878   1.00 14.13 ? 31 MET A SD  1 
ATOM 65   C CE  . MET A 1 13 ? 2.389   3.001   11.253  1.00 15.04 ? 31 MET A CE  1 
ATOM 66   N N   . ILE A 1 14 ? 5.271   0.254   6.830   1.00 14.33 ? 32 ILE A N   1 
ATOM 67   C CA  . ILE A 1 14 ? 6.510   0.186   6.093   1.00 14.54 ? 32 ILE A CA  1 
ATOM 68   C C   . ILE A 1 14 ? 6.337   -0.676  4.840   1.00 14.73 ? 32 ILE A C   1 
ATOM 69   O O   . ILE A 1 14 ? 6.852   -0.272  3.795   1.00 15.76 ? 32 ILE A O   1 
ATOM 70   C CB  . ILE A 1 14 ? 7.650   -0.345  7.061   1.00 15.53 ? 32 ILE A CB  1 
ATOM 71   C CG1 . ILE A 1 14 ? 7.875   0.704   8.146   1.00 12.92 ? 32 ILE A CG1 1 
ATOM 72   C CG2 . ILE A 1 14 ? 9.013   -0.570  6.334   1.00 14.44 ? 32 ILE A CG2 1 
ATOM 73   C CD1 . ILE A 1 14 ? 8.847   0.175   9.180   1.00 12.62 ? 32 ILE A CD1 1 
ATOM 74   N N   . ALA A 1 15 ? 5.631   -1.806  4.778   1.00 13.10 ? 33 ALA A N   1 
ATOM 75   C CA  . ALA A 1 15 ? 5.398   -2.416  3.482   1.00 12.69 ? 33 ALA A CA  1 
ATOM 76   C C   . ALA A 1 15 ? 4.525   -1.553  2.580   1.00 12.48 ? 33 ALA A C   1 
ATOM 77   O O   . ALA A 1 15 ? 4.809   -1.480  1.389   1.00 13.36 ? 33 ALA A O   1 
ATOM 78   C CB  . ALA A 1 15 ? 4.737   -3.760  3.605   1.00 12.13 ? 33 ALA A CB  1 
ATOM 79   N N   . ALA A 1 16 ? 3.507   -0.820  3.013   1.00 12.82 ? 34 ALA A N   1 
ATOM 80   C CA  . ALA A 1 16 ? 2.724   0.032   2.112   1.00 13.48 ? 34 ALA A CA  1 
ATOM 81   C C   . ALA A 1 16 ? 3.610   1.119   1.537   1.00 15.11 ? 34 ALA A C   1 
ATOM 82   O O   . ALA A 1 16 ? 3.559   1.373   0.332   1.00 18.61 ? 34 ALA A O   1 
ATOM 83   C CB  . ALA A 1 16 ? 1.588   0.717   2.826   1.00 11.24 ? 34 ALA A CB  1 
ATOM 84   N N   . ALA A 1 17 ? 4.453   1.730   2.377   1.00 16.07 ? 35 ALA A N   1 
ATOM 85   C CA  . ALA A 1 17 ? 5.452   2.700   2.028   1.00 15.75 ? 35 ALA A CA  1 
ATOM 86   C C   . ALA A 1 17 ? 6.443   2.182   1.004   1.00 15.86 ? 35 ALA A C   1 
ATOM 87   O O   . ALA A 1 17 ? 6.867   2.912   0.132   1.00 17.40 ? 35 ALA A O   1 
ATOM 88   C CB  . ALA A 1 17 ? 6.165   3.135   3.320   1.00 14.27 ? 35 ALA A CB  1 
ATOM 89   N N   . ILE A 1 18 ? 6.826   0.933   0.956   1.00 16.88 ? 36 ILE A N   1 
ATOM 90   C CA  . ILE A 1 18 ? 7.819   0.450   0.015   1.00 15.54 ? 36 ILE A CA  1 
ATOM 91   C C   . ILE A 1 18 ? 7.076   0.042   -1.216  1.00 16.56 ? 36 ILE A C   1 
ATOM 92   O O   . ILE A 1 18 ? 7.604   0.217   -2.289  1.00 18.12 ? 36 ILE A O   1 
ATOM 93   C CB  . ILE A 1 18 ? 8.548   -0.710  0.696   1.00 12.91 ? 36 ILE A CB  1 
ATOM 94   C CG1 . ILE A 1 18 ? 9.463   -0.177  1.787   1.00 11.91 ? 36 ILE A CG1 1 
ATOM 95   C CG2 . ILE A 1 18 ? 9.316   -1.499  -0.315  1.00 14.38 ? 36 ILE A CG2 1 
ATOM 96   C CD1 . ILE A 1 18 ? 10.162  -1.221  2.661   1.00 8.04  ? 36 ILE A CD1 1 
ATOM 97   N N   . ARG A 1 19 ? 5.889   -0.563  -1.171  1.00 17.91 ? 37 ARG A N   1 
ATOM 98   C CA  . ARG A 1 19 ? 5.113   -0.921  -2.369  1.00 16.26 ? 37 ARG A CA  1 
ATOM 99   C C   . ARG A 1 19 ? 4.821   0.312   -3.223  1.00 17.92 ? 37 ARG A C   1 
ATOM 100  O O   . ARG A 1 19 ? 4.725   0.104   -4.407  1.00 20.20 ? 37 ARG A O   1 
ATOM 101  C CB  . ARG A 1 19 ? 3.786   -1.548  -1.976  1.00 13.48 ? 37 ARG A CB  1 
ATOM 102  C CG  . ARG A 1 19 ? 3.652   -2.996  -1.576  1.00 12.23 ? 37 ARG A CG  1 
ATOM 103  C CD  . ARG A 1 19 ? 2.220   -3.091  -1.140  1.00 14.28 ? 37 ARG A CD  1 
ATOM 104  N NE  . ARG A 1 19 ? 2.159   -3.654  0.199   1.00 16.21 ? 37 ARG A NE  1 
ATOM 105  C CZ  . ARG A 1 19 ? 1.263   -3.273  1.096   1.00 16.83 ? 37 ARG A CZ  1 
ATOM 106  N NH1 . ARG A 1 19 ? 0.382   -2.374  0.799   1.00 20.67 ? 37 ARG A NH1 1 
ATOM 107  N NH2 . ARG A 1 19 ? 1.227   -3.656  2.362   1.00 20.72 ? 37 ARG A NH2 1 
ATOM 108  N N   . ALA A 1 20 ? 4.604   1.545   -2.727  1.00 17.61 ? 38 ALA A N   1 
ATOM 109  C CA  . ALA A 1 20 ? 4.434   2.813   -3.452  1.00 18.60 ? 38 ALA A CA  1 
ATOM 110  C C   . ALA A 1 20 ? 5.685   3.466   -4.085  1.00 21.25 ? 38 ALA A C   1 
ATOM 111  O O   . ALA A 1 20 ? 5.653   4.516   -4.728  1.00 22.88 ? 38 ALA A O   1 
ATOM 112  C CB  . ALA A 1 20 ? 3.852   3.832   -2.487  1.00 15.44 ? 38 ALA A CB  1 
ATOM 113  N N   . GLU A 1 21 ? 6.882   2.959   -3.883  1.00 25.11 ? 39 GLU A N   1 
ATOM 114  C CA  . GLU A 1 21 ? 8.108   3.550   -4.361  1.00 27.95 ? 39 GLU A CA  1 
ATOM 115  C C   . GLU A 1 21 ? 8.301   3.100   -5.781  1.00 29.58 ? 39 GLU A C   1 
ATOM 116  O O   . GLU A 1 21 ? 8.177   1.879   -6.018  1.00 30.27 ? 39 GLU A O   1 
ATOM 117  C CB  . GLU A 1 21 ? 9.412   3.015   -3.694  1.00 30.14 ? 39 GLU A CB  1 
ATOM 118  C CG  . GLU A 1 21 ? 10.657  3.917   -3.793  1.00 30.20 ? 39 GLU A CG  1 
ATOM 119  C CD  . GLU A 1 21 ? 10.317  5.174   -2.981  1.00 32.49 ? 39 GLU A CD  1 
ATOM 120  O OE1 . GLU A 1 21 ? 9.689   5.050   -1.891  1.00 31.82 ? 39 GLU A OE1 1 
ATOM 121  O OE2 . GLU A 1 21 ? 10.638  6.288   -3.464  1.00 34.28 ? 39 GLU A OE2 1 
ATOM 122  N N   . LYS A 1 22 ? 8.779   3.976   -6.683  1.00 31.86 ? 40 LYS A N   1 
ATOM 123  C CA  . LYS A 1 22 ? 9.299   3.447   -7.953  1.00 33.48 ? 40 LYS A CA  1 
ATOM 124  C C   . LYS A 1 22 ? 10.856  3.562   -8.008  1.00 34.90 ? 40 LYS A C   1 
ATOM 125  O O   . LYS A 1 22 ? 11.343  4.713   -7.983  1.00 34.87 ? 40 LYS A O   1 
ATOM 126  C CB  . LYS A 1 22 ? 8.600   4.244   -9.047  1.00 34.11 ? 40 LYS A CB  1 
ATOM 127  C CG  . LYS A 1 22 ? 7.055   4.070   -8.882  1.00 34.24 ? 40 LYS A CG  1 
ATOM 128  C CD  . LYS A 1 22 ? 6.687   2.607   -9.152  1.00 33.72 ? 40 LYS A CD  1 
ATOM 129  C CE  . LYS A 1 22 ? 6.848   2.180   -10.642 1.00 34.85 ? 40 LYS A CE  1 
ATOM 130  N NZ  . LYS A 1 22 ? 6.071   3.001   -11.584 1.00 36.79 ? 40 LYS A NZ  1 
ATOM 131  N N   . SER A 1 23 ? 11.740  2.520   -7.967  1.00 36.35 ? 41 SER A N   1 
ATOM 132  C CA  . SER A 1 23 ? 13.172  2.749   -8.175  1.00 36.48 ? 41 SER A CA  1 
ATOM 133  C C   . SER A 1 23 ? 14.075  1.529   -8.385  1.00 36.30 ? 41 SER A C   1 
ATOM 134  O O   . SER A 1 23 ? 13.843  0.438   -7.823  1.00 37.02 ? 41 SER A O   1 
ATOM 135  C CB  . SER A 1 23 ? 13.863  3.528   -7.024  1.00 36.54 ? 41 SER A CB  1 
ATOM 136  O OG  . SER A 1 23 ? 15.206  3.970   -7.457  1.00 35.59 ? 41 SER A OG  1 
ATOM 137  N N   . ARG A 1 24 ? 15.171  1.763   -9.170  1.00 35.68 ? 42 ARG A N   1 
ATOM 138  C CA  . ARG A 1 24 ? 16.211  0.728   -9.475  1.00 35.22 ? 42 ARG A CA  1 
ATOM 139  C C   . ARG A 1 24 ? 17.245  0.580   -8.299  1.00 34.54 ? 42 ARG A C   1 
ATOM 140  O O   . ARG A 1 24 ? 18.472  0.380   -8.492  1.00 33.34 ? 42 ARG A O   1 
ATOM 141  C CB  . ARG A 1 24 ? 16.969  1.083   -10.863 1.00 35.39 ? 42 ARG A CB  1 
ATOM 142  C CG  . ARG A 1 24 ? 17.355  2.556   -11.169 1.00 34.06 ? 42 ARG A CG  1 
ATOM 143  C CD  . ARG A 1 24 ? 17.992  2.799   -12.576 1.00 34.76 ? 42 ARG A CD  1 
ATOM 144  N NE  . ARG A 1 24 ? 17.255  3.907   -13.228 1.00 34.88 ? 42 ARG A NE  1 
ATOM 145  C CZ  . ARG A 1 24 ? 17.495  4.459   -14.455 1.00 33.43 ? 42 ARG A CZ  1 
ATOM 146  N NH1 . ARG A 1 24 ? 18.483  4.072   -15.299 1.00 32.24 ? 42 ARG A NH1 1 
ATOM 147  N NH2 . ARG A 1 24 ? 16.647  5.411   -14.879 1.00 32.58 ? 42 ARG A NH2 1 
ATOM 148  N N   . GLY A 1 25 ? 16.629  0.586   -7.072  1.00 33.63 ? 43 GLY A N   1 
ATOM 149  C CA  . GLY A 1 25 ? 17.291  0.575   -5.765  1.00 31.79 ? 43 GLY A CA  1 
ATOM 150  C C   . GLY A 1 25 ? 16.210  0.144   -4.778  1.00 30.72 ? 43 GLY A C   1 
ATOM 151  O O   . GLY A 1 25 ? 15.920  -1.051  -4.707  1.00 31.30 ? 43 GLY A O   1 
ATOM 152  N N   . GLY A 1 26 ? 15.512  1.068   -4.119  1.00 28.24 ? 44 GLY A N   1 
ATOM 153  C CA  . GLY A 1 26 ? 14.466  0.696   -3.181  1.00 25.24 ? 44 GLY A CA  1 
ATOM 154  C C   . GLY A 1 26 ? 14.097  1.984   -2.459  1.00 25.38 ? 44 GLY A C   1 
ATOM 155  O O   . GLY A 1 26 ? 14.301  3.045   -3.067  1.00 24.67 ? 44 GLY A O   1 
ATOM 156  N N   . SER A 1 27 ? 13.525  1.941   -1.250  1.00 23.69 ? 45 SER A N   1 
ATOM 157  C CA  . SER A 1 27 ? 13.200  3.132   -0.502  1.00 23.43 ? 45 SER A CA  1 
ATOM 158  C C   . SER A 1 27 ? 14.309  3.453   0.488   1.00 24.01 ? 45 SER A C   1 
ATOM 159  O O   . SER A 1 27 ? 15.018  2.550   0.928   1.00 25.27 ? 45 SER A O   1 
ATOM 160  C CB  . SER A 1 27 ? 11.945  2.959   0.305   1.00 22.79 ? 45 SER A CB  1 
ATOM 161  O OG  . SER A 1 27 ? 10.735  2.869   -0.430  1.00 23.43 ? 45 SER A OG  1 
ATOM 162  N N   . SER A 1 28 ? 14.538  4.718   0.872   1.00 23.45 ? 46 SER A N   1 
ATOM 163  C CA  . SER A 1 28 ? 15.500  5.040   1.911   1.00 21.00 ? 46 SER A CA  1 
ATOM 164  C C   . SER A 1 28 ? 14.692  5.092   3.220   1.00 19.54 ? 46 SER A C   1 
ATOM 165  O O   . SER A 1 28 ? 13.479  5.345   3.176   1.00 19.76 ? 46 SER A O   1 
ATOM 166  C CB  . SER A 1 28 ? 16.139  6.414   1.584   1.00 19.78 ? 46 SER A CB  1 
ATOM 167  O OG  . SER A 1 28 ? 15.231  7.477   1.926   1.00 17.48 ? 46 SER A OG  1 
ATOM 168  N N   . ARG A 1 29 ? 15.289  4.990   4.401   1.00 17.67 ? 47 ARG A N   1 
ATOM 169  C CA  . ARG A 1 29 ? 14.582  5.220   5.644   1.00 17.29 ? 47 ARG A CA  1 
ATOM 170  C C   . ARG A 1 29 ? 13.898  6.559   5.684   1.00 16.49 ? 47 ARG A C   1 
ATOM 171  O O   . ARG A 1 29 ? 12.867  6.690   6.303   1.00 14.63 ? 47 ARG A O   1 
ATOM 172  C CB  . ARG A 1 29 ? 15.550  5.139   6.761   1.00 18.46 ? 47 ARG A CB  1 
ATOM 173  C CG  . ARG A 1 29 ? 14.991  4.609   8.047   1.00 20.96 ? 47 ARG A CG  1 
ATOM 174  C CD  . ARG A 1 29 ? 16.194  4.411   8.966   1.00 22.92 ? 47 ARG A CD  1 
ATOM 175  N NE  . ARG A 1 29 ? 15.739  5.103   10.147  1.00 24.30 ? 47 ARG A NE  1 
ATOM 176  C CZ  . ARG A 1 29 ? 16.037  6.389   10.390  1.00 26.17 ? 47 ARG A CZ  1 
ATOM 177  N NH1 . ARG A 1 29 ? 16.809  7.141   9.581   1.00 26.38 ? 47 ARG A NH1 1 
ATOM 178  N NH2 . ARG A 1 29 ? 15.388  7.004   11.399  1.00 26.76 ? 47 ARG A NH2 1 
ATOM 179  N N   . GLN A 1 30 ? 14.430  7.553   4.975   1.00 19.12 ? 48 GLN A N   1 
ATOM 180  C CA  . GLN A 1 30 ? 13.854  8.906   4.832   1.00 20.98 ? 48 GLN A CA  1 
ATOM 181  C C   . GLN A 1 30 ? 12.553  8.921   4.000   1.00 21.14 ? 48 GLN A C   1 
ATOM 182  O O   . GLN A 1 30 ? 11.489  9.437   4.415   1.00 21.58 ? 48 GLN A O   1 
ATOM 183  C CB  . GLN A 1 30 ? 14.867  9.829   4.160   1.00 23.40 ? 48 GLN A CB  1 
ATOM 184  C CG  . GLN A 1 30 ? 16.218  9.734   4.890   1.00 27.37 ? 48 GLN A CG  1 
ATOM 185  C CD  . GLN A 1 30 ? 17.272  8.930   4.135   1.00 30.06 ? 48 GLN A CD  1 
ATOM 186  O OE1 . GLN A 1 30 ? 17.470  7.722   4.398   1.00 29.07 ? 48 GLN A OE1 1 
ATOM 187  N NE2 . GLN A 1 30 ? 17.950  9.637   3.182   1.00 30.11 ? 48 GLN A NE2 1 
ATOM 188  N N   . SER A 1 31 ? 12.619  8.267   2.836   1.00 21.37 ? 49 SER A N   1 
ATOM 189  C CA  . SER A 1 31 ? 11.456  8.066   2.013   1.00 21.73 ? 49 SER A CA  1 
ATOM 190  C C   . SER A 1 31 ? 10.337  7.428   2.786   1.00 19.97 ? 49 SER A C   1 
ATOM 191  O O   . SER A 1 31 ? 9.212   7.921   2.731   1.00 18.83 ? 49 SER A O   1 
ATOM 192  C CB  . SER A 1 31 ? 11.760  7.169   0.854   1.00 23.81 ? 49 SER A CB  1 
ATOM 193  O OG  . SER A 1 31 ? 12.872  7.662   0.103   1.00 27.15 ? 49 SER A OG  1 
ATOM 194  N N   . ILE A 1 32 ? 10.668  6.394   3.557   1.00 17.98 ? 50 ILE A N   1 
ATOM 195  C CA  . ILE A 1 32 ? 9.660   5.653   4.310   1.00 15.61 ? 50 ILE A CA  1 
ATOM 196  C C   . ILE A 1 32 ? 9.167   6.507   5.476   1.00 15.63 ? 50 ILE A C   1 
ATOM 197  O O   . ILE A 1 32 ? 7.980   6.451   5.720   1.00 16.70 ? 50 ILE A O   1 
ATOM 198  C CB  . ILE A 1 32 ? 10.280  4.281   4.774   1.00 12.16 ? 50 ILE A CB  1 
ATOM 199  C CG1 . ILE A 1 32 ? 10.646  3.411   3.607   1.00 9.10  ? 50 ILE A CG1 1 
ATOM 200  C CG2 . ILE A 1 32 ? 9.282   3.559   5.655   1.00 12.69 ? 50 ILE A CG2 1 
ATOM 201  C CD1 . ILE A 1 32 ? 11.515  2.179   3.899   1.00 7.90  ? 50 ILE A CD1 1 
ATOM 202  N N   . GLN A 1 33 ? 9.919   7.325   6.221   1.00 18.85 ? 51 GLN A N   1 
ATOM 203  C CA  . GLN A 1 33 ? 9.344   8.166   7.271   1.00 21.22 ? 51 GLN A CA  1 
ATOM 204  C C   . GLN A 1 33 ? 8.509   9.238   6.587   1.00 21.53 ? 51 GLN A C   1 
ATOM 205  O O   . GLN A 1 33 ? 7.383   9.444   7.060   1.00 23.46 ? 51 GLN A O   1 
ATOM 206  C CB  . GLN A 1 33 ? 10.360  8.947   8.184   1.00 23.84 ? 51 GLN A CB  1 
ATOM 207  C CG  . GLN A 1 33 ? 11.702  8.231   8.581   1.00 27.97 ? 51 GLN A CG  1 
ATOM 208  C CD  . GLN A 1 33 ? 12.227  8.400   10.032  1.00 30.55 ? 51 GLN A CD  1 
ATOM 209  O OE1 . GLN A 1 33 ? 12.679  7.405   10.645  1.00 31.39 ? 51 GLN A OE1 1 
ATOM 210  N NE2 . GLN A 1 33 ? 12.148  9.563   10.708  1.00 29.61 ? 51 GLN A NE2 1 
ATOM 211  N N   . LYS A 1 34 ? 8.922   9.941   5.507   1.00 22.15 ? 52 LYS A N   1 
ATOM 212  C CA  . LYS A 1 34 ? 8.036   10.913  4.915   1.00 22.55 ? 52 LYS A CA  1 
ATOM 213  C C   . LYS A 1 34 ? 6.722   10.317  4.366   1.00 22.45 ? 52 LYS A C   1 
ATOM 214  O O   . LYS A 1 34 ? 5.663   10.992  4.467   1.00 22.69 ? 52 LYS A O   1 
ATOM 215  C CB  . LYS A 1 34 ? 8.762   11.667  3.801   1.00 24.14 ? 52 LYS A CB  1 
ATOM 216  C CG  . LYS A 1 34 ? 10.011  12.454  4.273   1.00 28.09 ? 52 LYS A CG  1 
ATOM 217  C CD  . LYS A 1 34 ? 10.084  13.920  3.701   1.00 29.29 ? 52 LYS A CD  1 
ATOM 218  C CE  . LYS A 1 34 ? 11.428  14.541  3.198   1.00 27.98 ? 52 LYS A CE  1 
ATOM 219  N NZ  . LYS A 1 34 ? 12.007  13.798  2.060   1.00 26.50 ? 52 LYS A NZ  1 
ATOM 220  N N   . TYR A 1 35 ? 6.637   9.065   3.860   1.00 20.81 ? 53 TYR A N   1 
ATOM 221  C CA  . TYR A 1 35 ? 5.369   8.512   3.355   1.00 19.23 ? 53 TYR A CA  1 
ATOM 222  C C   . TYR A 1 35 ? 4.357   8.193   4.458   1.00 19.15 ? 53 TYR A C   1 
ATOM 223  O O   . TYR A 1 35 ? 3.136   8.419   4.406   1.00 18.59 ? 53 TYR A O   1 
ATOM 224  C CB  . TYR A 1 35 ? 5.730   7.285   2.549   1.00 18.57 ? 53 TYR A CB  1 
ATOM 225  C CG  . TYR A 1 35 ? 4.521   6.568   1.985   1.00 21.30 ? 53 TYR A CG  1 
ATOM 226  C CD1 . TYR A 1 35 ? 3.820   5.663   2.750   1.00 19.69 ? 53 TYR A CD1 1 
ATOM 227  C CD2 . TYR A 1 35 ? 4.111   6.833   0.680   1.00 22.55 ? 53 TYR A CD2 1 
ATOM 228  C CE1 . TYR A 1 35 ? 2.736   5.022   2.246   1.00 19.22 ? 53 TYR A CE1 1 
ATOM 229  C CE2 . TYR A 1 35 ? 3.006   6.189   0.167   1.00 20.68 ? 53 TYR A CE2 1 
ATOM 230  C CZ  . TYR A 1 35 ? 2.347   5.293   0.976   1.00 20.14 ? 53 TYR A CZ  1 
ATOM 231  O OH  . TYR A 1 35 ? 1.227   4.698   0.503   1.00 19.44 ? 53 TYR A OH  1 
ATOM 232  N N   . ILE A 1 36 ? 4.864   7.464   5.424   1.00 19.12 ? 54 ILE A N   1 
ATOM 233  C CA  . ILE A 1 36 ? 4.112   7.095   6.609   1.00 19.48 ? 54 ILE A CA  1 
ATOM 234  C C   . ILE A 1 36 ? 3.642   8.334   7.336   1.00 19.49 ? 54 ILE A C   1 
ATOM 235  O O   . ILE A 1 36 ? 2.492   8.375   7.710   1.00 18.95 ? 54 ILE A O   1 
ATOM 236  C CB  . ILE A 1 36 ? 5.000   6.240   7.538   1.00 18.89 ? 54 ILE A CB  1 
ATOM 237  C CG1 . ILE A 1 36 ? 5.268   4.898   6.866   1.00 18.16 ? 54 ILE A CG1 1 
ATOM 238  C CG2 . ILE A 1 36 ? 4.332   6.096   8.924   1.00 19.26 ? 54 ILE A CG2 1 
ATOM 239  C CD1 . ILE A 1 36 ? 6.162   3.928   7.674   1.00 19.57 ? 54 ILE A CD1 1 
ATOM 240  N N   . LYS A 1 37 ? 4.455   9.342   7.599   1.00 20.76 ? 55 LYS A N   1 
ATOM 241  C CA  . LYS A 1 37 ? 3.919   10.514  8.265   1.00 22.56 ? 55 LYS A CA  1 
ATOM 242  C C   . LYS A 1 37 ? 2.919   11.245  7.366   1.00 23.66 ? 55 LYS A C   1 
ATOM 243  O O   . LYS A 1 37 ? 1.907   11.709  7.886   1.00 22.68 ? 55 LYS A O   1 
ATOM 244  C CB  . LYS A 1 37 ? 5.062   11.435  8.655   1.00 22.82 ? 55 LYS A CB  1 
ATOM 245  C CG  . LYS A 1 37 ? 5.829   10.773  9.802   1.00 24.42 ? 55 LYS A CG  1 
ATOM 246  C CD  . LYS A 1 37 ? 6.991   11.587  10.421  1.00 23.86 ? 55 LYS A CD  1 
ATOM 247  C CE  . LYS A 1 37 ? 7.700   10.719  11.463  1.00 24.08 ? 55 LYS A CE  1 
ATOM 248  N NZ  . LYS A 1 37 ? 8.243   9.516   10.822  1.00 23.98 ? 55 LYS A NZ  1 
ATOM 249  N N   . SER A 1 38 ? 3.068   11.363  6.037   1.00 23.40 ? 56 SER A N   1 
ATOM 250  C CA  . SER A 1 38 ? 2.014   12.000  5.319   1.00 24.44 ? 56 SER A CA  1 
ATOM 251  C C   . SER A 1 38 ? 0.835   11.118  5.008   1.00 24.80 ? 56 SER A C   1 
ATOM 252  O O   . SER A 1 38 ? -0.025  11.668  4.299   1.00 26.48 ? 56 SER A O   1 
ATOM 253  C CB  . SER A 1 38 ? 2.530   12.585  4.026   1.00 26.07 ? 56 SER A CB  1 
ATOM 254  O OG  . SER A 1 38 ? 3.290   11.662  3.261   1.00 28.66 ? 56 SER A OG  1 
ATOM 255  N N   . HIS A 1 39 ? 0.675   9.832   5.414   1.00 23.58 ? 57 HIS A N   1 
ATOM 256  C CA  . HIS A 1 39 ? -0.528  9.038   5.115   1.00 22.37 ? 57 HIS A CA  1 
ATOM 257  C C   . HIS A 1 39 ? -1.262  8.345   6.273   1.00 22.56 ? 57 HIS A C   1 
ATOM 258  O O   . HIS A 1 39 ? -2.375  7.827   6.110   1.00 19.73 ? 57 HIS A O   1 
ATOM 259  C CB  . HIS A 1 39 ? -0.197  7.958   4.108   1.00 21.49 ? 57 HIS A CB  1 
ATOM 260  C CG  . HIS A 1 39 ? -0.060  8.470   2.682   1.00 21.79 ? 57 HIS A CG  1 
ATOM 261  N ND1 . HIS A 1 39 ? -0.848  9.257   1.968   1.00 20.57 ? 57 HIS A ND1 1 
ATOM 262  C CD2 . HIS A 1 39 ? 0.973   8.111   1.862   1.00 21.56 ? 57 HIS A CD2 1 
ATOM 263  C CE1 . HIS A 1 39 ? -0.352  9.374   0.775   1.00 18.26 ? 57 HIS A CE1 1 
ATOM 264  N NE2 . HIS A 1 39 ? 0.736   8.685   0.715   1.00 19.95 ? 57 HIS A NE2 1 
ATOM 265  N N   . TYR A 1 40 ? -0.725  8.352   7.488   1.00 23.04 ? 58 TYR A N   1 
ATOM 266  C CA  . TYR A 1 40 ? -1.364  7.660   8.608   1.00 23.81 ? 58 TYR A CA  1 
ATOM 267  C C   . TYR A 1 40 ? -1.265  8.570   9.835   1.00 25.63 ? 58 TYR A C   1 
ATOM 268  O O   . TYR A 1 40 ? -0.466  9.525   9.864   1.00 26.10 ? 58 TYR A O   1 
ATOM 269  C CB  . TYR A 1 40 ? -0.674  6.295   8.934   1.00 20.78 ? 58 TYR A CB  1 
ATOM 270  C CG  . TYR A 1 40 ? -0.454  5.340   7.748   1.00 17.20 ? 58 TYR A CG  1 
ATOM 271  C CD1 . TYR A 1 40 ? 0.644   5.513   6.917   1.00 14.29 ? 58 TYR A CD1 1 
ATOM 272  C CD2 . TYR A 1 40 ? -1.360  4.309   7.529   1.00 16.28 ? 58 TYR A CD2 1 
ATOM 273  C CE1 . TYR A 1 40 ? 0.847   4.678   5.876   1.00 11.69 ? 58 TYR A CE1 1 
ATOM 274  C CE2 . TYR A 1 40 ? -1.150  3.470   6.485   1.00 13.91 ? 58 TYR A CE2 1 
ATOM 275  C CZ  . TYR A 1 40 ? -0.063  3.681   5.681   1.00 13.73 ? 58 TYR A CZ  1 
ATOM 276  O OH  . TYR A 1 40 ? 0.070   2.874   4.589   1.00 13.14 ? 58 TYR A OH  1 
ATOM 277  N N   . LYS A 1 41 ? -2.092  8.257   10.849  1.00 26.60 ? 59 LYS A N   1 
ATOM 278  C CA  . LYS A 1 41 ? -2.215  9.087   12.044  1.00 27.59 ? 59 LYS A CA  1 
ATOM 279  C C   . LYS A 1 41 ? -1.226  8.603   13.093  1.00 27.09 ? 59 LYS A C   1 
ATOM 280  O O   . LYS A 1 41 ? -1.578  7.871   14.037  1.00 27.20 ? 59 LYS A O   1 
ATOM 281  C CB  . LYS A 1 41 ? -3.703  9.023   12.587  1.00 29.39 ? 59 LYS A CB  1 
ATOM 282  C CG  . LYS A 1 41 ? -4.549  10.347  12.586  1.00 32.08 ? 59 LYS A CG  1 
ATOM 283  C CD  . LYS A 1 41 ? -4.825  10.809  11.113  1.00 32.69 ? 59 LYS A CD  1 
ATOM 284  C CE  . LYS A 1 41 ? -5.606  12.128  10.940  1.00 33.49 ? 59 LYS A CE  1 
ATOM 285  N NZ  . LYS A 1 41 ? -4.713  13.241  11.237  1.00 34.09 ? 59 LYS A NZ  1 
ATOM 286  N N   . VAL A 1 42 ? 0.042   8.930   12.861  1.00 25.28 ? 60 VAL A N   1 
ATOM 287  C CA  . VAL A 1 42 ? 1.142   8.535   13.744  1.00 22.52 ? 60 VAL A CA  1 
ATOM 288  C C   . VAL A 1 42 ? 1.508   9.614   14.742  1.00 22.28 ? 60 VAL A C   1 
ATOM 289  O O   . VAL A 1 42 ? 1.171   10.792  14.527  1.00 23.61 ? 60 VAL A O   1 
ATOM 290  C CB  . VAL A 1 42 ? 2.404   8.150   12.915  1.00 20.90 ? 60 VAL A CB  1 
ATOM 291  C CG1 . VAL A 1 42 ? 2.093   6.869   12.212  1.00 19.19 ? 60 VAL A CG1 1 
ATOM 292  C CG2 . VAL A 1 42 ? 2.757   9.122   11.827  1.00 18.75 ? 60 VAL A CG2 1 
ATOM 293  N N   . GLY A 1 43 ? 2.173   9.213   15.845  1.00 21.14 ? 61 GLY A N   1 
ATOM 294  C CA  . GLY A 1 43 ? 2.547   10.107  16.915  1.00 17.50 ? 61 GLY A CA  1 
ATOM 295  C C   . GLY A 1 43 ? 3.960   10.585  16.732  1.00 17.80 ? 61 GLY A C   1 
ATOM 296  O O   . GLY A 1 43 ? 4.599   10.337  15.720  1.00 17.72 ? 61 GLY A O   1 
ATOM 297  N N   . HIS A 1 44 ? 4.493   11.255  17.762  1.00 18.85 ? 62 HIS A N   1 
ATOM 298  C CA  . HIS A 1 44 ? 5.838   11.840  17.779  1.00 19.76 ? 62 HIS A CA  1 
ATOM 299  C C   . HIS A 1 44 ? 6.922   10.828  17.968  1.00 19.37 ? 62 HIS A C   1 
ATOM 300  O O   . HIS A 1 44 ? 8.036   11.192  17.694  1.00 21.32 ? 62 HIS A O   1 
ATOM 301  C CB  . HIS A 1 44 ? 6.034   12.928  18.901  1.00 23.66 ? 62 HIS A CB  1 
ATOM 302  C CG  . HIS A 1 44 ? 5.396   14.239  18.438  1.00 27.71 ? 62 HIS A CG  1 
ATOM 303  N ND1 . HIS A 1 44 ? 4.174   14.690  18.717  1.00 27.72 ? 62 HIS A ND1 1 
ATOM 304  C CD2 . HIS A 1 44 ? 5.928   15.071  17.438  1.00 28.87 ? 62 HIS A CD2 1 
ATOM 305  C CE1 . HIS A 1 44 ? 3.959   15.726  17.898  1.00 29.36 ? 62 HIS A CE1 1 
ATOM 306  N NE2 . HIS A 1 44 ? 4.995   15.962  17.135  1.00 28.04 ? 62 HIS A NE2 1 
ATOM 307  N N   . ASN A 1 45 ? 6.707   9.570   18.338  1.00 18.63 ? 63 ASN A N   1 
ATOM 308  C CA  . ASN A 1 45 ? 7.788   8.600   18.427  1.00 16.74 ? 63 ASN A CA  1 
ATOM 309  C C   . ASN A 1 45 ? 7.955   7.720   17.225  1.00 17.83 ? 63 ASN A C   1 
ATOM 310  O O   . ASN A 1 45 ? 8.643   6.697   17.286  1.00 17.99 ? 63 ASN A O   1 
ATOM 311  C CB  . ASN A 1 45 ? 7.561   7.747   19.597  1.00 16.28 ? 63 ASN A CB  1 
ATOM 312  C CG  . ASN A 1 45 ? 7.778   8.525   20.849  1.00 13.90 ? 63 ASN A CG  1 
ATOM 313  O OD1 . ASN A 1 45 ? 8.692   9.305   20.833  1.00 17.21 ? 63 ASN A OD1 1 
ATOM 314  N ND2 . ASN A 1 45 ? 7.093   8.403   21.965  1.00 10.70 ? 63 ASN A ND2 1 
ATOM 315  N N   . ALA A 1 46 ? 7.356   8.136   16.080  1.00 19.33 ? 64 ALA A N   1 
ATOM 316  C CA  . ALA A 1 46 ? 7.337   7.366   14.812  1.00 18.29 ? 64 ALA A CA  1 
ATOM 317  C C   . ALA A 1 46 ? 8.681   7.107   14.179  1.00 16.74 ? 64 ALA A C   1 
ATOM 318  O O   . ALA A 1 46 ? 8.841   6.035   13.622  1.00 16.20 ? 64 ALA A O   1 
ATOM 319  C CB  . ALA A 1 46 ? 6.466   8.062   13.750  1.00 18.41 ? 64 ALA A CB  1 
ATOM 320  N N   . ASP A 1 47 ? 9.608   8.071   14.269  1.00 16.85 ? 65 ASP A N   1 
ATOM 321  C CA  . ASP A 1 47 ? 11.030  8.012   13.877  1.00 16.90 ? 65 ASP A CA  1 
ATOM 322  C C   . ASP A 1 47 ? 11.746  6.783   14.471  1.00 15.85 ? 65 ASP A C   1 
ATOM 323  O O   . ASP A 1 47 ? 12.336  5.941   13.812  1.00 14.82 ? 65 ASP A O   1 
ATOM 324  C CB  . ASP A 1 47 ? 11.698  9.358   14.352  1.00 20.61 ? 65 ASP A CB  1 
ATOM 325  C CG  . ASP A 1 47 ? 11.628  10.012  15.802  1.00 23.24 ? 65 ASP A CG  1 
ATOM 326  O OD1 . ASP A 1 47 ? 10.807  9.697   16.679  1.00 22.36 ? 65 ASP A OD1 1 
ATOM 327  O OD2 . ASP A 1 47 ? 12.459  10.892  16.069  1.00 25.53 ? 65 ASP A OD2 1 
ATOM 328  N N   . LEU A 1 48 ? 11.595  6.680   15.790  1.00 16.17 ? 66 LEU A N   1 
ATOM 329  C CA  . LEU A 1 48 ? 12.038  5.572   16.594  1.00 15.74 ? 66 LEU A CA  1 
ATOM 330  C C   . LEU A 1 48 ? 11.365  4.260   16.180  1.00 14.85 ? 66 LEU A C   1 
ATOM 331  O O   . LEU A 1 48 ? 12.007  3.277   15.794  1.00 13.79 ? 66 LEU A O   1 
ATOM 332  C CB  . LEU A 1 48 ? 11.750  6.030   18.028  1.00 17.12 ? 66 LEU A CB  1 
ATOM 333  C CG  . LEU A 1 48 ? 12.676  7.123   18.599  1.00 19.71 ? 66 LEU A CG  1 
ATOM 334  C CD1 . LEU A 1 48 ? 12.539  7.230   20.081  1.00 21.00 ? 66 LEU A CD1 1 
ATOM 335  C CD2 . LEU A 1 48 ? 14.136  6.729   18.447  1.00 21.51 ? 66 LEU A CD2 1 
ATOM 336  N N   . GLN A 1 49 ? 10.024  4.246   16.173  1.00 14.92 ? 67 GLN A N   1 
ATOM 337  C CA  . GLN A 1 49 ? 9.235   3.123   15.686  1.00 14.09 ? 67 GLN A CA  1 
ATOM 338  C C   . GLN A 1 49 ? 9.491   2.749   14.255  1.00 13.91 ? 67 GLN A C   1 
ATOM 339  O O   . GLN A 1 49 ? 9.512   1.544   14.038  1.00 17.08 ? 67 GLN A O   1 
ATOM 340  C CB  . GLN A 1 49 ? 7.761   3.404   15.882  1.00 14.94 ? 67 GLN A CB  1 
ATOM 341  C CG  . GLN A 1 49 ? 7.424   3.274   17.348  1.00 15.97 ? 67 GLN A CG  1 
ATOM 342  C CD  . GLN A 1 49 ? 6.054   3.720   17.855  1.00 19.01 ? 67 GLN A CD  1 
ATOM 343  O OE1 . GLN A 1 49 ? 5.351   2.904   18.432  1.00 19.48 ? 67 GLN A OE1 1 
ATOM 344  N NE2 . GLN A 1 49 ? 5.573   4.960   17.779  1.00 16.95 ? 67 GLN A NE2 1 
ATOM 345  N N   . ILE A 1 50 ? 9.764   3.607   13.272  1.00 12.78 ? 68 ILE A N   1 
ATOM 346  C CA  . ILE A 1 50 ? 10.090  3.146   11.950  1.00 11.97 ? 68 ILE A CA  1 
ATOM 347  C C   . ILE A 1 50 ? 11.463  2.524   11.916  1.00 13.88 ? 68 ILE A C   1 
ATOM 348  O O   . ILE A 1 50 ? 11.573  1.511   11.228  1.00 16.07 ? 68 ILE A O   1 
ATOM 349  C CB  . ILE A 1 50 ? 9.944   4.321   10.915  1.00 10.86 ? 68 ILE A CB  1 
ATOM 350  C CG1 . ILE A 1 50 ? 8.421   4.681   10.767  1.00 9.74  ? 68 ILE A CG1 1 
ATOM 351  C CG2 . ILE A 1 50 ? 10.504  3.929   9.552   1.00 7.94  ? 68 ILE A CG2 1 
ATOM 352  C CD1 . ILE A 1 50 ? 7.910   6.032   10.246  1.00 9.47  ? 68 ILE A CD1 1 
ATOM 353  N N   . LYS A 1 51 ? 12.497  2.981   12.636  1.00 14.51 ? 69 LYS A N   1 
ATOM 354  C CA  . LYS A 1 51 ? 13.818  2.338   12.666  1.00 14.64 ? 69 LYS A CA  1 
ATOM 355  C C   . LYS A 1 51 ? 13.800  0.964   13.315  1.00 14.77 ? 69 LYS A C   1 
ATOM 356  O O   . LYS A 1 51 ? 14.416  0.005   12.837  1.00 14.48 ? 69 LYS A O   1 
ATOM 357  C CB  . LYS A 1 51 ? 14.912  3.091   13.457  1.00 17.02 ? 69 LYS A CB  1 
ATOM 358  C CG  . LYS A 1 51 ? 15.108  4.603   13.414  1.00 19.01 ? 69 LYS A CG  1 
ATOM 359  C CD  . LYS A 1 51 ? 16.533  4.860   13.938  1.00 23.76 ? 69 LYS A CD  1 
ATOM 360  C CE  . LYS A 1 51 ? 16.791  6.146   14.729  1.00 22.99 ? 69 LYS A CE  1 
ATOM 361  N NZ  . LYS A 1 51 ? 16.780  7.333   13.897  1.00 24.87 ? 69 LYS A NZ  1 
ATOM 362  N N   . LEU A 1 52 ? 13.106  0.855   14.448  1.00 15.40 ? 70 LEU A N   1 
ATOM 363  C CA  . LEU A 1 52 ? 12.943  -0.417  15.115  1.00 16.09 ? 70 LEU A CA  1 
ATOM 364  C C   . LEU A 1 52 ? 12.301  -1.462  14.178  1.00 16.36 ? 70 LEU A C   1 
ATOM 365  O O   . LEU A 1 52 ? 13.017  -2.447  13.888  1.00 17.09 ? 70 LEU A O   1 
ATOM 366  C CB  . LEU A 1 52 ? 12.132  -0.144  16.387  1.00 16.78 ? 70 LEU A CB  1 
ATOM 367  C CG  . LEU A 1 52 ? 12.142  -1.230  17.496  1.00 18.01 ? 70 LEU A CG  1 
ATOM 368  C CD1 . LEU A 1 52 ? 13.592  -1.647  17.856  1.00 16.04 ? 70 LEU A CD1 1 
ATOM 369  C CD2 . LEU A 1 52 ? 11.305  -0.709  18.662  1.00 15.81 ? 70 LEU A CD2 1 
ATOM 370  N N   . SER A 1 53 ? 11.090  -1.308  13.593  1.00 15.79 ? 71 SER A N   1 
ATOM 371  C CA  . SER A 1 53 ? 10.564  -2.285  12.642  1.00 14.11 ? 71 SER A CA  1 
ATOM 372  C C   . SER A 1 53 ? 11.471  -2.554  11.474  1.00 13.38 ? 71 SER A C   1 
ATOM 373  O O   . SER A 1 53 ? 11.531  -3.709  11.104  1.00 14.67 ? 71 SER A O   1 
ATOM 374  C CB  . SER A 1 53 ? 9.290   -1.940  11.900  1.00 14.22 ? 71 SER A CB  1 
ATOM 375  O OG  . SER A 1 53 ? 8.333   -1.303  12.672  1.00 16.07 ? 71 SER A OG  1 
ATOM 376  N N   . ILE A 1 54 ? 12.127  -1.601  10.805  1.00 12.86 ? 72 ILE A N   1 
ATOM 377  C CA  . ILE A 1 54 ? 13.056  -1.934  9.757   1.00 12.88 ? 72 ILE A CA  1 
ATOM 378  C C   . ILE A 1 54 ? 14.159  -2.842  10.314  1.00 14.45 ? 72 ILE A C   1 
ATOM 379  O O   . ILE A 1 54 ? 14.419  -3.856  9.683   1.00 13.70 ? 72 ILE A O   1 
ATOM 380  C CB  . ILE A 1 54 ? 13.592  -0.631  9.170   1.00 10.42 ? 72 ILE A CB  1 
ATOM 381  C CG1 . ILE A 1 54 ? 12.603  0.023   8.264   1.00 10.53 ? 72 ILE A CG1 1 
ATOM 382  C CG2 . ILE A 1 54 ? 14.785  -0.936  8.325   1.00 11.77 ? 72 ILE A CG2 1 
ATOM 383  C CD1 . ILE A 1 54 ? 13.026  1.422   7.948   1.00 9.00  ? 72 ILE A CD1 1 
ATOM 384  N N   . ARG A 1 55 ? 14.711  -2.606  11.514  1.00 17.05 ? 73 ARG A N   1 
ATOM 385  C CA  . ARG A 1 55 ? 15.732  -3.456  12.094  1.00 19.41 ? 73 ARG A CA  1 
ATOM 386  C C   . ARG A 1 55 ? 15.185  -4.870  12.287  1.00 19.19 ? 73 ARG A C   1 
ATOM 387  O O   . ARG A 1 55 ? 15.791  -5.892  11.923  1.00 21.04 ? 73 ARG A O   1 
ATOM 388  C CB  . ARG A 1 55 ? 16.197  -2.856  13.429  1.00 21.39 ? 73 ARG A CB  1 
ATOM 389  C CG  . ARG A 1 55 ? 16.878  -1.498  13.346  1.00 24.34 ? 73 ARG A CG  1 
ATOM 390  C CD  . ARG A 1 55 ? 18.356  -1.457  13.077  1.00 26.98 ? 73 ARG A CD  1 
ATOM 391  N NE  . ARG A 1 55 ? 19.106  -1.685  14.322  1.00 31.66 ? 73 ARG A NE  1 
ATOM 392  C CZ  . ARG A 1 55 ? 19.359  -0.750  15.280  1.00 31.73 ? 73 ARG A CZ  1 
ATOM 393  N NH1 . ARG A 1 55 ? 18.957  0.514   15.149  1.00 31.82 ? 73 ARG A NH1 1 
ATOM 394  N NH2 . ARG A 1 55 ? 19.809  -1.108  16.518  1.00 31.71 ? 73 ARG A NH2 1 
ATOM 395  N N   . ARG A 1 56 ? 13.963  -4.962  12.760  1.00 17.61 ? 74 ARG A N   1 
ATOM 396  C CA  . ARG A 1 56 ? 13.293  -6.226  12.863  1.00 16.89 ? 74 ARG A CA  1 
ATOM 397  C C   . ARG A 1 56 ? 12.931  -6.899  11.563  1.00 17.69 ? 74 ARG A C   1 
ATOM 398  O O   . ARG A 1 56 ? 13.047  -8.111  11.401  1.00 19.27 ? 74 ARG A O   1 
ATOM 399  C CB  . ARG A 1 56 ? 12.070  -5.995  13.691  1.00 16.34 ? 74 ARG A CB  1 
ATOM 400  C CG  . ARG A 1 56 ? 12.524  -5.830  15.096  1.00 13.53 ? 74 ARG A CG  1 
ATOM 401  C CD  . ARG A 1 56 ? 11.329  -5.528  15.889  1.00 12.01 ? 74 ARG A CD  1 
ATOM 402  N NE  . ARG A 1 56 ? 11.805  -5.387  17.209  1.00 13.19 ? 74 ARG A NE  1 
ATOM 403  C CZ  . ARG A 1 56 ? 11.045  -4.995  18.196  1.00 15.06 ? 74 ARG A CZ  1 
ATOM 404  N NH1 . ARG A 1 56 ? 9.780   -4.697  17.964  1.00 16.84 ? 74 ARG A NH1 1 
ATOM 405  N NH2 . ARG A 1 56 ? 11.559  -4.955  19.439  1.00 13.87 ? 74 ARG A NH2 1 
ATOM 406  N N   . LEU A 1 57 ? 12.489  -6.167  10.546  1.00 18.02 ? 75 LEU A N   1 
ATOM 407  C CA  . LEU A 1 57 ? 12.028  -6.713  9.271   1.00 16.34 ? 75 LEU A CA  1 
ATOM 408  C C   . LEU A 1 57 ? 13.193  -7.166  8.419   1.00 16.78 ? 75 LEU A C   1 
ATOM 409  O O   . LEU A 1 57 ? 13.103  -7.954  7.491   1.00 19.13 ? 75 LEU A O   1 
ATOM 410  C CB  . LEU A 1 57 ? 11.206  -5.591  8.671   1.00 15.96 ? 75 LEU A CB  1 
ATOM 411  C CG  . LEU A 1 57 ? 9.658   -5.574  8.494   1.00 16.78 ? 75 LEU A CG  1 
ATOM 412  C CD1 . LEU A 1 57 ? 8.955   -6.413  9.549   1.00 15.43 ? 75 LEU A CD1 1 
ATOM 413  C CD2 . LEU A 1 57 ? 9.205   -4.152  8.425   1.00 13.49 ? 75 LEU A CD2 1 
ATOM 414  N N   . LEU A 1 58 ? 14.371  -6.687  8.699   1.00 16.75 ? 76 LEU A N   1 
ATOM 415  C CA  . LEU A 1 58 ? 15.576  -6.987  7.975   1.00 16.97 ? 76 LEU A CA  1 
ATOM 416  C C   . LEU A 1 58 ? 16.159  -8.276  8.595   1.00 17.41 ? 76 LEU A C   1 
ATOM 417  O O   . LEU A 1 58 ? 16.627  -9.179  7.917   1.00 17.33 ? 76 LEU A O   1 
ATOM 418  C CB  . LEU A 1 58 ? 16.329  -5.669  8.153   1.00 18.08 ? 76 LEU A CB  1 
ATOM 419  C CG  . LEU A 1 58 ? 17.410  -5.105  7.243   1.00 19.54 ? 76 LEU A CG  1 
ATOM 420  C CD1 . LEU A 1 58 ? 17.030  -5.184  5.780   1.00 19.51 ? 76 LEU A CD1 1 
ATOM 421  C CD2 . LEU A 1 58 ? 17.581  -3.639  7.609   1.00 19.67 ? 76 LEU A CD2 1 
ATOM 422  N N   . ALA A 1 59 ? 16.144  -8.382  9.916   1.00 17.62 ? 77 ALA A N   1 
ATOM 423  C CA  . ALA A 1 59 ? 16.421  -9.600  10.655  1.00 17.65 ? 77 ALA A CA  1 
ATOM 424  C C   . ALA A 1 59 ? 15.407  -10.758 10.349  1.00 18.30 ? 77 ALA A C   1 
ATOM 425  O O   . ALA A 1 59 ? 15.780  -11.909 10.063  1.00 17.58 ? 77 ALA A O   1 
ATOM 426  C CB  . ALA A 1 59 ? 16.366  -9.204  12.106  1.00 17.96 ? 77 ALA A CB  1 
ATOM 427  N N   . ALA A 1 60 ? 14.084  -10.557 10.365  1.00 17.34 ? 78 ALA A N   1 
ATOM 428  C CA  . ALA A 1 60 ? 13.133  -11.614 9.970   1.00 17.59 ? 78 ALA A CA  1 
ATOM 429  C C   . ALA A 1 60 ? 13.174  -12.128 8.528   1.00 17.86 ? 78 ALA A C   1 
ATOM 430  O O   . ALA A 1 60 ? 12.501  -13.102 8.193   1.00 18.98 ? 78 ALA A O   1 
ATOM 431  C CB  . ALA A 1 60 ? 11.685  -11.175 10.182  1.00 18.01 ? 78 ALA A CB  1 
ATOM 432  N N   . GLY A 1 61 ? 13.944  -11.498 7.663   1.00 18.27 ? 79 GLY A N   1 
ATOM 433  C CA  . GLY A 1 61 ? 13.974  -11.773 6.251   1.00 17.37 ? 79 GLY A CA  1 
ATOM 434  C C   . GLY A 1 61 ? 12.898  -11.083 5.417   1.00 17.89 ? 79 GLY A C   1 
ATOM 435  O O   . GLY A 1 61 ? 12.757  -11.449 4.249   1.00 17.82 ? 79 GLY A O   1 
ATOM 436  N N   . VAL A 1 62 ? 12.158  -10.059 5.838   1.00 17.11 ? 80 VAL A N   1 
ATOM 437  C CA  . VAL A 1 62 ? 11.090  -9.634  4.942   1.00 17.44 ? 80 VAL A CA  1 
ATOM 438  C C   . VAL A 1 62 ? 11.435  -8.426  4.121   1.00 18.48 ? 80 VAL A C   1 
ATOM 439  O O   . VAL A 1 62 ? 10.828  -8.156  3.079   1.00 18.25 ? 80 VAL A O   1 
ATOM 440  C CB  . VAL A 1 62 ? 9.693   -9.448  5.744   1.00 17.53 ? 80 VAL A CB  1 
ATOM 441  C CG1 . VAL A 1 62 ? 9.902   -9.764  7.219   1.00 18.67 ? 80 VAL A CG1 1 
ATOM 442  C CG2 . VAL A 1 62 ? 9.063   -8.072  5.476   1.00 17.31 ? 80 VAL A CG2 1 
ATOM 443  N N   . LEU A 1 63 ? 12.469  -7.727  4.567   1.00 18.10 ? 81 LEU A N   1 
ATOM 444  C CA  . LEU A 1 63 ? 12.969  -6.560  3.875   1.00 16.95 ? 81 LEU A CA  1 
ATOM 445  C C   . LEU A 1 63 ? 14.330  -7.039  3.401   1.00 17.13 ? 81 LEU A C   1 
ATOM 446  O O   . LEU A 1 63 ? 14.948  -7.894  4.041   1.00 17.00 ? 81 LEU A O   1 
ATOM 447  C CB  . LEU A 1 63 ? 13.106  -5.418  4.871   1.00 15.62 ? 81 LEU A CB  1 
ATOM 448  C CG  . LEU A 1 63 ? 12.373  -4.152  4.688   1.00 14.52 ? 81 LEU A CG  1 
ATOM 449  C CD1 . LEU A 1 63 ? 10.951  -4.385  4.344   1.00 15.73 ? 81 LEU A CD1 1 
ATOM 450  C CD2 . LEU A 1 63 ? 12.497  -3.384  5.953   1.00 13.12 ? 81 LEU A CD2 1 
ATOM 451  N N   . LYS A 1 64 ? 14.802  -6.580  2.275   1.00 17.04 ? 82 LYS A N   1 
ATOM 452  C CA  . LYS A 1 64 ? 16.165  -6.848  1.911   1.00 18.42 ? 82 LYS A CA  1 
ATOM 453  C C   . LYS A 1 64 ? 16.787  -5.465  1.945   1.00 18.67 ? 82 LYS A C   1 
ATOM 454  O O   . LYS A 1 64 ? 16.053  -4.507  2.124   1.00 18.79 ? 82 LYS A O   1 
ATOM 455  C CB  . LYS A 1 64 ? 16.233  -7.438  0.532   1.00 19.40 ? 82 LYS A CB  1 
ATOM 456  C CG  . LYS A 1 64 ? 15.660  -8.834  0.551   1.00 21.39 ? 82 LYS A CG  1 
ATOM 457  C CD  . LYS A 1 64 ? 16.693  -9.909  0.878   1.00 24.02 ? 82 LYS A CD  1 
ATOM 458  C CE  . LYS A 1 64 ? 16.201  -11.003 1.807   1.00 24.06 ? 82 LYS A CE  1 
ATOM 459  N NZ  . LYS A 1 64 ? 16.457  -10.551 3.156   1.00 26.83 ? 82 LYS A NZ  1 
ATOM 460  N N   . GLN A 1 65 ? 18.111  -5.277  1.849   1.00 19.59 ? 83 GLN A N   1 
ATOM 461  C CA  . GLN A 1 65 ? 18.797  -3.990  1.775   1.00 18.11 ? 83 GLN A CA  1 
ATOM 462  C C   . GLN A 1 65 ? 19.926  -3.987  0.740   1.00 17.98 ? 83 GLN A C   1 
ATOM 463  O O   . GLN A 1 65 ? 20.386  -5.038  0.280   1.00 16.01 ? 83 GLN A O   1 
ATOM 464  C CB  . GLN A 1 65 ? 19.320  -3.737  3.092   1.00 18.10 ? 83 GLN A CB  1 
ATOM 465  C CG  . GLN A 1 65 ? 20.510  -2.865  3.246   1.00 20.58 ? 83 GLN A CG  1 
ATOM 466  C CD  . GLN A 1 65 ? 20.876  -2.636  4.680   1.00 20.47 ? 83 GLN A CD  1 
ATOM 467  O OE1 . GLN A 1 65 ? 20.723  -1.516  5.141   1.00 21.85 ? 83 GLN A OE1 1 
ATOM 468  N NE2 . GLN A 1 65 ? 21.325  -3.664  5.408   1.00 20.80 ? 83 GLN A NE2 1 
ATOM 469  N N   . THR A 1 66 ? 20.232  -2.774  0.288   1.00 18.07 ? 84 THR A N   1 
ATOM 470  C CA  . THR A 1 66 ? 21.429  -2.510  -0.461  1.00 18.95 ? 84 THR A CA  1 
ATOM 471  C C   . THR A 1 66 ? 22.118  -1.261  0.044   1.00 19.87 ? 84 THR A C   1 
ATOM 472  O O   . THR A 1 66 ? 21.523  -0.218  0.339   1.00 20.31 ? 84 THR A O   1 
ATOM 473  C CB  . THR A 1 66 ? 21.170  -2.330  -1.948  1.00 19.69 ? 84 THR A CB  1 
ATOM 474  O OG1 . THR A 1 66 ? 20.243  -3.356  -2.263  1.00 20.19 ? 84 THR A OG1 1 
ATOM 475  C CG2 . THR A 1 66 ? 22.416  -2.524  -2.842  1.00 18.59 ? 84 THR A CG2 1 
ATOM 476  N N   . LYS A 1 67 ? 23.423  -1.429  0.195   1.00 19.16 ? 85 LYS A N   1 
ATOM 477  C CA  . LYS A 1 67 ? 24.322  -0.382  0.609   1.00 17.32 ? 85 LYS A CA  1 
ATOM 478  C C   . LYS A 1 67 ? 25.266  -0.071  -0.543  1.00 17.37 ? 85 LYS A C   1 
ATOM 479  O O   . LYS A 1 67 ? 25.582  -0.997  -1.254  1.00 19.11 ? 85 LYS A O   1 
ATOM 480  C CB  . LYS A 1 67 ? 25.050  -0.898  1.831   1.00 16.91 ? 85 LYS A CB  1 
ATOM 481  C CG  . LYS A 1 67 ? 24.229  -0.522  3.005   1.00 17.21 ? 85 LYS A CG  1 
ATOM 482  C CD  . LYS A 1 67 ? 24.851  -0.980  4.297   1.00 16.95 ? 85 LYS A CD  1 
ATOM 483  C CE  . LYS A 1 67 ? 24.024  -0.256  5.379   1.00 19.21 ? 85 LYS A CE  1 
ATOM 484  N NZ  . LYS A 1 67 ? 24.231  -0.806  6.701   1.00 20.59 ? 85 LYS A NZ  1 
ATOM 485  N N   . GLY A 1 68 ? 25.682  1.167   -0.852  1.00 18.84 ? 86 GLY A N   1 
ATOM 486  C CA  . GLY A 1 68 ? 26.714  1.526   -1.811  1.00 17.10 ? 86 GLY A CA  1 
ATOM 487  C C   . GLY A 1 68 ? 27.702  2.373   -1.006  1.00 18.33 ? 86 GLY A C   1 
ATOM 488  O O   . GLY A 1 68 ? 27.668  2.308   0.217   1.00 16.07 ? 86 GLY A O   1 
ATOM 489  N N   . VAL A 1 69 ? 28.631  3.145   -1.590  1.00 20.26 ? 87 VAL A N   1 
ATOM 490  C CA  . VAL A 1 69 ? 29.464  4.125   -0.840  1.00 22.34 ? 87 VAL A CA  1 
ATOM 491  C C   . VAL A 1 69 ? 28.616  5.390   -0.651  1.00 25.13 ? 87 VAL A C   1 
ATOM 492  O O   . VAL A 1 69 ? 28.038  5.776   -1.705  1.00 26.25 ? 87 VAL A O   1 
ATOM 493  C CB  . VAL A 1 69 ? 30.703  4.575   -1.636  1.00 20.50 ? 87 VAL A CB  1 
ATOM 494  C CG1 . VAL A 1 69 ? 31.596  5.451   -0.753  1.00 21.61 ? 87 VAL A CG1 1 
ATOM 495  C CG2 . VAL A 1 69 ? 31.391  3.370   -2.201  1.00 19.34 ? 87 VAL A CG2 1 
ATOM 496  N N   . GLY A 1 70 ? 28.397  6.130   0.460   1.00 26.20 ? 88 GLY A N   1 
ATOM 497  C CA  . GLY A 1 70 ? 27.660  7.421   0.452   1.00 27.90 ? 88 GLY A CA  1 
ATOM 498  C C   . GLY A 1 70 ? 26.142  7.224   0.455   1.00 30.14 ? 88 GLY A C   1 
ATOM 499  O O   . GLY A 1 70 ? 25.315  8.021   1.002   1.00 32.22 ? 88 GLY A O   1 
ATOM 500  N N   . ALA A 1 71 ? 25.765  6.132   -0.244  1.00 30.58 ? 89 ALA A N   1 
ATOM 501  C CA  . ALA A 1 71 ? 24.428  5.585   -0.254  1.00 28.58 ? 89 ALA A CA  1 
ATOM 502  C C   . ALA A 1 71 ? 24.306  5.035   1.162   1.00 28.96 ? 89 ALA A C   1 
ATOM 503  O O   . ALA A 1 71 ? 24.812  3.977   1.648   1.00 27.72 ? 89 ALA A O   1 
ATOM 504  C CB  . ALA A 1 71 ? 24.261  4.396   -1.187  1.00 29.19 ? 89 ALA A CB  1 
ATOM 505  N N   . SER A 1 72 ? 23.530  5.944   1.698   1.00 28.60 ? 90 SER A N   1 
ATOM 506  C CA  . SER A 1 72 ? 23.043  5.847   3.022   1.00 28.59 ? 90 SER A CA  1 
ATOM 507  C C   . SER A 1 72 ? 22.191  4.618   3.359   1.00 27.98 ? 90 SER A C   1 
ATOM 508  O O   . SER A 1 72 ? 21.789  4.723   4.544   1.00 27.94 ? 90 SER A O   1 
ATOM 509  C CB  . SER A 1 72 ? 22.273  7.156   3.276   1.00 31.11 ? 90 SER A CB  1 
ATOM 510  O OG  . SER A 1 72 ? 22.854  8.267   2.540   1.00 33.72 ? 90 SER A OG  1 
ATOM 511  N N   . GLY A 1 73 ? 21.871  3.525   2.544   1.00 25.94 ? 91 GLY A N   1 
ATOM 512  C CA  . GLY A 1 73 ? 20.891  2.406   2.938   1.00 23.61 ? 91 GLY A CA  1 
ATOM 513  C C   . GLY A 1 73 ? 19.474  2.293   2.193   1.00 22.76 ? 91 GLY A C   1 
ATOM 514  O O   . GLY A 1 73 ? 18.532  3.092   2.412   1.00 19.93 ? 91 GLY A O   1 
ATOM 515  N N   . SER A 1 74 ? 19.192  1.356   1.276   1.00 20.30 ? 92 SER A N   1 
ATOM 516  C CA  . SER A 1 74 ? 17.908  1.297   0.578   1.00 19.94 ? 92 SER A CA  1 
ATOM 517  C C   . SER A 1 74 ? 17.181  -0.065  0.788   1.00 19.78 ? 92 SER A C   1 
ATOM 518  O O   . SER A 1 74 ? 17.809  -1.134  0.746   1.00 20.26 ? 92 SER A O   1 
ATOM 519  C CB  . SER A 1 74 ? 18.227  1.572   -0.875  1.00 19.57 ? 92 SER A CB  1 
ATOM 520  O OG  . SER A 1 74 ? 17.133  2.073   -1.629  1.00 21.85 ? 92 SER A OG  1 
ATOM 521  N N   . PHE A 1 75 ? 15.855  -0.056  1.009   1.00 18.37 ? 93 PHE A N   1 
ATOM 522  C CA  . PHE A 1 75 ? 15.021  -1.170  1.391   1.00 17.32 ? 93 PHE A CA  1 
ATOM 523  C C   . PHE A 1 75 ? 13.950  -1.634  0.399   1.00 18.54 ? 93 PHE A C   1 
ATOM 524  O O   . PHE A 1 75 ? 13.128  -0.894  -0.130  1.00 18.85 ? 93 PHE A O   1 
ATOM 525  C CB  . PHE A 1 75 ? 14.416  -0.772  2.732   1.00 18.68 ? 93 PHE A CB  1 
ATOM 526  C CG  . PHE A 1 75 ? 15.463  -0.584  3.861   1.00 19.52 ? 93 PHE A CG  1 
ATOM 527  C CD1 . PHE A 1 75 ? 16.373  -1.576  4.172   1.00 20.62 ? 93 PHE A CD1 1 
ATOM 528  C CD2 . PHE A 1 75 ? 15.560  0.611   4.545   1.00 19.36 ? 93 PHE A CD2 1 
ATOM 529  C CE1 . PHE A 1 75 ? 17.349  -1.367  5.121   1.00 20.75 ? 93 PHE A CE1 1 
ATOM 530  C CE2 . PHE A 1 75 ? 16.542  0.808   5.496   1.00 19.28 ? 93 PHE A CE2 1 
ATOM 531  C CZ  . PHE A 1 75 ? 17.433  -0.177  5.783   1.00 20.22 ? 93 PHE A CZ  1 
ATOM 532  N N   . ARG A 1 76 ? 13.922  -2.903  0.075   1.00 19.18 ? 94 ARG A N   1 
ATOM 533  C CA  . ARG A 1 76 ? 12.997  -3.503  -0.846  1.00 18.80 ? 94 ARG A CA  1 
ATOM 534  C C   . ARG A 1 76 ? 12.269  -4.625  -0.138  1.00 18.59 ? 94 ARG A C   1 
ATOM 535  O O   . ARG A 1 76 ? 12.820  -5.184  0.811   1.00 18.42 ? 94 ARG A O   1 
ATOM 536  C CB  . ARG A 1 76 ? 13.718  -4.080  -2.057  1.00 20.94 ? 94 ARG A CB  1 
ATOM 537  C CG  . ARG A 1 76 ? 15.153  -4.511  -2.064  1.00 26.41 ? 94 ARG A CG  1 
ATOM 538  C CD  . ARG A 1 76 ? 15.355  -6.017  -2.398  1.00 29.61 ? 94 ARG A CD  1 
ATOM 539  N NE  . ARG A 1 76 ? 16.795  -6.272  -2.604  1.00 33.77 ? 94 ARG A NE  1 
ATOM 540  C CZ  . ARG A 1 76 ? 17.253  -7.424  -3.162  1.00 37.16 ? 94 ARG A CZ  1 
ATOM 541  N NH1 . ARG A 1 76 ? 16.402  -8.430  -3.530  1.00 39.09 ? 94 ARG A NH1 1 
ATOM 542  N NH2 . ARG A 1 76 ? 18.564  -7.539  -3.562  1.00 37.28 ? 94 ARG A NH2 1 
ATOM 543  N N   . LEU A 1 77 ? 11.051  -5.003  -0.503  1.00 18.27 ? 95 LEU A N   1 
ATOM 544  C CA  . LEU A 1 77 ? 10.434  -6.146  0.142   1.00 19.01 ? 95 LEU A CA  1 
ATOM 545  C C   . LEU A 1 77 ? 11.091  -7.445  -0.354  1.00 20.87 ? 95 LEU A C   1 
ATOM 546  O O   . LEU A 1 77 ? 11.307  -7.578  -1.583  1.00 22.21 ? 95 LEU A O   1 
ATOM 547  C CB  . LEU A 1 77 ? 8.915   -6.109  -0.126  1.00 17.49 ? 95 LEU A CB  1 
ATOM 548  C CG  . LEU A 1 77 ? 8.082   -5.172  0.770   1.00 18.17 ? 95 LEU A CG  1 
ATOM 549  C CD1 . LEU A 1 77 ? 6.706   -4.991  0.270   1.00 15.37 ? 95 LEU A CD1 1 
ATOM 550  C CD2 . LEU A 1 77 ? 7.961   -5.776  2.153   1.00 16.84 ? 95 LEU A CD2 1 
ATOM 551  N N   . ALA A 1 78 ? 11.572  -8.403  0.501   1.00 22.06 ? 96 ALA A N   1 
ATOM 552  C CA  . ALA A 1 78 ? 12.047  -9.684  -0.046  1.00 22.74 ? 96 ALA A CA  1 
ATOM 553  C C   . ALA A 1 78 ? 10.682  -10.191 -0.528  1.00 25.44 ? 96 ALA A C   1 
ATOM 554  O O   . ALA A 1 78 ? 9.661   -10.119 0.186   1.00 25.83 ? 96 ALA A O   1 
ATOM 555  C CB  . ALA A 1 78 ? 12.501  -10.626 0.993   1.00 21.23 ? 96 ALA A CB  1 
ATOM 556  N N   . LYS A 1 79 ? 10.704  -10.468 -1.822  1.00 27.15 ? 97 LYS A N   1 
ATOM 557  C CA  . LYS A 1 79 ? 9.525   -10.768 -2.592  1.00 27.89 ? 97 LYS A CA  1 
ATOM 558  C C   . LYS A 1 79 ? 8.146   -10.274 -2.087  1.00 29.53 ? 97 LYS A C   1 
ATOM 559  O O   . LYS A 1 79 ? 7.954   -9.059  -1.866  1.00 28.16 ? 97 LYS A O   1 
ATOM 560  C CB  . LYS A 1 79 ? 9.592   -12.275 -2.803  1.00 28.86 ? 97 LYS A CB  1 
ATOM 561  C CG  . LYS A 1 79 ? 10.482  -12.634 -4.041  1.00 30.87 ? 97 LYS A CG  1 
ATOM 562  C CD  . LYS A 1 79 ? 11.235  -11.466 -4.755  1.00 33.33 ? 97 LYS A CD  1 
ATOM 563  C CE  . LYS A 1 79 ? 12.075  -11.849 -6.034  1.00 34.76 ? 97 LYS A CE  1 
ATOM 564  N NZ  . LYS A 1 79 ? 13.284  -12.677 -5.773  1.00 36.71 ? 97 LYS A NZ  1 
ATOM 565  N N   . SER B 1 6  ? -3.528  14.631  2.152   1.00 32.83 ? 24 SER B N   1 
ATOM 566  C CA  . SER B 1 6  ? -2.889  13.994  0.980   1.00 31.92 ? 24 SER B CA  1 
ATOM 567  C C   . SER B 1 6  ? -3.818  12.865  0.583   1.00 30.13 ? 24 SER B C   1 
ATOM 568  O O   . SER B 1 6  ? -4.877  12.813  1.226   1.00 30.83 ? 24 SER B O   1 
ATOM 569  C CB  . SER B 1 6  ? -1.482  13.420  1.413   1.00 33.17 ? 24 SER B CB  1 
ATOM 570  O OG  . SER B 1 6  ? -1.451  13.217  2.831   1.00 30.39 ? 24 SER B OG  1 
ATOM 571  N N   . HIS B 1 7  ? -3.458  12.105  -0.447  1.00 26.88 ? 25 HIS B N   1 
ATOM 572  C CA  . HIS B 1 7  ? -3.984  10.793  -0.874  1.00 24.69 ? 25 HIS B CA  1 
ATOM 573  C C   . HIS B 1 7  ? -4.050  10.774  -2.408  1.00 23.29 ? 25 HIS B C   1 
ATOM 574  O O   . HIS B 1 7  ? -4.467  11.775  -3.016  1.00 24.26 ? 25 HIS B O   1 
ATOM 575  C CB  . HIS B 1 7  ? -5.386  10.432  -0.281  1.00 21.54 ? 25 HIS B CB  1 
ATOM 576  C CG  . HIS B 1 7  ? -6.745  10.884  -0.805  1.00 20.70 ? 25 HIS B CG  1 
ATOM 577  N ND1 . HIS B 1 7  ? -7.730  11.473  -0.109  1.00 19.26 ? 25 HIS B ND1 1 
ATOM 578  C CD2 . HIS B 1 7  ? -7.248  10.614  -2.041  1.00 18.78 ? 25 HIS B CD2 1 
ATOM 579  C CE1 . HIS B 1 7  ? -8.771  11.545  -0.868  1.00 18.13 ? 25 HIS B CE1 1 
ATOM 580  N NE2 . HIS B 1 7  ? -8.464  11.024  -2.020  1.00 19.19 ? 25 HIS B NE2 1 
ATOM 581  N N   . PRO B 1 8  ? -3.531  9.747   -3.082  1.00 20.89 ? 26 PRO B N   1 
ATOM 582  C CA  . PRO B 1 8  ? -3.664  9.602   -4.543  1.00 18.53 ? 26 PRO B CA  1 
ATOM 583  C C   . PRO B 1 8  ? -5.106  9.478   -5.092  1.00 17.46 ? 26 PRO B C   1 
ATOM 584  O O   . PRO B 1 8  ? -6.057  9.467   -4.314  1.00 16.09 ? 26 PRO B O   1 
ATOM 585  C CB  . PRO B 1 8  ? -2.768  8.413   -4.786  1.00 19.50 ? 26 PRO B CB  1 
ATOM 586  C CG  . PRO B 1 8  ? -2.782  7.575   -3.501  1.00 19.58 ? 26 PRO B CG  1 
ATOM 587  C CD  . PRO B 1 8  ? -2.831  8.651   -2.422  1.00 20.01 ? 26 PRO B CD  1 
ATOM 588  N N   . THR B 1 9  ? -5.408  9.438   -6.376  1.00 17.60 ? 27 THR B N   1 
ATOM 589  C CA  . THR B 1 9  ? -6.794  9.248   -6.781  1.00 18.12 ? 27 THR B CA  1 
ATOM 590  C C   . THR B 1 9  ? -7.465  7.937   -6.285  1.00 16.93 ? 27 THR B C   1 
ATOM 591  O O   . THR B 1 9  ? -6.718  7.003   -5.947  1.00 18.31 ? 27 THR B O   1 
ATOM 592  C CB  . THR B 1 9  ? -6.858  9.327   -8.350  1.00 20.02 ? 27 THR B CB  1 
ATOM 593  O OG1 . THR B 1 9  ? -5.822  8.510   -8.905  1.00 23.31 ? 27 THR B OG1 1 
ATOM 594  C CG2 . THR B 1 9  ? -6.620  10.713  -8.873  1.00 20.93 ? 27 THR B CG2 1 
ATOM 595  N N   . TYR B 1 10 ? -8.811  7.753   -6.243  1.00 14.28 ? 28 TYR B N   1 
ATOM 596  C CA  . TYR B 1 10 ? -9.423  6.473   -5.941  1.00 11.54 ? 28 TYR B CA  1 
ATOM 597  C C   . TYR B 1 10 ? -8.941  5.467   -6.956  1.00 12.57 ? 28 TYR B C   1 
ATOM 598  O O   . TYR B 1 10 ? -8.735  4.349   -6.555  1.00 14.97 ? 28 TYR B O   1 
ATOM 599  C CB  . TYR B 1 10 ? -10.929 6.563   -5.940  1.00 9.20  ? 28 TYR B CB  1 
ATOM 600  C CG  . TYR B 1 10 ? -11.328 7.127   -4.611  1.00 10.21 ? 28 TYR B CG  1 
ATOM 601  C CD1 . TYR B 1 10 ? -11.252 8.456   -4.322  1.00 10.80 ? 28 TYR B CD1 1 
ATOM 602  C CD2 . TYR B 1 10 ? -11.733 6.317   -3.602  1.00 11.27 ? 28 TYR B CD2 1 
ATOM 603  C CE1 . TYR B 1 10 ? -11.564 8.935   -3.067  1.00 11.04 ? 28 TYR B CE1 1 
ATOM 604  C CE2 . TYR B 1 10 ? -12.052 6.801   -2.336  1.00 11.13 ? 28 TYR B CE2 1 
ATOM 605  C CZ  . TYR B 1 10 ? -11.982 8.129   -2.049  1.00 12.01 ? 28 TYR B CZ  1 
ATOM 606  O OH  . TYR B 1 10 ? -12.429 8.649   -0.807  1.00 15.21 ? 28 TYR B OH  1 
ATOM 607  N N   . SER B 1 11 ? -8.597  5.652   -8.217  1.00 12.48 ? 29 SER B N   1 
ATOM 608  C CA  . SER B 1 11 ? -8.055  4.602   -9.057  1.00 13.47 ? 29 SER B CA  1 
ATOM 609  C C   . SER B 1 11 ? -6.777  4.059   -8.523  1.00 14.50 ? 29 SER B C   1 
ATOM 610  O O   . SER B 1 11 ? -6.525  2.883   -8.595  1.00 14.12 ? 29 SER B O   1 
ATOM 611  C CB  . SER B 1 11 ? -7.738  5.084   -10.415 1.00 13.04 ? 29 SER B CB  1 
ATOM 612  O OG  . SER B 1 11 ? -8.933  5.734   -10.714 1.00 20.94 ? 29 SER B OG  1 
ATOM 613  N N   . GLU B 1 12 ? -5.979  4.898   -7.919  1.00 15.58 ? 30 GLU B N   1 
ATOM 614  C CA  . GLU B 1 12 ? -4.648  4.557   -7.488  1.00 15.38 ? 30 GLU B CA  1 
ATOM 615  C C   . GLU B 1 12 ? -4.647  3.770   -6.231  1.00 14.44 ? 30 GLU B C   1 
ATOM 616  O O   . GLU B 1 12 ? -3.917  2.807   -6.077  1.00 14.63 ? 30 GLU B O   1 
ATOM 617  C CB  . GLU B 1 12 ? -3.894  5.812   -7.314  1.00 17.59 ? 30 GLU B CB  1 
ATOM 618  C CG  . GLU B 1 12 ? -3.598  6.272   -8.704  1.00 21.20 ? 30 GLU B CG  1 
ATOM 619  C CD  . GLU B 1 12 ? -2.946  7.626   -8.724  1.00 25.21 ? 30 GLU B CD  1 
ATOM 620  O OE1 . GLU B 1 12 ? -3.375  8.607   -8.086  1.00 25.36 ? 30 GLU B OE1 1 
ATOM 621  O OE2 . GLU B 1 12 ? -1.929  7.658   -9.395  1.00 28.28 ? 30 GLU B OE2 1 
ATOM 622  N N   . MET B 1 13 ? -5.561  4.210   -5.406  1.00 13.07 ? 31 MET B N   1 
ATOM 623  C CA  . MET B 1 13 ? -5.798  3.564   -4.185  1.00 13.46 ? 31 MET B CA  1 
ATOM 624  C C   . MET B 1 13 ? -6.334  2.168   -4.454  1.00 15.74 ? 31 MET B C   1 
ATOM 625  O O   . MET B 1 13 ? -5.883  1.230   -3.773  1.00 16.85 ? 31 MET B O   1 
ATOM 626  C CB  . MET B 1 13 ? -6.741  4.448   -3.409  1.00 11.13 ? 31 MET B CB  1 
ATOM 627  C CG  . MET B 1 13 ? -6.070  5.749   -2.995  1.00 11.49 ? 31 MET B CG  1 
ATOM 628  S SD  . MET B 1 13 ? -6.753  6.571   -1.536  1.00 14.93 ? 31 MET B SD  1 
ATOM 629  C CE  . MET B 1 13 ? -8.211  7.373   -2.109  1.00 18.83 ? 31 MET B CE  1 
ATOM 630  N N   . ILE B 1 14 ? -7.243  1.940   -5.425  1.00 16.38 ? 32 ILE B N   1 
ATOM 631  C CA  . ILE B 1 14 ? -7.769  0.609   -5.640  1.00 16.65 ? 32 ILE B CA  1 
ATOM 632  C C   . ILE B 1 14 ? -6.662  -0.309  -6.155  1.00 18.35 ? 32 ILE B C   1 
ATOM 633  O O   . ILE B 1 14 ? -6.491  -1.394  -5.576  1.00 19.30 ? 32 ILE B O   1 
ATOM 634  C CB  . ILE B 1 14 ? -8.977  0.690   -6.606  1.00 15.37 ? 32 ILE B CB  1 
ATOM 635  C CG1 . ILE B 1 14 ? -10.107 1.251   -5.805  1.00 14.38 ? 32 ILE B CG1 1 
ATOM 636  C CG2 . ILE B 1 14 ? -9.414  -0.652  -7.141  1.00 14.66 ? 32 ILE B CG2 1 
ATOM 637  C CD1 . ILE B 1 14 ? -11.272 1.839   -6.584  1.00 14.46 ? 32 ILE B CD1 1 
ATOM 638  N N   . ALA B 1 15 ? -5.834  0.118   -7.127  1.00 18.94 ? 33 ALA B N   1 
ATOM 639  C CA  . ALA B 1 15 ? -4.713  -0.668  -7.641  1.00 19.35 ? 33 ALA B CA  1 
ATOM 640  C C   . ALA B 1 15 ? -3.704  -1.073  -6.560  1.00 19.90 ? 33 ALA B C   1 
ATOM 641  O O   . ALA B 1 15 ? -3.126  -2.153  -6.635  1.00 21.90 ? 33 ALA B O   1 
ATOM 642  C CB  . ALA B 1 15 ? -3.988  0.127   -8.694  1.00 18.28 ? 33 ALA B CB  1 
ATOM 643  N N   . ALA B 1 16 ? -3.445  -0.189  -5.592  1.00 19.15 ? 34 ALA B N   1 
ATOM 644  C CA  . ALA B 1 16 ? -2.618  -0.377  -4.406  1.00 18.37 ? 34 ALA B CA  1 
ATOM 645  C C   . ALA B 1 16 ? -3.231  -1.400  -3.426  1.00 18.08 ? 34 ALA B C   1 
ATOM 646  O O   . ALA B 1 16 ? -2.540  -2.288  -2.911  1.00 19.04 ? 34 ALA B O   1 
ATOM 647  C CB  . ALA B 1 16 ? -2.439  0.988   -3.671  1.00 18.14 ? 34 ALA B CB  1 
ATOM 648  N N   . ALA B 1 17 ? -4.537  -1.376  -3.186  1.00 15.96 ? 35 ALA B N   1 
ATOM 649  C CA  . ALA B 1 17 ? -5.171  -2.344  -2.351  1.00 14.47 ? 35 ALA B CA  1 
ATOM 650  C C   . ALA B 1 17 ? -5.087  -3.667  -3.069  1.00 16.14 ? 35 ALA B C   1 
ATOM 651  O O   . ALA B 1 17 ? -4.836  -4.676  -2.390  1.00 18.12 ? 35 ALA B O   1 
ATOM 652  C CB  . ALA B 1 17 ? -6.597  -1.964  -2.135  1.00 12.06 ? 35 ALA B CB  1 
ATOM 653  N N   . ILE B 1 18 ? -5.221  -3.756  -4.400  1.00 16.07 ? 36 ILE B N   1 
ATOM 654  C CA  . ILE B 1 18 ? -5.134  -5.049  -5.061  1.00 17.58 ? 36 ILE B CA  1 
ATOM 655  C C   . ILE B 1 18 ? -3.678  -5.531  -4.965  1.00 18.58 ? 36 ILE B C   1 
ATOM 656  O O   . ILE B 1 18 ? -3.441  -6.637  -4.478  1.00 17.92 ? 36 ILE B O   1 
ATOM 657  C CB  . ILE B 1 18 ? -5.645  -4.889  -6.546  1.00 19.75 ? 36 ILE B CB  1 
ATOM 658  C CG1 . ILE B 1 18 ? -7.126  -4.594  -6.511  1.00 20.56 ? 36 ILE B CG1 1 
ATOM 659  C CG2 . ILE B 1 18 ? -5.592  -6.161  -7.380  1.00 19.23 ? 36 ILE B CG2 1 
ATOM 660  C CD1 . ILE B 1 18 ? -7.594  -3.801  -7.731  1.00 18.81 ? 36 ILE B CD1 1 
ATOM 661  N N   . ARG B 1 19 ? -2.632  -4.740  -5.271  1.00 19.52 ? 37 ARG B N   1 
ATOM 662  C CA  . ARG B 1 19 ? -1.243  -5.221  -5.137  1.00 20.70 ? 37 ARG B CA  1 
ATOM 663  C C   . ARG B 1 19 ? -0.768  -5.605  -3.727  1.00 20.03 ? 37 ARG B C   1 
ATOM 664  O O   . ARG B 1 19 ? 0.115   -6.448  -3.587  1.00 20.41 ? 37 ARG B O   1 
ATOM 665  C CB  . ARG B 1 19 ? -0.288  -4.199  -5.660  1.00 19.91 ? 37 ARG B CB  1 
ATOM 666  C CG  . ARG B 1 19 ? -0.293  -4.098  -7.167  1.00 22.01 ? 37 ARG B CG  1 
ATOM 667  C CD  . ARG B 1 19 ? 0.472   -2.813  -7.349  1.00 23.22 ? 37 ARG B CD  1 
ATOM 668  N NE  . ARG B 1 19 ? 0.297   -2.172  -8.633  1.00 25.18 ? 37 ARG B NE  1 
ATOM 669  C CZ  . ARG B 1 19 ? 0.079   -0.827  -8.643  1.00 27.10 ? 37 ARG B CZ  1 
ATOM 670  N NH1 . ARG B 1 19 ? 0.026   -0.068  -7.521  1.00 24.70 ? 37 ARG B NH1 1 
ATOM 671  N NH2 . ARG B 1 19 ? -0.143  -0.208  -9.813  1.00 26.45 ? 37 ARG B NH2 1 
ATOM 672  N N   . ALA B 1 20 ? -1.364  -5.023  -2.671  1.00 20.29 ? 38 ALA B N   1 
ATOM 673  C CA  . ALA B 1 20 ? -1.126  -5.303  -1.258  1.00 19.41 ? 38 ALA B CA  1 
ATOM 674  C C   . ALA B 1 20 ? -1.666  -6.659  -0.883  1.00 21.09 ? 38 ALA B C   1 
ATOM 675  O O   . ALA B 1 20 ? -1.515  -7.118  0.265   1.00 22.16 ? 38 ALA B O   1 
ATOM 676  C CB  . ALA B 1 20 ? -1.850  -4.346  -0.384  1.00 14.79 ? 38 ALA B CB  1 
ATOM 677  N N   . GLU B 1 21 ? -2.425  -7.242  -1.808  1.00 22.93 ? 39 GLU B N   1 
ATOM 678  C CA  . GLU B 1 21 ? -3.116  -8.455  -1.527  1.00 24.32 ? 39 GLU B CA  1 
ATOM 679  C C   . GLU B 1 21 ? -2.460  -9.552  -2.318  1.00 25.06 ? 39 GLU B C   1 
ATOM 680  O O   . GLU B 1 21 ? -2.464  -9.735  -3.546  1.00 25.53 ? 39 GLU B O   1 
ATOM 681  C CB  . GLU B 1 21 ? -4.619  -8.343  -1.886  1.00 24.65 ? 39 GLU B CB  1 
ATOM 682  C CG  . GLU B 1 21 ? -5.211  -9.728  -1.649  1.00 27.08 ? 39 GLU B CG  1 
ATOM 683  C CD  . GLU B 1 21 ? -6.586  -9.901  -1.024  1.00 27.68 ? 39 GLU B CD  1 
ATOM 684  O OE1 . GLU B 1 21 ? -7.024  -9.131  -0.172  1.00 27.58 ? 39 GLU B OE1 1 
ATOM 685  O OE2 . GLU B 1 21 ? -7.221  -10.881 -1.402  1.00 28.94 ? 39 GLU B OE2 1 
ATOM 686  N N   . LYS B 1 22 ? -1.731  -10.250 -1.494  1.00 27.17 ? 40 LYS B N   1 
ATOM 687  C CA  . LYS B 1 22 ? -1.138  -11.441 -2.053  1.00 29.53 ? 40 LYS B CA  1 
ATOM 688  C C   . LYS B 1 22 ? -1.904  -12.498 -1.213  1.00 31.20 ? 40 LYS B C   1 
ATOM 689  O O   . LYS B 1 22 ? -2.500  -12.310 -0.088  1.00 29.14 ? 40 LYS B O   1 
ATOM 690  C CB  . LYS B 1 22 ? 0.410   -11.402 -1.843  1.00 29.11 ? 40 LYS B CB  1 
ATOM 691  C CG  . LYS B 1 22 ? 1.018   -10.152 -2.507  1.00 28.88 ? 40 LYS B CG  1 
ATOM 692  C CD  . LYS B 1 22 ? 2.427   -10.320 -3.164  1.00 29.94 ? 40 LYS B CD  1 
ATOM 693  C CE  . LYS B 1 22 ? 2.587   -9.235  -4.300  1.00 29.96 ? 40 LYS B CE  1 
ATOM 694  N NZ  . LYS B 1 22 ? 2.460   -7.842  -3.837  1.00 28.08 ? 40 LYS B NZ  1 
ATOM 695  N N   . SER B 1 23 ? -1.718  -13.579 -1.982  1.00 31.87 ? 41 SER B N   1 
ATOM 696  C CA  . SER B 1 23 ? -2.519  -14.782 -1.880  1.00 33.75 ? 41 SER B CA  1 
ATOM 697  C C   . SER B 1 23 ? -3.335  -14.490 -3.165  1.00 33.98 ? 41 SER B C   1 
ATOM 698  O O   . SER B 1 23 ? -2.835  -13.815 -4.106  1.00 34.41 ? 41 SER B O   1 
ATOM 699  C CB  . SER B 1 23 ? -3.526  -14.817 -0.640  1.00 34.44 ? 41 SER B CB  1 
ATOM 700  O OG  . SER B 1 23 ? -4.687  -14.007 -0.790  1.00 31.74 ? 41 SER B OG  1 
ATOM 701  N N   . ARG B 1 24 ? -4.598  -14.949 -3.211  1.00 34.60 ? 42 ARG B N   1 
ATOM 702  C CA  . ARG B 1 24 ? -5.478  -14.599 -4.300  1.00 34.96 ? 42 ARG B CA  1 
ATOM 703  C C   . ARG B 1 24 ? -5.590  -13.055 -4.128  1.00 36.16 ? 42 ARG B C   1 
ATOM 704  O O   . ARG B 1 24 ? -6.268  -12.507 -3.210  1.00 35.94 ? 42 ARG B O   1 
ATOM 705  C CB  . ARG B 1 24 ? -6.800  -15.326 -4.093  1.00 33.31 ? 42 ARG B CB  1 
ATOM 706  C CG  . ARG B 1 24 ? -7.108  -15.956 -5.445  1.00 33.46 ? 42 ARG B CG  1 
ATOM 707  C CD  . ARG B 1 24 ? -8.477  -16.756 -5.406  1.00 35.93 ? 42 ARG B CD  1 
ATOM 708  N NE  . ARG B 1 24 ? -8.577  -17.807 -4.349  1.00 36.91 ? 42 ARG B NE  1 
ATOM 709  C CZ  . ARG B 1 24 ? -8.930  -19.099 -4.556  1.00 36.24 ? 42 ARG B CZ  1 
ATOM 710  N NH1 . ARG B 1 24 ? -9.251  -19.569 -5.783  1.00 36.76 ? 42 ARG B NH1 1 
ATOM 711  N NH2 . ARG B 1 24 ? -8.905  -19.911 -3.478  1.00 33.60 ? 42 ARG B NH2 1 
ATOM 712  N N   . GLY B 1 25 ? -4.772  -12.450 -5.048  1.00 36.14 ? 43 GLY B N   1 
ATOM 713  C CA  . GLY B 1 25 ? -4.590  -10.997 -5.207  1.00 36.61 ? 43 GLY B CA  1 
ATOM 714  C C   . GLY B 1 25 ? -5.928  -10.258 -5.469  1.00 36.60 ? 43 GLY B C   1 
ATOM 715  O O   . GLY B 1 25 ? -6.032  -9.017  -5.259  1.00 34.89 ? 43 GLY B O   1 
ATOM 716  N N   . GLY B 1 26 ? -6.913  -11.126 -5.941  1.00 35.63 ? 44 GLY B N   1 
ATOM 717  C CA  . GLY B 1 26 ? -8.304  -10.757 -6.322  1.00 32.45 ? 44 GLY B CA  1 
ATOM 718  C C   . GLY B 1 26 ? -9.071  -10.251 -5.095  1.00 28.68 ? 44 GLY B C   1 
ATOM 719  O O   . GLY B 1 26 ? -9.796  -11.001 -4.413  1.00 29.49 ? 44 GLY B O   1 
ATOM 720  N N   . SER B 1 27 ? -8.861  -8.997  -4.767  1.00 24.01 ? 45 SER B N   1 
ATOM 721  C CA  . SER B 1 27 ? -9.414  -8.539  -3.537  1.00 20.95 ? 45 SER B CA  1 
ATOM 722  C C   . SER B 1 27 ? -10.883 -8.388  -3.755  1.00 19.42 ? 45 SER B C   1 
ATOM 723  O O   . SER B 1 27 ? -11.258 -8.271  -4.905  1.00 20.62 ? 45 SER B O   1 
ATOM 724  C CB  . SER B 1 27 ? -8.729  -7.261  -3.253  1.00 20.18 ? 45 SER B CB  1 
ATOM 725  O OG  . SER B 1 27 ? -7.330  -7.401  -3.483  1.00 19.95 ? 45 SER B OG  1 
ATOM 726  N N   . SER B 1 28 ? -11.800 -8.407  -2.838  1.00 19.11 ? 46 SER B N   1 
ATOM 727  C CA  . SER B 1 28 ? -13.144 -8.110  -3.218  1.00 20.00 ? 46 SER B CA  1 
ATOM 728  C C   . SER B 1 28 ? -13.342 -6.630  -2.978  1.00 20.70 ? 46 SER B C   1 
ATOM 729  O O   . SER B 1 28 ? -12.386 -5.947  -2.618  1.00 20.89 ? 46 SER B O   1 
ATOM 730  C CB  . SER B 1 28 ? -14.000 -8.966  -2.369  1.00 20.82 ? 46 SER B CB  1 
ATOM 731  O OG  . SER B 1 28 ? -13.762 -8.600  -1.006  1.00 24.75 ? 46 SER B OG  1 
ATOM 732  N N   . ARG B 1 29 ? -14.560 -6.082  -3.097  1.00 21.82 ? 47 ARG B N   1 
ATOM 733  C CA  . ARG B 1 29 ? -14.849 -4.672  -2.856  1.00 21.35 ? 47 ARG B CA  1 
ATOM 734  C C   . ARG B 1 29 ? -14.708 -4.429  -1.384  1.00 20.57 ? 47 ARG B C   1 
ATOM 735  O O   . ARG B 1 29 ? -14.121 -3.422  -1.025  1.00 21.56 ? 47 ARG B O   1 
ATOM 736  C CB  . ARG B 1 29 ? -16.281 -4.292  -3.314  1.00 23.02 ? 47 ARG B CB  1 
ATOM 737  C CG  . ARG B 1 29 ? -16.614 -2.779  -3.451  1.00 26.00 ? 47 ARG B CG  1 
ATOM 738  C CD  . ARG B 1 29 ? -18.035 -2.459  -4.025  1.00 27.22 ? 47 ARG B CD  1 
ATOM 739  N NE  . ARG B 1 29 ? -19.142 -2.513  -3.025  1.00 31.85 ? 47 ARG B NE  1 
ATOM 740  C CZ  . ARG B 1 29 ? -20.370 -3.019  -3.278  1.00 31.33 ? 47 ARG B CZ  1 
ATOM 741  N NH1 . ARG B 1 29 ? -20.660 -3.539  -4.516  1.00 31.96 ? 47 ARG B NH1 1 
ATOM 742  N NH2 . ARG B 1 29 ? -21.279 -3.018  -2.276  1.00 28.99 ? 47 ARG B NH2 1 
ATOM 743  N N   . GLN B 1 30 ? -15.116 -5.329  -0.489  1.00 20.65 ? 48 GLN B N   1 
ATOM 744  C CA  . GLN B 1 30 ? -15.015 -5.195  0.978   1.00 20.40 ? 48 GLN B CA  1 
ATOM 745  C C   . GLN B 1 30 ? -13.548 -5.188  1.444   1.00 19.89 ? 48 GLN B C   1 
ATOM 746  O O   . GLN B 1 30 ? -13.069 -4.359  2.203   1.00 19.25 ? 48 GLN B O   1 
ATOM 747  C CB  . GLN B 1 30 ? -15.775 -6.345  1.524   1.00 21.66 ? 48 GLN B CB  1 
ATOM 748  C CG  . GLN B 1 30 ? -16.197 -6.184  2.943   1.00 26.05 ? 48 GLN B CG  1 
ATOM 749  C CD  . GLN B 1 30 ? -15.745 -7.269  3.978   1.00 28.27 ? 48 GLN B CD  1 
ATOM 750  O OE1 . GLN B 1 30 ? -15.277 -8.412  3.707   1.00 27.16 ? 48 GLN B OE1 1 
ATOM 751  N NE2 . GLN B 1 30 ? -15.938 -6.811  5.250   1.00 28.79 ? 48 GLN B NE2 1 
ATOM 752  N N   . SER B 1 31 ? -12.766 -6.104  0.935   1.00 18.99 ? 49 SER B N   1 
ATOM 753  C CA  . SER B 1 31 ? -11.342 -6.053  1.123   1.00 20.42 ? 49 SER B CA  1 
ATOM 754  C C   . SER B 1 31 ? -10.707 -4.712  0.731   1.00 20.67 ? 49 SER B C   1 
ATOM 755  O O   . SER B 1 31 ? -10.018 -4.149  1.595   1.00 22.95 ? 49 SER B O   1 
ATOM 756  C CB  . SER B 1 31 ? -10.709 -7.217  0.314   1.00 21.63 ? 49 SER B CB  1 
ATOM 757  O OG  . SER B 1 31 ? -11.404 -8.461  0.593   1.00 23.94 ? 49 SER B OG  1 
ATOM 758  N N   . ILE B 1 32 ? -10.962 -4.170  -0.495  1.00 19.61 ? 50 ILE B N   1 
ATOM 759  C CA  . ILE B 1 32 ? -10.350 -2.939  -1.053  1.00 17.75 ? 50 ILE B CA  1 
ATOM 760  C C   . ILE B 1 32 ? -10.697 -1.742  -0.205  1.00 16.90 ? 50 ILE B C   1 
ATOM 761  O O   . ILE B 1 32 ? -9.882  -0.938  0.220   1.00 15.52 ? 50 ILE B O   1 
ATOM 762  C CB  . ILE B 1 32 ? -10.830 -2.749  -2.529  1.00 15.91 ? 50 ILE B CB  1 
ATOM 763  C CG1 . ILE B 1 32 ? -10.151 -3.757  -3.458  1.00 15.65 ? 50 ILE B CG1 1 
ATOM 764  C CG2 . ILE B 1 32 ? -10.485 -1.376  -2.991  1.00 15.60 ? 50 ILE B CG2 1 
ATOM 765  C CD1 . ILE B 1 32 ? -10.764 -4.089  -4.828  1.00 15.76 ? 50 ILE B CD1 1 
ATOM 766  N N   . GLN B 1 33 ? -11.957 -1.763  0.094   1.00 18.34 ? 51 GLN B N   1 
ATOM 767  C CA  . GLN B 1 33 ? -12.596 -0.780  0.916   1.00 20.19 ? 51 GLN B CA  1 
ATOM 768  C C   . GLN B 1 33 ? -11.982 -0.698  2.288   1.00 20.40 ? 51 GLN B C   1 
ATOM 769  O O   . GLN B 1 33 ? -11.812 0.423   2.764   1.00 20.51 ? 51 GLN B O   1 
ATOM 770  C CB  . GLN B 1 33 ? -14.061 -1.156  0.965   1.00 22.76 ? 51 GLN B CB  1 
ATOM 771  C CG  . GLN B 1 33 ? -15.084 -0.212  1.540   1.00 28.26 ? 51 GLN B CG  1 
ATOM 772  C CD  . GLN B 1 33 ? -16.472 -0.600  0.991   1.00 30.81 ? 51 GLN B CD  1 
ATOM 773  O OE1 . GLN B 1 33 ? -16.979 -0.045  -0.002  1.00 35.89 ? 51 GLN B OE1 1 
ATOM 774  N NE2 . GLN B 1 33 ? -17.216 -1.530  1.575   1.00 31.48 ? 51 GLN B NE2 1 
ATOM 775  N N   . LYS B 1 34 ? -11.641 -1.800  2.975   1.00 21.62 ? 52 LYS B N   1 
ATOM 776  C CA  . LYS B 1 34 ? -11.039 -1.666  4.290   1.00 21.32 ? 52 LYS B CA  1 
ATOM 777  C C   . LYS B 1 34 ? -9.547  -1.376  4.113   1.00 19.89 ? 52 LYS B C   1 
ATOM 778  O O   . LYS B 1 34 ? -8.989  -0.645  4.933   1.00 18.78 ? 52 LYS B O   1 
ATOM 779  C CB  . LYS B 1 34 ? -11.238 -2.931  5.115   1.00 25.06 ? 52 LYS B CB  1 
ATOM 780  C CG  . LYS B 1 34 ? -11.150 -2.481  6.622   1.00 28.50 ? 52 LYS B CG  1 
ATOM 781  C CD  . LYS B 1 34 ? -10.989 -3.584  7.707   1.00 29.73 ? 52 LYS B CD  1 
ATOM 782  C CE  . LYS B 1 34 ? -11.020 -2.974  9.146   1.00 30.94 ? 52 LYS B CE  1 
ATOM 783  N NZ  . LYS B 1 34 ? -9.791  -2.229  9.427   1.00 30.81 ? 52 LYS B NZ  1 
ATOM 784  N N   . TYR B 1 35 ? -8.863  -1.807  3.045   1.00 18.09 ? 53 TYR B N   1 
ATOM 785  C CA  . TYR B 1 35 ? -7.498  -1.382  2.882   1.00 17.18 ? 53 TYR B CA  1 
ATOM 786  C C   . TYR B 1 35 ? -7.551  0.125   2.726   1.00 18.75 ? 53 TYR B C   1 
ATOM 787  O O   . TYR B 1 35 ? -6.829  0.741   3.516   1.00 19.88 ? 53 TYR B O   1 
ATOM 788  C CB  . TYR B 1 35 ? -6.846  -1.996  1.658   1.00 16.00 ? 53 TYR B CB  1 
ATOM 789  C CG  . TYR B 1 35 ? -5.387  -1.620  1.423   1.00 16.23 ? 53 TYR B CG  1 
ATOM 790  C CD1 . TYR B 1 35 ? -5.073  -0.489  0.707   1.00 16.78 ? 53 TYR B CD1 1 
ATOM 791  C CD2 . TYR B 1 35 ? -4.367  -2.371  1.945   1.00 17.05 ? 53 TYR B CD2 1 
ATOM 792  C CE1 . TYR B 1 35 ? -3.777  -0.077  0.498   1.00 17.99 ? 53 TYR B CE1 1 
ATOM 793  C CE2 . TYR B 1 35 ? -3.053  -1.971  1.750   1.00 18.87 ? 53 TYR B CE2 1 
ATOM 794  C CZ  . TYR B 1 35 ? -2.756  -0.822  1.039   1.00 20.19 ? 53 TYR B CZ  1 
ATOM 795  O OH  . TYR B 1 35 ? -1.433  -0.367  0.965   1.00 22.16 ? 53 TYR B OH  1 
ATOM 796  N N   . ILE B 1 36 ? -8.375  0.789   1.892   1.00 18.89 ? 54 ILE B N   1 
ATOM 797  C CA  . ILE B 1 36 ? -8.296  2.245   1.705   1.00 18.68 ? 54 ILE B CA  1 
ATOM 798  C C   . ILE B 1 36 ? -8.622  2.974   2.986   1.00 19.41 ? 54 ILE B C   1 
ATOM 799  O O   . ILE B 1 36 ? -7.976  3.967   3.276   1.00 22.11 ? 54 ILE B O   1 
ATOM 800  C CB  . ILE B 1 36 ? -9.236  2.638   0.550   1.00 16.40 ? 54 ILE B CB  1 
ATOM 801  C CG1 . ILE B 1 36 ? -8.447  2.441   -0.711  1.00 18.40 ? 54 ILE B CG1 1 
ATOM 802  C CG2 . ILE B 1 36 ? -9.697  4.060   0.577   1.00 16.10 ? 54 ILE B CG2 1 
ATOM 803  C CD1 . ILE B 1 36 ? -9.327  2.298   -2.014  1.00 17.74 ? 54 ILE B CD1 1 
ATOM 804  N N   . LYS B 1 37 ? -9.536  2.491   3.827   1.00 20.20 ? 55 LYS B N   1 
ATOM 805  C CA  . LYS B 1 37 ? -9.877  3.165   5.063   1.00 19.98 ? 55 LYS B CA  1 
ATOM 806  C C   . LYS B 1 37 ? -8.705  3.164   6.009   1.00 20.30 ? 55 LYS B C   1 
ATOM 807  O O   . LYS B 1 37 ? -8.523  4.188   6.671   1.00 21.90 ? 55 LYS B O   1 
ATOM 808  C CB  . LYS B 1 37 ? -11.063 2.514   5.741   1.00 19.13 ? 55 LYS B CB  1 
ATOM 809  C CG  . LYS B 1 37 ? -12.227 2.866   4.870   1.00 21.91 ? 55 LYS B CG  1 
ATOM 810  C CD  . LYS B 1 37 ? -13.528 2.606   5.532   1.00 24.46 ? 55 LYS B CD  1 
ATOM 811  C CE  . LYS B 1 37 ? -14.464 2.698   4.330   1.00 28.39 ? 55 LYS B CE  1 
ATOM 812  N NZ  . LYS B 1 37 ? -15.270 1.474   4.136   1.00 29.25 ? 55 LYS B NZ  1 
ATOM 813  N N   . SER B 1 38 ? -7.846  2.142   6.024   1.00 19.37 ? 56 SER B N   1 
ATOM 814  C CA  . SER B 1 38 ? -6.778  2.245   6.953   1.00 19.87 ? 56 SER B CA  1 
ATOM 815  C C   . SER B 1 38 ? -5.484  2.769   6.367   1.00 19.23 ? 56 SER B C   1 
ATOM 816  O O   . SER B 1 38 ? -4.605  3.278   7.063   1.00 19.68 ? 56 SER B O   1 
ATOM 817  C CB  . SER B 1 38 ? -6.613  0.884   7.599   1.00 21.56 ? 56 SER B CB  1 
ATOM 818  O OG  . SER B 1 38 ? -6.516  -0.103  6.613   1.00 23.83 ? 56 SER B OG  1 
ATOM 819  N N   . HIS B 1 39 ? -5.290  2.740   5.071   1.00 18.15 ? 57 HIS B N   1 
ATOM 820  C CA  . HIS B 1 39 ? -4.034  3.186   4.564   1.00 16.46 ? 57 HIS B CA  1 
ATOM 821  C C   . HIS B 1 39 ? -4.050  4.550   4.009   1.00 15.73 ? 57 HIS B C   1 
ATOM 822  O O   . HIS B 1 39 ? -2.998  4.898   3.472   1.00 17.05 ? 57 HIS B O   1 
ATOM 823  C CB  . HIS B 1 39 ? -3.545  2.228   3.526   1.00 16.56 ? 57 HIS B CB  1 
ATOM 824  C CG  . HIS B 1 39 ? -3.012  0.970   4.185   1.00 19.91 ? 57 HIS B CG  1 
ATOM 825  N ND1 . HIS B 1 39 ? -3.654  -0.097  4.699   1.00 22.15 ? 57 HIS B ND1 1 
ATOM 826  C CD2 . HIS B 1 39 ? -1.686  0.700   4.322   1.00 19.92 ? 57 HIS B CD2 1 
ATOM 827  C CE1 . HIS B 1 39 ? -2.755  -0.974  5.118   1.00 21.86 ? 57 HIS B CE1 1 
ATOM 828  N NE2 . HIS B 1 39 ? -1.574  -0.469  4.879   1.00 20.95 ? 57 HIS B NE2 1 
ATOM 829  N N   . TYR B 1 40 ? -5.119  5.349   4.013   1.00 16.09 ? 58 TYR B N   1 
ATOM 830  C CA  . TYR B 1 40 ? -5.050  6.712   3.467   1.00 17.51 ? 58 TYR B CA  1 
ATOM 831  C C   . TYR B 1 40 ? -6.009  7.634   4.191   1.00 19.63 ? 58 TYR B C   1 
ATOM 832  O O   . TYR B 1 40 ? -6.978  7.182   4.786   1.00 20.99 ? 58 TYR B O   1 
ATOM 833  C CB  . TYR B 1 40 ? -5.447  6.808   1.998   1.00 18.10 ? 58 TYR B CB  1 
ATOM 834  C CG  . TYR B 1 40 ? -4.704  5.890   1.061   1.00 16.27 ? 58 TYR B CG  1 
ATOM 835  C CD1 . TYR B 1 40 ? -3.497  6.305   0.577   1.00 16.51 ? 58 TYR B CD1 1 
ATOM 836  C CD2 . TYR B 1 40 ? -5.201  4.640   0.756   1.00 14.89 ? 58 TYR B CD2 1 
ATOM 837  C CE1 . TYR B 1 40 ? -2.763  5.447   -0.217  1.00 17.18 ? 58 TYR B CE1 1 
ATOM 838  C CE2 . TYR B 1 40 ? -4.466  3.804   -0.040  1.00 16.04 ? 58 TYR B CE2 1 
ATOM 839  C CZ  . TYR B 1 40 ? -3.248  4.215   -0.517  1.00 15.38 ? 58 TYR B CZ  1 
ATOM 840  O OH  . TYR B 1 40 ? -2.469  3.378   -1.280  1.00 18.29 ? 58 TYR B OH  1 
ATOM 841  N N   . LYS B 1 41 ? -5.817  8.952   4.163   1.00 22.13 ? 59 LYS B N   1 
ATOM 842  C CA  . LYS B 1 41 ? -6.724  9.944   4.767   1.00 23.76 ? 59 LYS B CA  1 
ATOM 843  C C   . LYS B 1 41 ? -7.822  10.223  3.747   1.00 23.97 ? 59 LYS B C   1 
ATOM 844  O O   . LYS B 1 41 ? -7.675  11.027  2.811   1.00 24.28 ? 59 LYS B O   1 
ATOM 845  C CB  . LYS B 1 41 ? -6.005  11.233  5.029   1.00 25.77 ? 59 LYS B CB  1 
ATOM 846  C CG  . LYS B 1 41 ? -5.253  11.224  6.353   1.00 26.95 ? 59 LYS B CG  1 
ATOM 847  C CD  . LYS B 1 41 ? -3.983  10.418  6.306   1.00 26.69 ? 59 LYS B CD  1 
ATOM 848  C CE  . LYS B 1 41 ? -3.315  10.874  7.595   1.00 28.53 ? 59 LYS B CE  1 
ATOM 849  N NZ  . LYS B 1 41 ? -2.525  12.076  7.342   1.00 27.52 ? 59 LYS B NZ  1 
ATOM 850  N N   . VAL B 1 42 ? -8.943  9.585   3.950   1.00 22.51 ? 60 VAL B N   1 
ATOM 851  C CA  . VAL B 1 42 ? -9.923  9.490   2.924   1.00 21.61 ? 60 VAL B CA  1 
ATOM 852  C C   . VAL B 1 42 ? -11.175 9.981   3.642   1.00 24.15 ? 60 VAL B C   1 
ATOM 853  O O   . VAL B 1 42 ? -11.278 9.902   4.880   1.00 25.91 ? 60 VAL B O   1 
ATOM 854  C CB  . VAL B 1 42 ? -9.754  7.988   2.517   1.00 18.73 ? 60 VAL B CB  1 
ATOM 855  C CG1 . VAL B 1 42 ? -10.647 7.088   3.318   1.00 16.99 ? 60 VAL B CG1 1 
ATOM 856  C CG2 . VAL B 1 42 ? -9.958  7.856   1.070   1.00 16.13 ? 60 VAL B CG2 1 
ATOM 857  N N   . GLY B 1 43 ? -12.189 10.446  2.911   1.00 24.39 ? 61 GLY B N   1 
ATOM 858  C CA  . GLY B 1 43 ? -13.240 11.137  3.617   1.00 23.40 ? 61 GLY B CA  1 
ATOM 859  C C   . GLY B 1 43 ? -14.381 10.236  3.983   1.00 23.99 ? 61 GLY B C   1 
ATOM 860  O O   . GLY B 1 43 ? -14.403 9.029   3.836   1.00 25.04 ? 61 GLY B O   1 
ATOM 861  N N   . HIS B 1 44 ? -15.471 10.901  4.220   1.00 23.63 ? 62 HIS B N   1 
ATOM 862  C CA  . HIS B 1 44 ? -16.611 10.155  4.635   1.00 24.65 ? 62 HIS B CA  1 
ATOM 863  C C   . HIS B 1 44 ? -17.310 9.435   3.503   1.00 24.97 ? 62 HIS B C   1 
ATOM 864  O O   . HIS B 1 44 ? -17.960 8.405   3.759   1.00 25.29 ? 62 HIS B O   1 
ATOM 865  C CB  . HIS B 1 44 ? -17.564 11.107  5.312   1.00 27.46 ? 62 HIS B CB  1 
ATOM 866  C CG  . HIS B 1 44 ? -17.227 11.267  6.756   1.00 28.13 ? 62 HIS B CG  1 
ATOM 867  N ND1 . HIS B 1 44 ? -16.398 12.137  7.326   1.00 27.28 ? 62 HIS B ND1 1 
ATOM 868  C CD2 . HIS B 1 44 ? -17.812 10.426  7.692   1.00 29.32 ? 62 HIS B CD2 1 
ATOM 869  C CE1 . HIS B 1 44 ? -16.472 11.840  8.611   1.00 29.95 ? 62 HIS B CE1 1 
ATOM 870  N NE2 . HIS B 1 44 ? -17.324 10.817  8.828   1.00 29.14 ? 62 HIS B NE2 1 
ATOM 871  N N   . ASN B 1 45 ? -17.134 9.919   2.248   1.00 23.00 ? 63 ASN B N   1 
ATOM 872  C CA  . ASN B 1 45 ? -17.859 9.322   1.155   1.00 21.21 ? 63 ASN B CA  1 
ATOM 873  C C   . ASN B 1 45 ? -16.946 8.374   0.418   1.00 20.83 ? 63 ASN B C   1 
ATOM 874  O O   . ASN B 1 45 ? -16.993 8.248   -0.802  1.00 21.88 ? 63 ASN B O   1 
ATOM 875  C CB  . ASN B 1 45 ? -18.367 10.412  0.246   1.00 20.97 ? 63 ASN B CB  1 
ATOM 876  C CG  . ASN B 1 45 ? -19.273 11.476  0.888   1.00 19.94 ? 63 ASN B CG  1 
ATOM 877  O OD1 . ASN B 1 45 ? -20.122 11.236  1.748   1.00 22.39 ? 63 ASN B OD1 1 
ATOM 878  N ND2 . ASN B 1 45 ? -19.131 12.714  0.489   1.00 15.54 ? 63 ASN B ND2 1 
ATOM 879  N N   . ALA B 1 46 ? -16.124 7.593   1.147   1.00 20.20 ? 64 ALA B N   1 
ATOM 880  C CA  . ALA B 1 46 ? -15.190 6.591   0.609   1.00 17.93 ? 64 ALA B CA  1 
ATOM 881  C C   . ALA B 1 46 ? -15.827 5.457   -0.151  1.00 17.60 ? 64 ALA B C   1 
ATOM 882  O O   . ALA B 1 46 ? -15.416 5.136   -1.243  1.00 17.06 ? 64 ALA B O   1 
ATOM 883  C CB  . ALA B 1 46 ? -14.358 5.974   1.752   1.00 16.24 ? 64 ALA B CB  1 
ATOM 884  N N   . ASP B 1 47 ? -16.861 4.840   0.392   1.00 18.50 ? 65 ASP B N   1 
ATOM 885  C CA  . ASP B 1 47 ? -17.555 3.677   -0.172  1.00 19.51 ? 65 ASP B CA  1 
ATOM 886  C C   . ASP B 1 47 ? -18.120 3.838   -1.536  1.00 18.27 ? 65 ASP B C   1 
ATOM 887  O O   . ASP B 1 47 ? -17.872 2.960   -2.363  1.00 18.91 ? 65 ASP B O   1 
ATOM 888  C CB  . ASP B 1 47 ? -18.644 3.259   0.754   1.00 21.75 ? 65 ASP B CB  1 
ATOM 889  C CG  . ASP B 1 47 ? -17.873 2.946   2.040   1.00 25.67 ? 65 ASP B CG  1 
ATOM 890  O OD1 . ASP B 1 47 ? -17.255 1.867   2.147   1.00 23.93 ? 65 ASP B OD1 1 
ATOM 891  O OD2 . ASP B 1 47 ? -17.831 3.848   2.903   1.00 28.66 ? 65 ASP B OD2 1 
ATOM 892  N N   . LEU B 1 48 ? -18.825 4.964   -1.704  1.00 17.65 ? 66 LEU B N   1 
ATOM 893  C CA  . LEU B 1 48 ? -19.396 5.432   -2.956  1.00 16.46 ? 66 LEU B CA  1 
ATOM 894  C C   . LEU B 1 48 ? -18.336 5.733   -3.987  1.00 15.84 ? 66 LEU B C   1 
ATOM 895  O O   . LEU B 1 48 ? -18.503 5.317   -5.134  1.00 15.01 ? 66 LEU B O   1 
ATOM 896  C CB  . LEU B 1 48 ? -20.231 6.698   -2.740  1.00 18.42 ? 66 LEU B CB  1 
ATOM 897  C CG  . LEU B 1 48 ? -21.714 6.526   -2.531  1.00 18.75 ? 66 LEU B CG  1 
ATOM 898  C CD1 . LEU B 1 48 ? -22.331 7.844   -2.151  1.00 19.30 ? 66 LEU B CD1 1 
ATOM 899  C CD2 . LEU B 1 48 ? -22.332 5.958   -3.816  1.00 19.55 ? 66 LEU B CD2 1 
ATOM 900  N N   . GLN B 1 49 ? -17.259 6.420   -3.592  1.00 13.91 ? 67 GLN B N   1 
ATOM 901  C CA  . GLN B 1 49 ? -16.163 6.740   -4.468  1.00 12.12 ? 67 GLN B CA  1 
ATOM 902  C C   . GLN B 1 49 ? -15.378 5.521   -4.865  1.00 13.45 ? 67 GLN B C   1 
ATOM 903  O O   . GLN B 1 49 ? -14.970 5.430   -6.020  1.00 16.26 ? 67 GLN B O   1 
ATOM 904  C CB  . GLN B 1 49 ? -15.267 7.748   -3.798  1.00 12.66 ? 67 GLN B CB  1 
ATOM 905  C CG  . GLN B 1 49 ? -15.926 9.090   -3.472  1.00 13.77 ? 67 GLN B CG  1 
ATOM 906  C CD  . GLN B 1 49 ? -15.013 10.300  -3.252  1.00 14.75 ? 67 GLN B CD  1 
ATOM 907  O OE1 . GLN B 1 49 ? -14.277 10.719  -4.143  1.00 16.07 ? 67 GLN B OE1 1 
ATOM 908  N NE2 . GLN B 1 49 ? -15.034 11.016  -2.140  1.00 14.53 ? 67 GLN B NE2 1 
ATOM 909  N N   . ILE B 1 50 ? -15.132 4.536   -4.008  1.00 14.48 ? 68 ILE B N   1 
ATOM 910  C CA  . ILE B 1 50 ? -14.552 3.247   -4.386  1.00 14.10 ? 68 ILE B CA  1 
ATOM 911  C C   . ILE B 1 50 ? -15.474 2.481   -5.340  1.00 13.83 ? 68 ILE B C   1 
ATOM 912  O O   . ILE B 1 50 ? -15.051 2.054   -6.417  1.00 14.54 ? 68 ILE B O   1 
ATOM 913  C CB  . ILE B 1 50 ? -14.253 2.447   -3.039  1.00 16.80 ? 68 ILE B CB  1 
ATOM 914  C CG1 . ILE B 1 50 ? -12.989 3.026   -2.427  1.00 15.14 ? 68 ILE B CG1 1 
ATOM 915  C CG2 . ILE B 1 50 ? -14.177 0.904   -3.255  1.00 15.59 ? 68 ILE B CG2 1 
ATOM 916  C CD1 . ILE B 1 50 ? -13.209 2.796   -0.940  1.00 12.35 ? 68 ILE B CD1 1 
ATOM 917  N N   . LYS B 1 51 ? -16.747 2.314   -4.983  1.00 15.09 ? 69 LYS B N   1 
ATOM 918  C CA  . LYS B 1 51 ? -17.820 1.701   -5.807  1.00 15.09 ? 69 LYS B CA  1 
ATOM 919  C C   . LYS B 1 51 ? -17.859 2.301   -7.222  1.00 14.76 ? 69 LYS B C   1 
ATOM 920  O O   . LYS B 1 51 ? -17.798 1.552   -8.194  1.00 15.06 ? 69 LYS B O   1 
ATOM 921  C CB  . LYS B 1 51 ? -19.125 1.933   -5.090  1.00 17.41 ? 69 LYS B CB  1 
ATOM 922  C CG  . LYS B 1 51 ? -20.214 0.893   -5.146  1.00 20.15 ? 69 LYS B CG  1 
ATOM 923  C CD  . LYS B 1 51 ? -20.705 0.700   -6.545  1.00 23.70 ? 69 LYS B CD  1 
ATOM 924  C CE  . LYS B 1 51 ? -21.868 -0.271  -6.577  1.00 25.95 ? 69 LYS B CE  1 
ATOM 925  N NZ  . LYS B 1 51 ? -22.976 0.269   -5.784  1.00 28.13 ? 69 LYS B NZ  1 
ATOM 926  N N   . LEU B 1 52 ? -17.947 3.624   -7.359  1.00 14.57 ? 70 LEU B N   1 
ATOM 927  C CA  . LEU B 1 52 ? -17.798 4.339   -8.608  1.00 15.24 ? 70 LEU B CA  1 
ATOM 928  C C   . LEU B 1 52 ? -16.498 4.139   -9.365  1.00 16.50 ? 70 LEU B C   1 
ATOM 929  O O   . LEU B 1 52 ? -16.490 4.011   -10.598 1.00 17.72 ? 70 LEU B O   1 
ATOM 930  C CB  . LEU B 1 52 ? -17.965 5.802   -8.345  1.00 15.40 ? 70 LEU B CB  1 
ATOM 931  C CG  . LEU B 1 52 ? -17.947 6.847   -9.444  1.00 15.97 ? 70 LEU B CG  1 
ATOM 932  C CD1 . LEU B 1 52 ? -18.992 6.582   -10.504 1.00 15.87 ? 70 LEU B CD1 1 
ATOM 933  C CD2 . LEU B 1 52 ? -18.100 8.193   -8.733  1.00 14.80 ? 70 LEU B CD2 1 
ATOM 934  N N   . SER B 1 53 ? -15.364 4.112   -8.667  1.00 17.75 ? 71 SER B N   1 
ATOM 935  C CA  . SER B 1 53 ? -14.109 3.873   -9.325  1.00 17.31 ? 71 SER B CA  1 
ATOM 936  C C   . SER B 1 53 ? -14.066 2.404   -9.776  1.00 15.89 ? 71 SER B C   1 
ATOM 937  O O   . SER B 1 53 ? -13.646 2.146   -10.912 1.00 16.05 ? 71 SER B O   1 
ATOM 938  C CB  . SER B 1 53 ? -13.020 4.277   -8.342  1.00 16.34 ? 71 SER B CB  1 
ATOM 939  O OG  . SER B 1 53 ? -11.762 4.127   -9.017  1.00 19.05 ? 71 SER B OG  1 
ATOM 940  N N   . ILE B 1 54 ? -14.543 1.384   -9.046  1.00 16.66 ? 72 ILE B N   1 
ATOM 941  C CA  . ILE B 1 54 ? -14.525 0.011   -9.607  1.00 17.36 ? 72 ILE B CA  1 
ATOM 942  C C   . ILE B 1 54 ? -15.463 -0.157  -10.805 1.00 17.05 ? 72 ILE B C   1 
ATOM 943  O O   . ILE B 1 54 ? -15.059 -0.751  -11.804 1.00 18.33 ? 72 ILE B O   1 
ATOM 944  C CB  . ILE B 1 54 ? -14.874 -1.001  -8.523  1.00 15.39 ? 72 ILE B CB  1 
ATOM 945  C CG1 . ILE B 1 54 ? -13.635 -1.168  -7.685  1.00 14.65 ? 72 ILE B CG1 1 
ATOM 946  C CG2 . ILE B 1 54 ? -15.259 -2.348  -9.076  1.00 13.35 ? 72 ILE B CG2 1 
ATOM 947  C CD1 . ILE B 1 54 ? -13.954 -1.402  -6.205  1.00 16.80 ? 72 ILE B CD1 1 
ATOM 948  N N   . ARG B 1 55 ? -16.674 0.387   -10.798 1.00 15.22 ? 73 ARG B N   1 
ATOM 949  C CA  . ARG B 1 55 ? -17.549 0.380   -11.939 1.00 15.02 ? 73 ARG B CA  1 
ATOM 950  C C   . ARG B 1 55 ? -16.881 0.861   -13.206 1.00 14.31 ? 73 ARG B C   1 
ATOM 951  O O   . ARG B 1 55 ? -16.988 0.224   -14.260 1.00 15.37 ? 73 ARG B O   1 
ATOM 952  C CB  . ARG B 1 55 ? -18.739 1.255   -11.611 1.00 17.17 ? 73 ARG B CB  1 
ATOM 953  C CG  . ARG B 1 55 ? -19.648 0.711   -10.527 1.00 17.69 ? 73 ARG B CG  1 
ATOM 954  C CD  . ARG B 1 55 ? -20.811 0.058   -11.198 1.00 19.06 ? 73 ARG B CD  1 
ATOM 955  N NE  . ARG B 1 55 ? -21.681 1.123   -11.616 1.00 20.75 ? 73 ARG B NE  1 
ATOM 956  C CZ  . ARG B 1 55 ? -22.851 1.317   -11.019 1.00 21.82 ? 73 ARG B CZ  1 
ATOM 957  N NH1 . ARG B 1 55 ? -23.275 0.511   -10.041 1.00 22.00 ? 73 ARG B NH1 1 
ATOM 958  N NH2 . ARG B 1 55 ? -23.559 2.412   -11.290 1.00 19.65 ? 73 ARG B NH2 1 
ATOM 959  N N   . ARG B 1 56 ? -16.099 1.935   -13.083 1.00 14.85 ? 74 ARG B N   1 
ATOM 960  C CA  . ARG B 1 56 ? -15.441 2.570   -14.237 1.00 16.00 ? 74 ARG B CA  1 
ATOM 961  C C   . ARG B 1 56 ? -14.146 1.894   -14.637 1.00 16.02 ? 74 ARG B C   1 
ATOM 962  O O   . ARG B 1 56 ? -13.758 1.837   -15.816 1.00 16.28 ? 74 ARG B O   1 
ATOM 963  C CB  . ARG B 1 56 ? -15.156 4.040   -13.956 1.00 16.29 ? 74 ARG B CB  1 
ATOM 964  C CG  . ARG B 1 56 ? -16.349 4.926   -13.749 1.00 17.59 ? 74 ARG B CG  1 
ATOM 965  C CD  . ARG B 1 56 ? -15.794 6.223   -13.175 1.00 20.62 ? 74 ARG B CD  1 
ATOM 966  N NE  . ARG B 1 56 ? -16.747 7.281   -13.375 1.00 20.90 ? 74 ARG B NE  1 
ATOM 967  C CZ  . ARG B 1 56 ? -16.710 8.477   -12.797 1.00 22.73 ? 74 ARG B CZ  1 
ATOM 968  N NH1 . ARG B 1 56 ? -15.771 8.856   -11.944 1.00 23.99 ? 74 ARG B NH1 1 
ATOM 969  N NH2 . ARG B 1 56 ? -17.656 9.357   -13.046 1.00 26.00 ? 74 ARG B NH2 1 
ATOM 970  N N   . LEU B 1 57 ? -13.463 1.325   -13.644 1.00 16.59 ? 75 LEU B N   1 
ATOM 971  C CA  . LEU B 1 57 ? -12.261 0.581   -13.943 1.00 15.51 ? 75 LEU B CA  1 
ATOM 972  C C   . LEU B 1 57 ? -12.635 -0.750  -14.585 1.00 14.97 ? 75 LEU B C   1 
ATOM 973  O O   . LEU B 1 57 ? -11.905 -1.237  -15.466 1.00 17.94 ? 75 LEU B O   1 
ATOM 974  C CB  . LEU B 1 57 ? -11.483 0.458   -12.635 1.00 13.16 ? 75 LEU B CB  1 
ATOM 975  C CG  . LEU B 1 57 ? -10.872 1.769   -12.099 1.00 11.62 ? 75 LEU B CG  1 
ATOM 976  C CD1 . LEU B 1 57 ? -10.248 1.495   -10.792 1.00 10.84 ? 75 LEU B CD1 1 
ATOM 977  C CD2 . LEU B 1 57 ? -9.833  2.340   -13.033 1.00 10.59 ? 75 LEU B CD2 1 
ATOM 978  N N   . LEU B 1 58 ? -13.810 -1.303  -14.264 1.00 15.01 ? 76 LEU B N   1 
ATOM 979  C CA  . LEU B 1 58 ? -14.302 -2.543  -14.855 1.00 14.85 ? 76 LEU B CA  1 
ATOM 980  C C   . LEU B 1 58 ? -14.646 -2.258  -16.282 1.00 14.52 ? 76 LEU B C   1 
ATOM 981  O O   . LEU B 1 58 ? -14.119 -2.966  -17.146 1.00 15.70 ? 76 LEU B O   1 
ATOM 982  C CB  . LEU B 1 58 ? -15.545 -3.037  -14.133 1.00 16.64 ? 76 LEU B CB  1 
ATOM 983  C CG  . LEU B 1 58 ? -15.622 -4.259  -13.180 1.00 16.98 ? 76 LEU B CG  1 
ATOM 984  C CD1 . LEU B 1 58 ? -14.271 -4.672  -12.814 1.00 19.43 ? 76 LEU B CD1 1 
ATOM 985  C CD2 . LEU B 1 58 ? -16.419 -3.939  -11.948 1.00 16.97 ? 76 LEU B CD2 1 
ATOM 986  N N   . ALA B 1 59 ? -15.452 -1.200  -16.523 1.00 14.44 ? 77 ALA B N   1 
ATOM 987  C CA  . ALA B 1 59 ? -15.810 -0.717  -17.868 1.00 13.75 ? 77 ALA B CA  1 
ATOM 988  C C   . ALA B 1 59 ? -14.683 -0.388  -18.835 1.00 12.70 ? 77 ALA B C   1 
ATOM 989  O O   . ALA B 1 59 ? -14.817 -0.660  -20.007 1.00 11.78 ? 77 ALA B O   1 
ATOM 990  C CB  . ALA B 1 59 ? -16.689 0.509   -17.750 1.00 12.59 ? 77 ALA B CB  1 
ATOM 991  N N   . ALA B 1 60 ? -13.560 0.144   -18.337 1.00 14.89 ? 78 ALA B N   1 
ATOM 992  C CA  . ALA B 1 60 ? -12.274 0.380   -19.042 1.00 15.96 ? 78 ALA B CA  1 
ATOM 993  C C   . ALA B 1 60 ? -11.362 -0.831  -19.384 1.00 15.51 ? 78 ALA B C   1 
ATOM 994  O O   . ALA B 1 60 ? -10.500 -0.856  -20.305 1.00 16.60 ? 78 ALA B O   1 
ATOM 995  C CB  . ALA B 1 60 ? -11.491 1.383   -18.186 1.00 15.06 ? 78 ALA B CB  1 
ATOM 996  N N   . GLY B 1 61 ? -11.586 -1.864  -18.573 1.00 15.77 ? 79 GLY B N   1 
ATOM 997  C CA  . GLY B 1 61 ? -10.815 -3.103  -18.643 1.00 16.39 ? 79 GLY B CA  1 
ATOM 998  C C   . GLY B 1 61 ? -9.531  -3.012  -17.832 1.00 17.70 ? 79 GLY B C   1 
ATOM 999  O O   . GLY B 1 61 ? -8.527  -3.644  -18.156 1.00 17.75 ? 79 GLY B O   1 
ATOM 1000 N N   . VAL B 1 62 ? -9.506  -2.176  -16.780 1.00 16.82 ? 80 VAL B N   1 
ATOM 1001 C CA  . VAL B 1 62 ? -8.310  -2.033  -15.992 1.00 16.49 ? 80 VAL B CA  1 
ATOM 1002 C C   . VAL B 1 62 ? -8.350  -3.151  -14.938 1.00 17.65 ? 80 VAL B C   1 
ATOM 1003 O O   . VAL B 1 62 ? -7.307  -3.778  -14.642 1.00 15.71 ? 80 VAL B O   1 
ATOM 1004 C CB  . VAL B 1 62 ? -8.283  -0.639  -15.359 1.00 16.88 ? 80 VAL B CB  1 
ATOM 1005 C CG1 . VAL B 1 62 ? -7.109  -0.576  -14.431 1.00 15.54 ? 80 VAL B CG1 1 
ATOM 1006 C CG2 . VAL B 1 62 ? -8.157  0.449   -16.418 1.00 17.12 ? 80 VAL B CG2 1 
ATOM 1007 N N   . LEU B 1 63 ? -9.542  -3.266  -14.306 1.00 17.26 ? 81 LEU B N   1 
ATOM 1008 C CA  . LEU B 1 63 ? -9.850  -4.331  -13.394 1.00 17.46 ? 81 LEU B CA  1 
ATOM 1009 C C   . LEU B 1 63 ? -10.519 -5.425  -14.254 1.00 20.51 ? 81 LEU B C   1 
ATOM 1010 O O   . LEU B 1 63 ? -11.376 -5.122  -15.105 1.00 20.20 ? 81 LEU B O   1 
ATOM 1011 C CB  . LEU B 1 63 ? -10.836 -3.904  -12.333 1.00 13.65 ? 81 LEU B CB  1 
ATOM 1012 C CG  . LEU B 1 63 ? -10.518 -2.876  -11.324 1.00 16.52 ? 81 LEU B CG  1 
ATOM 1013 C CD1 . LEU B 1 63 ? -11.476 -2.981  -10.149 1.00 11.76 ? 81 LEU B CD1 1 
ATOM 1014 C CD2 . LEU B 1 63 ? -9.136  -3.096  -10.808 1.00 14.54 ? 81 LEU B CD2 1 
ATOM 1015 N N   . LYS B 1 64 ? -10.181 -6.726  -14.141 1.00 23.42 ? 82 LYS B N   1 
ATOM 1016 C CA  . LYS B 1 64 ? -10.971 -7.777  -14.831 1.00 23.40 ? 82 LYS B CA  1 
ATOM 1017 C C   . LYS B 1 64 ? -11.694 -8.544  -13.744 1.00 22.32 ? 82 LYS B C   1 
ATOM 1018 O O   . LYS B 1 64 ? -11.290 -8.389  -12.580 1.00 24.51 ? 82 LYS B O   1 
ATOM 1019 C CB  . LYS B 1 64 ? -9.988  -8.545  -15.678 1.00 23.84 ? 82 LYS B CB  1 
ATOM 1020 C CG  . LYS B 1 64 ? -9.760  -7.451  -16.774 1.00 23.94 ? 82 LYS B CG  1 
ATOM 1021 C CD  . LYS B 1 64 ? -8.730  -7.630  -17.839 1.00 26.29 ? 82 LYS B CD  1 
ATOM 1022 C CE  . LYS B 1 64 ? -9.020  -8.790  -18.799 1.00 26.86 ? 82 LYS B CE  1 
ATOM 1023 N NZ  . LYS B 1 64 ? -7.757  -9.214  -19.408 1.00 27.65 ? 82 LYS B NZ  1 
ATOM 1024 N N   . GLN B 1 65 ? -12.859 -9.188  -13.959 1.00 22.53 ? 83 GLN B N   1 
ATOM 1025 C CA  . GLN B 1 65 ? -13.581 -9.723  -12.801 1.00 20.88 ? 83 GLN B CA  1 
ATOM 1026 C C   . GLN B 1 65 ? -13.157 -11.160 -12.534 1.00 21.57 ? 83 GLN B C   1 
ATOM 1027 O O   . GLN B 1 65 ? -12.801 -11.849 -13.491 1.00 22.86 ? 83 GLN B O   1 
ATOM 1028 C CB  . GLN B 1 65 ? -15.114 -9.666  -13.009 1.00 19.51 ? 83 GLN B CB  1 
ATOM 1029 C CG  . GLN B 1 65 ? -15.817 -9.784  -11.665 1.00 16.89 ? 83 GLN B CG  1 
ATOM 1030 C CD  . GLN B 1 65 ? -17.115 -9.019  -11.555 1.00 18.04 ? 83 GLN B CD  1 
ATOM 1031 O OE1 . GLN B 1 65 ? -17.759 -8.680  -12.556 1.00 18.83 ? 83 GLN B OE1 1 
ATOM 1032 N NE2 . GLN B 1 65 ? -17.583 -8.746  -10.348 1.00 15.72 ? 83 GLN B NE2 1 
ATOM 1033 N N   . THR B 1 66 ? -13.125 -11.571 -11.253 1.00 20.90 ? 84 THR B N   1 
ATOM 1034 C CA  . THR B 1 66 ? -12.789 -12.919 -10.890 1.00 20.08 ? 84 THR B CA  1 
ATOM 1035 C C   . THR B 1 66 ? -13.961 -13.450 -10.075 1.00 20.84 ? 84 THR B C   1 
ATOM 1036 O O   . THR B 1 66 ? -14.067 -14.645 -9.932  1.00 21.73 ? 84 THR B O   1 
ATOM 1037 C CB  . THR B 1 66 ? -11.498 -12.962 -10.085 1.00 18.55 ? 84 THR B CB  1 
ATOM 1038 O OG1 . THR B 1 66 ? -11.558 -11.952 -9.070  1.00 20.28 ? 84 THR B OG1 1 
ATOM 1039 C CG2 . THR B 1 66 ? -10.310 -12.749 -10.944 1.00 15.95 ? 84 THR B CG2 1 
ATOM 1040 N N   . LYS B 1 67 ? -14.929 -12.724 -9.527  1.00 22.58 ? 85 LYS B N   1 
ATOM 1041 C CA  . LYS B 1 67 ? -16.095 -13.288 -8.879  1.00 23.68 ? 85 LYS B CA  1 
ATOM 1042 C C   . LYS B 1 67 ? -17.157 -12.213 -8.861  1.00 25.18 ? 85 LYS B C   1 
ATOM 1043 O O   . LYS B 1 67 ? -16.829 -11.018 -8.848  1.00 26.30 ? 85 LYS B O   1 
ATOM 1044 C CB  . LYS B 1 67 ? -15.859 -13.637 -7.453  1.00 27.03 ? 85 LYS B CB  1 
ATOM 1045 C CG  . LYS B 1 67 ? -14.999 -14.873 -7.158  1.00 28.65 ? 85 LYS B CG  1 
ATOM 1046 C CD  . LYS B 1 67 ? -15.034 -15.170 -5.647  1.00 30.44 ? 85 LYS B CD  1 
ATOM 1047 C CE  . LYS B 1 67 ? -16.393 -15.679 -5.171  1.00 31.00 ? 85 LYS B CE  1 
ATOM 1048 N NZ  . LYS B 1 67 ? -16.890 -16.754 -6.051  1.00 33.16 ? 85 LYS B NZ  1 
ATOM 1049 N N   . GLY B 1 68 ? -18.445 -12.618 -8.771  1.00 26.99 ? 86 GLY B N   1 
ATOM 1050 C CA  . GLY B 1 68 ? -19.635 -11.711 -8.775  1.00 24.81 ? 86 GLY B CA  1 
ATOM 1051 C C   . GLY B 1 68 ? -19.936 -11.250 -10.212 1.00 23.28 ? 86 GLY B C   1 
ATOM 1052 O O   . GLY B 1 68 ? -19.419 -11.791 -11.188 1.00 22.10 ? 86 GLY B O   1 
ATOM 1053 N N   . VAL B 1 69 ? -20.722 -10.202 -10.338 1.00 23.98 ? 87 VAL B N   1 
ATOM 1054 C CA  . VAL B 1 69 ? -21.034 -9.560  -11.617 1.00 24.30 ? 87 VAL B CA  1 
ATOM 1055 C C   . VAL B 1 69 ? -21.236 -8.046  -11.251 1.00 25.22 ? 87 VAL B C   1 
ATOM 1056 O O   . VAL B 1 69 ? -22.202 -7.631  -10.563 1.00 23.19 ? 87 VAL B O   1 
ATOM 1057 C CB  . VAL B 1 69 ? -22.340 -10.298 -12.271 1.00 22.53 ? 87 VAL B CB  1 
ATOM 1058 C CG1 . VAL B 1 69 ? -23.559 -9.385  -12.475 1.00 19.83 ? 87 VAL B CG1 1 
ATOM 1059 C CG2 . VAL B 1 69 ? -21.874 -10.897 -13.601 1.00 19.38 ? 87 VAL B CG2 1 
ATOM 1060 N N   . GLY B 1 70 ? -20.254 -7.216  -11.706 1.00 26.67 ? 88 GLY B N   1 
ATOM 1061 C CA  . GLY B 1 70 ? -20.318 -5.782  -11.492 1.00 26.75 ? 88 GLY B CA  1 
ATOM 1062 C C   . GLY B 1 70 ? -19.479 -5.469  -10.257 1.00 28.53 ? 88 GLY B C   1 
ATOM 1063 O O   . GLY B 1 70 ? -18.736 -6.361  -9.796  1.00 27.82 ? 88 GLY B O   1 
ATOM 1064 N N   . ALA B 1 71 ? -19.635 -4.217  -9.708  1.00 29.84 ? 89 ALA B N   1 
ATOM 1065 C CA  . ALA B 1 71 ? -18.818 -3.705  -8.593  1.00 30.36 ? 89 ALA B CA  1 
ATOM 1066 C C   . ALA B 1 71 ? -18.900 -4.466  -7.250  1.00 31.34 ? 89 ALA B C   1 
ATOM 1067 O O   . ALA B 1 71 ? -18.066 -4.345  -6.309  1.00 32.08 ? 89 ALA B O   1 
ATOM 1068 C CB  . ALA B 1 71 ? -19.176 -2.272  -8.310  1.00 29.05 ? 89 ALA B CB  1 
ATOM 1069 N N   . SER B 1 72 ? -19.940 -5.289  -7.215  1.00 30.43 ? 90 SER B N   1 
ATOM 1070 C CA  . SER B 1 72 ? -20.110 -6.184  -6.109  1.00 30.22 ? 90 SER B CA  1 
ATOM 1071 C C   . SER B 1 72 ? -19.526 -7.462  -6.693  1.00 28.67 ? 90 SER B C   1 
ATOM 1072 O O   . SER B 1 72 ? -20.208 -8.148  -7.467  1.00 28.20 ? 90 SER B O   1 
ATOM 1073 C CB  . SER B 1 72 ? -21.598 -6.267  -5.874  1.00 31.68 ? 90 SER B CB  1 
ATOM 1074 O OG  . SER B 1 72 ? -22.388 -5.077  -6.197  1.00 33.69 ? 90 SER B OG  1 
ATOM 1075 N N   . GLY B 1 73 ? -18.266 -7.811  -6.370  1.00 28.19 ? 91 GLY B N   1 
ATOM 1076 C CA  . GLY B 1 73 ? -17.563 -9.023  -6.830  1.00 25.98 ? 91 GLY B CA  1 
ATOM 1077 C C   . GLY B 1 73 ? -16.141 -9.116  -6.225  1.00 24.94 ? 91 GLY B C   1 
ATOM 1078 O O   . GLY B 1 73 ? -15.925 -8.499  -5.142  1.00 23.87 ? 91 GLY B O   1 
ATOM 1079 N N   . SER B 1 74 ? -15.233 -9.909  -6.840  1.00 22.78 ? 92 SER B N   1 
ATOM 1080 C CA  . SER B 1 74 ? -13.828 -9.894  -6.465  1.00 24.28 ? 92 SER B CA  1 
ATOM 1081 C C   . SER B 1 74 ? -13.093 -9.707  -7.784  1.00 25.64 ? 92 SER B C   1 
ATOM 1082 O O   . SER B 1 74 ? -13.557 -10.300 -8.797  1.00 26.32 ? 92 SER B O   1 
ATOM 1083 C CB  . SER B 1 74 ? -13.373 -11.190 -5.854  1.00 25.13 ? 92 SER B CB  1 
ATOM 1084 O OG  . SER B 1 74 ? -14.136 -11.310 -4.638  1.00 27.14 ? 92 SER B OG  1 
ATOM 1085 N N   . PHE B 1 75 ? -12.009 -8.872  -7.843  1.00 23.15 ? 93 PHE B N   1 
ATOM 1086 C CA  . PHE B 1 75 ? -11.362 -8.471  -9.111  1.00 21.82 ? 93 PHE B CA  1 
ATOM 1087 C C   . PHE B 1 75 ? -9.874  -8.350  -8.911  1.00 21.51 ? 93 PHE B C   1 
ATOM 1088 O O   . PHE B 1 75 ? -9.385  -8.298  -7.787  1.00 21.56 ? 93 PHE B O   1 
ATOM 1089 C CB  . PHE B 1 75 ? -11.832 -7.059  -9.682  1.00 19.11 ? 93 PHE B CB  1 
ATOM 1090 C CG  . PHE B 1 75 ? -13.075 -6.516  -9.002  1.00 16.58 ? 93 PHE B CG  1 
ATOM 1091 C CD1 . PHE B 1 75 ? -12.982 -6.011  -7.713  1.00 15.42 ? 93 PHE B CD1 1 
ATOM 1092 C CD2 . PHE B 1 75 ? -14.274 -6.563  -9.659  1.00 14.17 ? 93 PHE B CD2 1 
ATOM 1093 C CE1 . PHE B 1 75 ? -14.098 -5.564  -7.073  1.00 15.14 ? 93 PHE B CE1 1 
ATOM 1094 C CE2 . PHE B 1 75 ? -15.393 -6.109  -9.009  1.00 15.87 ? 93 PHE B CE2 1 
ATOM 1095 C CZ  . PHE B 1 75 ? -15.309 -5.608  -7.723  1.00 16.15 ? 93 PHE B CZ  1 
ATOM 1096 N N   . ARG B 1 76 ? -9.164  -8.293  -10.033 1.00 20.75 ? 94 ARG B N   1 
ATOM 1097 C CA  . ARG B 1 76 ? -7.735  -8.164  -10.080 1.00 21.19 ? 94 ARG B CA  1 
ATOM 1098 C C   . ARG B 1 76 ? -7.437  -7.117  -11.174 1.00 20.81 ? 94 ARG B C   1 
ATOM 1099 O O   . ARG B 1 76 ? -8.260  -6.690  -11.992 1.00 22.17 ? 94 ARG B O   1 
ATOM 1100 C CB  . ARG B 1 76 ? -7.165  -9.547  -10.416 1.00 22.35 ? 94 ARG B CB  1 
ATOM 1101 C CG  . ARG B 1 76 ? -7.711  -10.208 -11.739 1.00 25.34 ? 94 ARG B CG  1 
ATOM 1102 C CD  . ARG B 1 76 ? -7.030  -11.544 -12.195 1.00 27.41 ? 94 ARG B CD  1 
ATOM 1103 N NE  . ARG B 1 76 ? -6.930  -12.487 -11.076 1.00 30.08 ? 94 ARG B NE  1 
ATOM 1104 C CZ  . ARG B 1 76 ? -6.348  -13.720 -11.105 1.00 30.79 ? 94 ARG B CZ  1 
ATOM 1105 N NH1 . ARG B 1 76 ? -5.767  -14.286 -12.204 1.00 28.54 ? 94 ARG B NH1 1 
ATOM 1106 N NH2 . ARG B 1 76 ? -6.302  -14.385 -9.915  1.00 30.25 ? 94 ARG B NH2 1 
ATOM 1107 N N   . LEU B 1 77 ? -6.212  -6.691  -11.250 1.00 20.48 ? 95 LEU B N   1 
ATOM 1108 C CA  . LEU B 1 77 ? -5.708  -5.748  -12.217 1.00 21.64 ? 95 LEU B CA  1 
ATOM 1109 C C   . LEU B 1 77 ? -5.425  -6.496  -13.529 1.00 23.93 ? 95 LEU B C   1 
ATOM 1110 O O   . LEU B 1 77 ? -5.075  -7.677  -13.553 1.00 25.32 ? 95 LEU B O   1 
ATOM 1111 C CB  . LEU B 1 77 ? -4.432  -5.144  -11.609 1.00 19.44 ? 95 LEU B CB  1 
ATOM 1112 C CG  . LEU B 1 77 ? -4.450  -3.936  -10.701 1.00 17.81 ? 95 LEU B CG  1 
ATOM 1113 C CD1 . LEU B 1 77 ? -3.421  -4.103  -9.617  1.00 16.30 ? 95 LEU B CD1 1 
ATOM 1114 C CD2 . LEU B 1 77 ? -4.199  -2.678  -11.533 1.00 15.64 ? 95 LEU B CD2 1 
ATOM 1115 N N   . ALA B 1 78 ? -5.591  -5.878  -14.669 1.00 25.89 ? 96 ALA B N   1 
ATOM 1116 C CA  . ALA B 1 78 ? -5.224  -6.469  -15.942 1.00 27.13 ? 96 ALA B CA  1 
ATOM 1117 C C   . ALA B 1 78 ? -3.725  -6.219  -16.067 1.00 28.68 ? 96 ALA B C   1 
ATOM 1118 O O   . ALA B 1 78 ? -3.183  -5.305  -15.411 1.00 29.72 ? 96 ALA B O   1 
ATOM 1119 C CB  . ALA B 1 78 ? -5.964  -5.754  -17.074 1.00 27.86 ? 96 ALA B CB  1 
ATOM 1120 N N   . LYS B 1 79 ? -3.028  -6.922  -16.968 1.00 29.60 ? 97 LYS B N   1 
ATOM 1121 C CA  . LYS B 1 79 ? -1.551  -6.897  -16.949 1.00 31.00 ? 97 LYS B CA  1 
ATOM 1122 C C   . LYS B 1 79 ? -0.817  -7.128  -18.288 1.00 32.31 ? 97 LYS B C   1 
ATOM 1123 O O   . LYS B 1 79 ? 0.109   -6.357  -18.636 1.00 31.09 ? 97 LYS B O   1 
ATOM 1124 C CB  . LYS B 1 79 ? -1.057  -7.950  -15.874 1.00 31.28 ? 97 LYS B CB  1 
ATOM 1125 C CG  . LYS B 1 79 ? -1.905  -9.231  -15.549 1.00 29.55 ? 97 LYS B CG  1 
ATOM 1126 C CD  . LYS B 1 79 ? -1.453  -10.061 -14.309 1.00 27.43 ? 97 LYS B CD  1 
ATOM 1127 C CE  . LYS B 1 79 ? -2.651  -10.355 -13.384 1.00 25.59 ? 97 LYS B CE  1 
ATOM 1128 N NZ  . LYS B 1 79 ? -3.067  -9.202  -12.566 1.00 22.23 ? 97 LYS B NZ  1 
# 
